data_5SJT
#
_entry.id   5SJT
#
_cell.length_a   134.640
_cell.length_b   134.640
_cell.length_c   235.000
_cell.angle_alpha   90.000
_cell.angle_beta   90.000
_cell.angle_gamma   120.000
#
_symmetry.space_group_name_H-M   'H 3'
#
loop_
_entity.id
_entity.type
_entity.pdbx_description
1 polymer "cAMP and cAMP-inhibited cGMP 3',5'-cyclic phosphodiesterase 10A"
2 non-polymer 'ZINC ION'
3 non-polymer 'MAGNESIUM ION'
4 non-polymer 'CHLORIDE ION'
5 non-polymer N~4~,N~4~,1-trimethyl-N~5~-[(4R)-2-phenylimidazo[1,2-a]pyridin-7-yl]-1H-pyrazole-4,5-dicarboxamide
6 non-polymer 'PRASEODYMIUM ION'
7 non-polymer GLYCEROL
8 water water
#
_entity_poly.entity_id   1
_entity_poly.type   'polypeptide(L)'
_entity_poly.pdbx_seq_one_letter_code
;GSSICTSEEWQGLMQFTLPVRLCKEIELFHFDIGPFENMWPGIFVYMVHRSCGTSCFELEKL(CME)RFIMSVKKNYRRV
PYHNWKHAVTVAHCMYAILQNNHTLFTDLERKGLLIACLCHDLDHRGFSNSYLQKFDHPLAALYSTSTMEQHHFSQTVSI
LQLEGHNIFSTLSSSEYEQVLEIIRKAIIATDLALYFGNRKQLEEMYQTGSLNLNNQSHRDRVIGLMMTACDLCSVTKLW
PVTKLTANDIYAEFWAEGDEMKKLGIQPIPMMDRDKKDEVPQGQLGFYNAVAIPCYTTLTQILPPTEPLLKACRDNLSQW
EKVIRGEETATWISSPSVAQKAAASED
;
_entity_poly.pdbx_strand_id   A,B,C,D
#
loop_
_chem_comp.id
_chem_comp.type
_chem_comp.name
_chem_comp.formula
CL non-polymer 'CHLORIDE ION' 'Cl -1'
GOL non-polymer GLYCEROL 'C3 H8 O3'
K5F non-polymer N~4~,N~4~,1-trimethyl-N~5~-[(4R)-2-phenylimidazo[1,2-a]pyridin-7-yl]-1H-pyrazole-4,5-dicarboxamide 'C21 H20 N6 O2'
MG non-polymer 'MAGNESIUM ION' 'Mg 2'
PR non-polymer 'PRASEODYMIUM ION' 'Pr 3'
ZN non-polymer 'ZINC ION' 'Zn 2'
#
# COMPACT_ATOMS: atom_id res chain seq x y z
N GLY A 12 -25.39 -40.09 -4.92
CA GLY A 12 -25.37 -40.83 -6.23
C GLY A 12 -25.97 -40.01 -7.36
N LEU A 13 -27.22 -39.56 -7.19
CA LEU A 13 -27.97 -38.81 -8.25
C LEU A 13 -27.60 -37.32 -8.31
N MET A 14 -26.46 -36.93 -7.73
CA MET A 14 -26.00 -35.52 -7.72
C MET A 14 -25.05 -35.34 -8.90
N GLN A 15 -25.59 -35.01 -10.07
CA GLN A 15 -24.76 -34.77 -11.28
C GLN A 15 -24.28 -33.33 -11.24
N PHE A 16 -23.01 -33.12 -11.57
CA PHE A 16 -22.46 -31.76 -11.76
C PHE A 16 -22.95 -31.21 -13.09
N THR A 17 -23.40 -29.97 -13.10
CA THR A 17 -23.85 -29.30 -14.34
C THR A 17 -23.01 -28.03 -14.55
N LEU A 18 -22.79 -27.69 -15.81
CA LEU A 18 -22.05 -26.46 -16.14
C LEU A 18 -23.06 -25.53 -16.78
N PRO A 19 -22.85 -24.19 -16.72
CA PRO A 19 -23.61 -23.28 -17.55
C PRO A 19 -23.48 -23.66 -19.03
N VAL A 20 -24.56 -23.39 -19.76
CA VAL A 20 -24.72 -23.81 -21.19
C VAL A 20 -23.41 -23.59 -22.00
N ARG A 21 -22.79 -22.42 -21.98
CA ARG A 21 -21.63 -22.18 -22.86
C ARG A 21 -20.52 -23.21 -22.55
N LEU A 22 -20.27 -23.49 -21.27
CA LEU A 22 -19.18 -24.39 -20.83
C LEU A 22 -19.56 -25.85 -21.14
N CYS A 23 -20.78 -26.22 -20.80
CA CYS A 23 -21.37 -27.54 -21.14
C CYS A 23 -21.10 -27.92 -22.59
N LYS A 24 -21.23 -26.98 -23.51
CA LYS A 24 -21.03 -27.24 -24.96
C LYS A 24 -19.57 -27.16 -25.39
N GLU A 25 -18.88 -26.09 -24.98
CA GLU A 25 -17.46 -25.85 -25.34
C GLU A 25 -16.50 -26.80 -24.60
N ILE A 26 -16.82 -27.26 -23.40
CA ILE A 26 -15.95 -28.25 -22.69
C ILE A 26 -15.71 -29.50 -23.56
N GLU A 27 -16.62 -29.82 -24.48
CA GLU A 27 -16.50 -31.02 -25.34
C GLU A 27 -15.48 -30.80 -26.44
N LEU A 28 -15.13 -29.54 -26.76
CA LEU A 28 -14.20 -29.22 -27.86
C LEU A 28 -12.76 -29.22 -27.37
N PHE A 29 -11.85 -29.65 -28.23
CA PHE A 29 -10.42 -29.75 -27.91
C PHE A 29 -9.86 -28.39 -27.43
N HIS A 30 -10.25 -27.29 -28.05
CA HIS A 30 -9.65 -25.95 -27.78
C HIS A 30 -10.30 -25.19 -26.63
N PHE A 31 -11.21 -25.78 -25.87
CA PHE A 31 -11.78 -25.21 -24.62
C PHE A 31 -10.66 -24.68 -23.72
N ASP A 32 -10.80 -23.44 -23.26
CA ASP A 32 -9.98 -22.86 -22.19
C ASP A 32 -10.83 -22.92 -20.93
N ILE A 33 -10.29 -23.43 -19.82
CA ILE A 33 -11.07 -23.58 -18.56
C ILE A 33 -11.46 -22.27 -17.83
N GLY A 34 -11.00 -21.12 -18.27
CA GLY A 34 -11.41 -19.83 -17.66
C GLY A 34 -10.54 -19.38 -16.49
N PRO A 35 -10.67 -18.08 -16.12
CA PRO A 35 -9.88 -17.49 -15.03
C PRO A 35 -10.48 -17.65 -13.60
N PHE A 36 -11.60 -18.32 -13.45
CA PHE A 36 -12.25 -18.58 -12.14
C PHE A 36 -11.77 -19.90 -11.51
N GLU A 37 -10.74 -19.80 -10.66
CA GLU A 37 -10.09 -20.91 -9.94
C GLU A 37 -11.09 -21.87 -9.33
N ASN A 38 -12.06 -21.35 -8.59
CA ASN A 38 -13.02 -22.14 -7.78
C ASN A 38 -14.03 -22.91 -8.66
N MET A 39 -14.13 -22.60 -9.95
CA MET A 39 -14.92 -23.47 -10.84
C MET A 39 -14.09 -24.70 -11.33
N TRP A 40 -12.75 -24.71 -11.22
CA TRP A 40 -11.92 -25.78 -11.85
C TRP A 40 -12.17 -27.17 -11.26
N PRO A 41 -12.37 -27.33 -9.93
CA PRO A 41 -12.63 -28.64 -9.37
C PRO A 41 -13.94 -29.21 -9.90
N GLY A 42 -14.99 -28.39 -9.88
CA GLY A 42 -16.28 -28.67 -10.53
C GLY A 42 -16.10 -29.16 -11.95
N ILE A 43 -15.32 -28.41 -12.74
CA ILE A 43 -15.09 -28.76 -14.17
C ILE A 43 -14.41 -30.15 -14.22
N PHE A 44 -13.47 -30.44 -13.34
CA PHE A 44 -12.77 -31.78 -13.34
C PHE A 44 -13.74 -32.88 -13.02
N VAL A 45 -14.53 -32.74 -11.96
CA VAL A 45 -15.52 -33.76 -11.56
C VAL A 45 -16.51 -33.99 -12.71
N TYR A 46 -17.00 -32.92 -13.29
CA TYR A 46 -17.91 -32.98 -14.46
C TYR A 46 -17.34 -33.93 -15.50
N MET A 47 -16.05 -33.74 -15.81
CA MET A 47 -15.33 -34.53 -16.83
C MET A 47 -15.20 -36.00 -16.41
N VAL A 48 -14.84 -36.29 -15.17
CA VAL A 48 -14.77 -37.66 -14.64
C VAL A 48 -16.16 -38.32 -14.79
N HIS A 49 -17.21 -37.64 -14.36
CA HIS A 49 -18.56 -38.24 -14.34
C HIS A 49 -18.97 -38.58 -15.76
N ARG A 50 -18.62 -37.73 -16.72
CA ARG A 50 -19.04 -37.93 -18.12
C ARG A 50 -18.12 -38.94 -18.81
N SER A 51 -16.84 -38.95 -18.46
CA SER A 51 -15.80 -39.74 -19.16
C SER A 51 -15.74 -41.18 -18.64
N CYS A 52 -16.22 -41.37 -17.41
CA CYS A 52 -15.95 -42.58 -16.62
C CYS A 52 -17.25 -43.09 -16.02
N GLY A 53 -18.03 -42.20 -15.44
CA GLY A 53 -19.33 -42.52 -14.85
C GLY A 53 -19.39 -41.90 -13.49
N THR A 54 -20.59 -41.78 -12.93
CA THR A 54 -20.79 -41.21 -11.58
C THR A 54 -20.45 -42.23 -10.48
N SER A 55 -20.29 -43.50 -10.84
CA SER A 55 -19.94 -44.60 -9.89
C SER A 55 -18.44 -44.67 -9.64
N CYS A 56 -17.59 -44.38 -10.61
CA CYS A 56 -16.17 -44.80 -10.58
C CYS A 56 -15.49 -44.31 -9.28
N PHE A 57 -15.81 -43.12 -8.79
CA PHE A 57 -15.22 -42.57 -7.55
C PHE A 57 -16.33 -42.20 -6.58
N GLU A 58 -16.08 -42.40 -5.29
CA GLU A 58 -16.95 -41.81 -4.24
C GLU A 58 -16.69 -40.29 -4.18
N LEU A 59 -17.73 -39.48 -4.29
CA LEU A 59 -17.58 -38.01 -4.45
C LEU A 59 -16.81 -37.40 -3.27
N GLU A 60 -17.19 -37.75 -2.04
CA GLU A 60 -16.49 -37.27 -0.82
C GLU A 60 -14.98 -37.55 -0.96
N LYS A 61 -14.59 -38.77 -1.33
CA LYS A 61 -13.15 -39.09 -1.52
C LYS A 61 -12.58 -38.31 -2.72
N LEU A 62 -13.30 -38.24 -3.82
CA LEU A 62 -12.76 -37.62 -5.04
C LEU A 62 -12.56 -36.11 -4.77
N CME A 63 -13.51 -35.45 -4.11
CA CME A 63 -13.40 -33.98 -3.80
CB CME A 63 -14.67 -33.44 -3.22
SG CME A 63 -15.85 -33.10 -4.54
SD CME A 63 -14.76 -31.78 -5.68
CE CME A 63 -15.45 -30.14 -5.35
CZ CME A 63 -16.27 -29.69 -6.53
OH CME A 63 -16.66 -28.32 -6.40
C CME A 63 -12.23 -33.71 -2.87
O CME A 63 -11.54 -32.70 -3.00
N ARG A 64 -12.01 -34.62 -1.96
CA ARG A 64 -10.92 -34.44 -1.00
C ARG A 64 -9.57 -34.66 -1.71
N PHE A 65 -9.49 -35.63 -2.60
CA PHE A 65 -8.28 -35.87 -3.42
C PHE A 65 -7.97 -34.62 -4.29
N ILE A 66 -8.97 -34.07 -4.97
CA ILE A 66 -8.79 -32.90 -5.89
C ILE A 66 -8.21 -31.75 -5.07
N MET A 67 -8.82 -31.48 -3.91
CA MET A 67 -8.39 -30.34 -3.08
C MET A 67 -7.00 -30.52 -2.47
N SER A 68 -6.61 -31.75 -2.17
CA SER A 68 -5.22 -32.06 -1.73
C SER A 68 -4.25 -31.92 -2.89
N VAL A 69 -4.64 -32.36 -4.07
CA VAL A 69 -3.80 -32.23 -5.29
C VAL A 69 -3.57 -30.74 -5.52
N LYS A 70 -4.65 -29.96 -5.51
CA LYS A 70 -4.61 -28.50 -5.71
C LYS A 70 -3.64 -27.89 -4.69
N LYS A 71 -3.80 -28.19 -3.40
CA LYS A 71 -2.88 -27.69 -2.34
C LYS A 71 -1.42 -27.97 -2.68
N ASN A 72 -1.08 -29.06 -3.35
CA ASN A 72 0.32 -29.44 -3.63
C ASN A 72 0.88 -28.98 -4.98
N TYR A 73 0.16 -28.17 -5.73
CA TYR A 73 0.72 -27.45 -6.88
C TYR A 73 1.13 -26.08 -6.32
N ARG A 74 2.18 -25.50 -6.88
CA ARG A 74 2.79 -24.31 -6.29
C ARG A 74 2.32 -23.12 -7.09
N ARG A 75 2.50 -21.94 -6.53
CA ARG A 75 2.07 -20.70 -7.20
C ARG A 75 3.20 -20.26 -8.13
N VAL A 76 3.32 -20.96 -9.23
CA VAL A 76 4.35 -20.69 -10.23
C VAL A 76 3.59 -20.23 -11.48
N PRO A 77 4.27 -19.59 -12.45
CA PRO A 77 3.60 -19.00 -13.61
C PRO A 77 2.91 -19.96 -14.55
N TYR A 78 3.49 -21.12 -14.76
CA TYR A 78 2.95 -22.02 -15.79
C TYR A 78 2.61 -23.36 -15.21
N HIS A 79 3.58 -23.98 -14.52
CA HIS A 79 3.44 -25.36 -14.01
C HIS A 79 2.60 -25.34 -12.74
N ASN A 80 1.33 -25.00 -12.87
CA ASN A 80 0.44 -24.66 -11.73
C ASN A 80 -0.84 -25.47 -11.84
N TRP A 81 -1.71 -25.27 -10.86
CA TRP A 81 -3.01 -25.95 -10.80
C TRP A 81 -3.78 -25.75 -12.11
N LYS A 82 -3.78 -24.57 -12.67
CA LYS A 82 -4.48 -24.34 -13.97
C LYS A 82 -3.93 -25.29 -15.05
N HIS A 83 -2.62 -25.47 -15.13
CA HIS A 83 -1.99 -26.40 -16.11
C HIS A 83 -2.52 -27.81 -15.88
N ALA A 84 -2.57 -28.24 -14.63
CA ALA A 84 -3.07 -29.59 -14.28
C ALA A 84 -4.46 -29.78 -14.89
N VAL A 85 -5.34 -28.84 -14.65
CA VAL A 85 -6.76 -29.01 -15.01
C VAL A 85 -6.85 -28.93 -16.52
N THR A 86 -6.07 -28.04 -17.09
CA THR A 86 -6.04 -27.85 -18.57
C THR A 86 -5.59 -29.16 -19.23
N VAL A 87 -4.50 -29.76 -18.73
CA VAL A 87 -3.95 -31.00 -19.36
C VAL A 87 -4.98 -32.09 -19.21
N ALA A 88 -5.71 -32.12 -18.07
CA ALA A 88 -6.78 -33.10 -17.85
C ALA A 88 -7.92 -32.92 -18.86
N HIS A 89 -8.27 -31.68 -19.13
CA HIS A 89 -9.34 -31.40 -20.08
C HIS A 89 -8.99 -31.87 -21.51
N CYS A 90 -7.77 -31.69 -21.95
CA CYS A 90 -7.39 -32.17 -23.27
C CYS A 90 -7.54 -33.70 -23.31
N MET A 91 -7.13 -34.41 -22.24
CA MET A 91 -7.23 -35.88 -22.22
C MET A 91 -8.73 -36.27 -22.21
N TYR A 92 -9.52 -35.52 -21.47
CA TYR A 92 -10.99 -35.74 -21.42
C TYR A 92 -11.53 -35.73 -22.85
N ALA A 93 -11.10 -34.78 -23.68
CA ALA A 93 -11.56 -34.59 -25.08
C ALA A 93 -11.09 -35.73 -26.00
N ILE A 94 -9.92 -36.25 -25.71
CA ILE A 94 -9.40 -37.41 -26.50
C ILE A 94 -10.20 -38.65 -26.12
N LEU A 95 -10.32 -38.90 -24.82
CA LEU A 95 -11.11 -40.04 -24.33
C LEU A 95 -12.52 -39.99 -24.92
N GLN A 96 -13.13 -38.82 -24.97
CA GLN A 96 -14.55 -38.68 -25.31
C GLN A 96 -14.73 -38.71 -26.82
N ASN A 97 -13.68 -38.45 -27.59
CA ASN A 97 -13.73 -38.64 -29.06
C ASN A 97 -13.26 -40.05 -29.48
N ASN A 98 -12.81 -40.88 -28.53
CA ASN A 98 -12.25 -42.23 -28.82
C ASN A 98 -12.86 -43.18 -27.79
N HIS A 99 -14.17 -43.09 -27.64
CA HIS A 99 -14.94 -43.80 -26.60
C HIS A 99 -14.56 -45.29 -26.55
N THR A 100 -14.62 -45.98 -27.68
CA THR A 100 -14.55 -47.46 -27.68
C THR A 100 -13.14 -47.96 -27.51
N LEU A 101 -12.12 -47.12 -27.66
CA LEU A 101 -10.74 -47.63 -27.71
C LEU A 101 -10.16 -47.87 -26.32
N PHE A 102 -10.77 -47.36 -25.26
CA PHE A 102 -10.07 -47.39 -23.95
C PHE A 102 -10.84 -48.17 -22.93
N THR A 103 -10.10 -48.84 -22.05
CA THR A 103 -10.69 -49.70 -21.00
C THR A 103 -11.27 -48.84 -19.88
N ASP A 104 -11.89 -49.48 -18.89
CA ASP A 104 -12.52 -48.77 -17.75
C ASP A 104 -11.41 -48.20 -16.86
N LEU A 105 -10.34 -48.97 -16.66
CA LEU A 105 -9.26 -48.55 -15.75
C LEU A 105 -8.51 -47.37 -16.40
N GLU A 106 -8.55 -47.29 -17.73
CA GLU A 106 -7.68 -46.37 -18.48
C GLU A 106 -8.26 -44.98 -18.39
N ARG A 107 -9.58 -44.91 -18.48
CA ARG A 107 -10.34 -43.66 -18.40
C ARG A 107 -10.18 -43.09 -16.99
N LYS A 108 -10.29 -43.92 -15.96
CA LYS A 108 -10.11 -43.55 -14.52
C LYS A 108 -8.68 -43.02 -14.30
N GLY A 109 -7.70 -43.80 -14.70
CA GLY A 109 -6.29 -43.54 -14.37
C GLY A 109 -5.76 -42.29 -15.08
N LEU A 110 -6.17 -42.07 -16.33
CA LEU A 110 -5.56 -41.06 -17.18
C LEU A 110 -6.03 -39.64 -16.80
N LEU A 111 -7.29 -39.47 -16.45
CA LEU A 111 -7.77 -38.16 -15.97
C LEU A 111 -7.02 -37.86 -14.69
N ILE A 112 -6.72 -38.89 -13.91
CA ILE A 112 -6.07 -38.66 -12.60
C ILE A 112 -4.60 -38.44 -12.87
N ALA A 113 -4.00 -39.24 -13.74
CA ALA A 113 -2.59 -39.00 -14.07
C ALA A 113 -2.42 -37.54 -14.50
N CYS A 114 -3.26 -37.06 -15.39
CA CYS A 114 -3.13 -35.71 -15.97
C CYS A 114 -3.24 -34.63 -14.89
N LEU A 115 -4.21 -34.80 -14.01
CA LEU A 115 -4.37 -33.86 -12.90
C LEU A 115 -3.13 -33.86 -12.01
N CYS A 116 -2.48 -35.00 -11.87
CA CYS A 116 -1.36 -35.11 -10.90
C CYS A 116 0.01 -34.98 -11.57
N HIS A 117 0.07 -34.82 -12.90
CA HIS A 117 1.33 -35.09 -13.67
C HIS A 117 2.43 -34.08 -13.42
N ASP A 118 2.12 -32.94 -12.78
CA ASP A 118 3.15 -31.93 -12.43
C ASP A 118 3.11 -31.57 -10.92
N LEU A 119 2.59 -32.45 -10.10
CA LEU A 119 2.47 -32.22 -8.64
C LEU A 119 3.77 -31.69 -8.03
N ASP A 120 3.65 -30.57 -7.34
CA ASP A 120 4.77 -29.93 -6.62
C ASP A 120 5.91 -29.53 -7.53
N HIS A 121 5.58 -29.11 -8.73
CA HIS A 121 6.57 -28.54 -9.65
C HIS A 121 7.06 -27.22 -9.07
N ARG A 122 8.36 -26.93 -9.23
CA ARG A 122 8.96 -25.68 -8.69
CA ARG A 122 8.93 -25.68 -8.68
C ARG A 122 9.19 -24.68 -9.81
N GLY A 123 8.92 -25.05 -11.06
CA GLY A 123 9.05 -24.19 -12.25
C GLY A 123 10.44 -24.31 -12.89
N PHE A 124 11.16 -25.39 -12.61
CA PHE A 124 12.52 -25.59 -13.12
C PHE A 124 12.60 -26.90 -13.88
N SER A 125 13.49 -26.95 -14.86
CA SER A 125 13.76 -28.17 -15.65
C SER A 125 14.56 -29.21 -14.86
N ASN A 126 14.45 -30.45 -15.30
CA ASN A 126 15.31 -31.55 -14.82
C ASN A 126 16.78 -31.13 -14.94
N SER A 127 17.17 -30.55 -16.08
CA SER A 127 18.55 -30.03 -16.28
C SER A 127 18.98 -29.15 -15.13
N TYR A 128 18.14 -28.21 -14.70
CA TYR A 128 18.58 -27.24 -13.67
C TYR A 128 18.74 -27.94 -12.31
N LEU A 129 17.77 -28.78 -11.93
CA LEU A 129 17.85 -29.62 -10.72
C LEU A 129 19.20 -30.33 -10.66
N GLN A 130 19.68 -30.85 -11.80
CA GLN A 130 20.99 -31.55 -11.92
C GLN A 130 22.18 -30.60 -11.78
N LYS A 131 22.14 -29.47 -12.46
CA LYS A 131 23.27 -28.49 -12.34
C LYS A 131 23.31 -27.83 -10.98
N PHE A 132 22.16 -27.67 -10.32
CA PHE A 132 22.10 -27.15 -8.94
C PHE A 132 22.63 -28.20 -7.97
N ASP A 133 22.50 -29.49 -8.29
CA ASP A 133 22.75 -30.62 -7.37
C ASP A 133 21.64 -30.67 -6.32
N HIS A 134 20.38 -30.45 -6.73
CA HIS A 134 19.20 -30.65 -5.84
C HIS A 134 19.13 -32.10 -5.37
N PRO A 135 18.72 -32.38 -4.11
CA PRO A 135 18.59 -33.76 -3.62
C PRO A 135 17.73 -34.67 -4.51
N LEU A 136 16.65 -34.16 -5.07
CA LEU A 136 15.81 -34.97 -6.02
C LEU A 136 16.62 -35.49 -7.22
N ALA A 137 17.61 -34.76 -7.66
CA ALA A 137 18.51 -35.23 -8.75
C ALA A 137 19.32 -36.45 -8.30
N ALA A 138 19.49 -36.66 -6.98
CA ALA A 138 20.29 -37.78 -6.42
C ALA A 138 19.41 -38.99 -6.23
N LEU A 139 18.17 -38.75 -5.83
CA LEU A 139 17.17 -39.80 -5.65
C LEU A 139 16.69 -40.33 -7.02
N TYR A 140 16.58 -39.46 -8.04
CA TYR A 140 15.96 -39.85 -9.33
C TYR A 140 16.79 -39.32 -10.49
N SER A 141 17.67 -40.17 -11.03
CA SER A 141 18.79 -39.68 -11.86
C SER A 141 18.25 -39.28 -13.24
N THR A 142 17.24 -39.99 -13.75
CA THR A 142 16.56 -39.59 -15.01
C THR A 142 15.10 -39.30 -14.72
N SER A 143 14.51 -38.48 -15.56
CA SER A 143 13.08 -38.11 -15.43
C SER A 143 12.84 -37.60 -13.98
N THR A 144 13.73 -36.72 -13.49
CA THR A 144 13.83 -36.38 -12.03
C THR A 144 12.45 -35.86 -11.53
N MET A 145 11.95 -34.77 -12.13
CA MET A 145 10.72 -34.11 -11.64
C MET A 145 9.55 -35.07 -11.83
N GLU A 146 9.58 -35.87 -12.90
CA GLU A 146 8.43 -36.77 -13.20
C GLU A 146 8.33 -37.91 -12.16
N GLN A 147 9.44 -38.41 -11.71
CA GLN A 147 9.40 -39.48 -10.68
C GLN A 147 8.90 -38.86 -9.38
N HIS A 148 9.27 -37.61 -9.14
CA HIS A 148 8.78 -36.82 -8.00
C HIS A 148 7.27 -36.65 -8.13
N HIS A 149 6.75 -36.38 -9.34
CA HIS A 149 5.31 -36.13 -9.50
C HIS A 149 4.52 -37.37 -9.12
N PHE A 150 4.95 -38.50 -9.65
CA PHE A 150 4.33 -39.77 -9.27
C PHE A 150 4.43 -40.02 -7.74
N SER A 151 5.57 -39.80 -7.13
CA SER A 151 5.78 -40.05 -5.67
C SER A 151 4.78 -39.22 -4.89
N GLN A 152 4.57 -37.98 -5.31
CA GLN A 152 3.56 -37.11 -4.69
C GLN A 152 2.17 -37.71 -4.91
N THR A 153 1.91 -38.24 -6.09
CA THR A 153 0.58 -38.75 -6.40
C THR A 153 0.24 -39.91 -5.46
N VAL A 154 1.16 -40.84 -5.31
CA VAL A 154 1.00 -41.99 -4.36
C VAL A 154 0.84 -41.46 -2.93
N SER A 155 1.63 -40.50 -2.51
CA SER A 155 1.54 -40.03 -1.10
C SER A 155 0.15 -39.44 -0.83
N ILE A 156 -0.45 -38.84 -1.85
CA ILE A 156 -1.77 -38.16 -1.66
C ILE A 156 -2.87 -39.22 -1.63
N LEU A 157 -2.76 -40.25 -2.47
CA LEU A 157 -3.72 -41.39 -2.45
C LEU A 157 -3.72 -42.09 -1.10
N GLN A 158 -2.60 -42.06 -0.38
CA GLN A 158 -2.47 -42.76 0.92
C GLN A 158 -2.88 -41.89 2.10
N LEU A 159 -3.17 -40.61 1.90
CA LEU A 159 -3.77 -39.79 2.98
C LEU A 159 -5.12 -40.41 3.35
N GLU A 160 -5.46 -40.39 4.63
CA GLU A 160 -6.78 -40.95 5.08
C GLU A 160 -7.92 -40.33 4.31
N GLY A 161 -8.80 -41.18 3.79
CA GLY A 161 -10.02 -40.80 3.06
C GLY A 161 -9.73 -40.24 1.68
N HIS A 162 -8.58 -40.54 1.10
CA HIS A 162 -8.15 -39.94 -0.19
C HIS A 162 -8.07 -41.04 -1.23
N ASN A 163 -8.29 -42.30 -0.85
CA ASN A 163 -8.03 -43.42 -1.78
C ASN A 163 -9.25 -43.62 -2.67
N ILE A 164 -9.33 -42.79 -3.69
CA ILE A 164 -10.40 -42.85 -4.74
C ILE A 164 -10.43 -44.23 -5.43
N PHE A 165 -9.41 -45.07 -5.28
CA PHE A 165 -9.35 -46.39 -5.96
C PHE A 165 -9.68 -47.54 -4.99
N SER A 166 -10.10 -47.20 -3.78
CA SER A 166 -10.16 -48.13 -2.63
C SER A 166 -10.90 -49.41 -3.04
N THR A 167 -12.00 -49.28 -3.78
CA THR A 167 -12.88 -50.40 -4.17
C THR A 167 -12.29 -51.27 -5.30
N LEU A 168 -11.21 -50.85 -5.95
CA LEU A 168 -10.56 -51.73 -6.95
C LEU A 168 -9.97 -52.94 -6.21
N SER A 169 -9.92 -54.07 -6.89
CA SER A 169 -9.20 -55.29 -6.44
C SER A 169 -7.69 -55.04 -6.49
N SER A 170 -6.89 -55.90 -5.85
CA SER A 170 -5.42 -55.77 -5.74
C SER A 170 -4.81 -55.69 -7.14
N SER A 171 -5.44 -56.36 -8.11
CA SER A 171 -4.88 -56.48 -9.49
C SER A 171 -5.34 -55.25 -10.28
N GLU A 172 -6.58 -54.85 -10.10
CA GLU A 172 -7.14 -53.64 -10.76
C GLU A 172 -6.47 -52.38 -10.23
N TYR A 173 -6.13 -52.37 -8.94
CA TYR A 173 -5.46 -51.27 -8.22
C TYR A 173 -4.02 -51.17 -8.74
N GLU A 174 -3.30 -52.29 -8.78
CA GLU A 174 -1.92 -52.32 -9.29
C GLU A 174 -1.94 -51.90 -10.76
N GLN A 175 -2.98 -52.23 -11.49
CA GLN A 175 -3.01 -51.92 -12.94
C GLN A 175 -3.12 -50.40 -13.12
N VAL A 176 -4.04 -49.78 -12.38
CA VAL A 176 -4.31 -48.33 -12.51
C VAL A 176 -3.06 -47.55 -12.07
N LEU A 177 -2.46 -47.86 -10.91
CA LEU A 177 -1.26 -47.16 -10.44
C LEU A 177 -0.17 -47.26 -11.50
N GLU A 178 -0.11 -48.39 -12.21
CA GLU A 178 0.90 -48.62 -13.27
C GLU A 178 0.59 -47.75 -14.51
N ILE A 179 -0.65 -47.65 -14.90
CA ILE A 179 -1.11 -46.72 -15.96
C ILE A 179 -0.69 -45.29 -15.59
N ILE A 180 -1.01 -44.89 -14.35
CA ILE A 180 -0.68 -43.53 -13.83
C ILE A 180 0.84 -43.31 -13.88
N ARG A 181 1.64 -44.26 -13.43
CA ARG A 181 3.11 -44.07 -13.33
C ARG A 181 3.67 -43.87 -14.74
N LYS A 182 3.38 -44.81 -15.63
CA LYS A 182 3.84 -44.74 -17.04
C LYS A 182 3.40 -43.45 -17.70
N ALA A 183 2.14 -43.09 -17.49
CA ALA A 183 1.53 -41.87 -18.04
C ALA A 183 2.33 -40.65 -17.58
N ILE A 184 2.65 -40.58 -16.30
CA ILE A 184 3.33 -39.41 -15.73
C ILE A 184 4.79 -39.37 -16.18
N ILE A 185 5.48 -40.49 -16.19
CA ILE A 185 6.89 -40.58 -16.66
C ILE A 185 6.97 -40.13 -18.12
N ALA A 186 5.99 -40.49 -18.94
CA ALA A 186 5.97 -40.08 -20.36
C ALA A 186 5.93 -38.55 -20.55
N THR A 187 5.47 -37.79 -19.57
CA THR A 187 5.44 -36.32 -19.72
C THR A 187 6.86 -35.75 -19.70
N ASP A 188 7.84 -36.59 -19.43
CA ASP A 188 9.27 -36.21 -19.60
C ASP A 188 9.53 -36.08 -21.10
N LEU A 189 9.57 -34.85 -21.59
CA LEU A 189 9.74 -34.54 -23.03
C LEU A 189 11.03 -35.15 -23.58
N ALA A 190 12.03 -35.38 -22.74
CA ALA A 190 13.27 -36.05 -23.19
C ALA A 190 12.94 -37.47 -23.70
N LEU A 191 11.85 -38.08 -23.22
CA LEU A 191 11.43 -39.45 -23.60
C LEU A 191 10.46 -39.43 -24.79
N TYR A 192 9.87 -38.28 -25.08
CA TYR A 192 8.90 -38.15 -26.18
C TYR A 192 9.52 -38.57 -27.54
N PHE A 193 10.70 -38.08 -27.84
CA PHE A 193 11.27 -38.15 -29.21
C PHE A 193 11.37 -39.60 -29.66
N GLY A 194 11.96 -40.44 -28.82
CA GLY A 194 12.08 -41.89 -29.10
C GLY A 194 10.75 -42.58 -29.15
N ASN A 195 9.80 -42.16 -28.33
CA ASN A 195 8.49 -42.80 -28.29
C ASN A 195 7.75 -42.56 -29.61
N ARG A 196 7.71 -41.31 -30.03
CA ARG A 196 6.99 -40.94 -31.26
C ARG A 196 7.64 -41.66 -32.46
N LYS A 197 8.96 -41.70 -32.51
CA LYS A 197 9.72 -42.39 -33.59
C LYS A 197 9.24 -43.83 -33.68
N GLN A 198 9.25 -44.55 -32.56
CA GLN A 198 8.84 -45.96 -32.54
C GLN A 198 7.40 -46.08 -33.04
N LEU A 199 6.53 -45.24 -32.54
CA LEU A 199 5.10 -45.26 -32.96
C LEU A 199 5.00 -44.94 -34.45
N GLU A 200 5.76 -43.96 -34.93
CA GLU A 200 5.84 -43.61 -36.37
C GLU A 200 6.22 -44.89 -37.12
N GLU A 201 7.31 -45.56 -36.73
CA GLU A 201 7.79 -46.81 -37.36
C GLU A 201 6.70 -47.89 -37.32
N MET A 202 6.12 -48.15 -36.15
CA MET A 202 5.10 -49.20 -35.98
C MET A 202 3.84 -48.91 -36.78
N TYR A 203 3.46 -47.63 -36.88
CA TYR A 203 2.28 -47.26 -37.70
C TYR A 203 2.58 -47.48 -39.20
N GLN A 204 3.79 -47.14 -39.64
CA GLN A 204 4.26 -47.19 -41.06
C GLN A 204 4.51 -48.63 -41.53
N THR A 205 4.82 -49.58 -40.65
CA THR A 205 5.06 -51.00 -41.02
C THR A 205 3.80 -51.84 -40.77
N GLY A 206 2.73 -51.25 -40.25
CA GLY A 206 1.49 -51.97 -39.92
C GLY A 206 1.63 -52.89 -38.71
N SER A 207 2.71 -52.76 -37.93
CA SER A 207 2.90 -53.62 -36.74
C SER A 207 2.11 -53.07 -35.53
N LEU A 208 1.49 -51.90 -35.63
CA LEU A 208 0.85 -51.25 -34.45
C LEU A 208 -0.34 -52.09 -34.01
N ASN A 209 -0.33 -52.49 -32.74
CA ASN A 209 -1.33 -53.47 -32.25
C ASN A 209 -1.80 -53.04 -30.87
N LEU A 210 -3.03 -52.59 -30.79
CA LEU A 210 -3.53 -51.98 -29.52
C LEU A 210 -3.82 -53.08 -28.51
N ASN A 211 -3.71 -54.35 -28.89
CA ASN A 211 -3.82 -55.50 -27.94
C ASN A 211 -2.47 -55.81 -27.32
N ASN A 212 -1.39 -55.36 -27.92
CA ASN A 212 -0.04 -55.44 -27.31
C ASN A 212 0.02 -54.31 -26.27
N GLN A 213 0.31 -54.67 -25.03
CA GLN A 213 0.26 -53.72 -23.89
C GLN A 213 1.39 -52.69 -24.03
N SER A 214 2.57 -53.12 -24.48
CA SER A 214 3.71 -52.19 -24.63
C SER A 214 3.37 -51.19 -25.73
N HIS A 215 2.53 -51.59 -26.67
CA HIS A 215 2.09 -50.70 -27.77
C HIS A 215 1.09 -49.66 -27.26
N ARG A 216 0.10 -50.09 -26.47
CA ARG A 216 -0.84 -49.20 -25.77
C ARG A 216 -0.10 -48.23 -24.86
N ASP A 217 0.84 -48.75 -24.08
CA ASP A 217 1.69 -47.91 -23.21
C ASP A 217 2.25 -46.75 -24.03
N ARG A 218 2.83 -47.04 -25.21
CA ARG A 218 3.45 -45.98 -26.07
C ARG A 218 2.39 -45.01 -26.56
N VAL A 219 1.20 -45.51 -26.90
CA VAL A 219 0.09 -44.64 -27.43
C VAL A 219 -0.38 -43.71 -26.31
N ILE A 220 -0.48 -44.25 -25.09
CA ILE A 220 -0.83 -43.43 -23.91
C ILE A 220 0.24 -42.39 -23.63
N GLY A 221 1.50 -42.76 -23.68
CA GLY A 221 2.62 -41.80 -23.65
C GLY A 221 2.45 -40.67 -24.64
N LEU A 222 2.18 -40.99 -25.89
CA LEU A 222 2.05 -39.95 -26.91
C LEU A 222 0.86 -39.02 -26.58
N MET A 223 -0.26 -39.60 -26.16
CA MET A 223 -1.41 -38.84 -25.67
C MET A 223 -0.99 -37.87 -24.55
N MET A 224 -0.19 -38.36 -23.59
CA MET A 224 0.19 -37.54 -22.44
C MET A 224 0.97 -36.34 -22.97
N THR A 225 1.96 -36.53 -23.87
CA THR A 225 2.70 -35.41 -24.49
C THR A 225 1.76 -34.39 -25.14
N ALA A 226 0.85 -34.88 -25.94
CA ALA A 226 -0.18 -34.08 -26.62
C ALA A 226 -1.05 -33.26 -25.66
N CYS A 227 -1.53 -33.88 -24.58
CA CYS A 227 -2.30 -33.14 -23.57
C CYS A 227 -1.40 -32.09 -22.85
N ASP A 228 -0.17 -32.47 -22.58
CA ASP A 228 0.79 -31.60 -21.88
C ASP A 228 1.21 -30.37 -22.68
N LEU A 229 1.27 -30.50 -24.01
CA LEU A 229 1.66 -29.40 -24.89
C LEU A 229 0.47 -28.64 -25.45
N CYS A 230 -0.72 -28.82 -24.89
CA CYS A 230 -1.97 -28.47 -25.58
C CYS A 230 -2.22 -26.95 -25.58
N SER A 231 -1.42 -26.13 -24.89
CA SER A 231 -1.56 -24.65 -25.13
C SER A 231 -1.40 -24.35 -26.65
N VAL A 232 -0.68 -25.22 -27.38
CA VAL A 232 -0.36 -24.97 -28.82
C VAL A 232 -1.60 -25.29 -29.68
N THR A 233 -2.67 -25.80 -29.08
CA THR A 233 -3.87 -26.25 -29.78
C THR A 233 -5.07 -25.33 -29.45
N LYS A 234 -4.84 -24.26 -28.74
CA LYS A 234 -5.92 -23.35 -28.32
C LYS A 234 -6.15 -22.24 -29.34
N LEU A 235 -7.14 -21.40 -29.06
CA LEU A 235 -7.27 -20.13 -29.83
C LEU A 235 -6.01 -19.30 -29.64
N TRP A 236 -5.56 -18.65 -30.71
CA TRP A 236 -4.26 -17.92 -30.73
C TRP A 236 -4.05 -17.06 -29.47
N PRO A 237 -5.06 -16.27 -29.04
CA PRO A 237 -4.87 -15.43 -27.86
C PRO A 237 -4.57 -16.24 -26.60
N VAL A 238 -5.16 -17.42 -26.46
CA VAL A 238 -4.82 -18.34 -25.33
C VAL A 238 -3.35 -18.78 -25.53
N THR A 239 -3.00 -19.21 -26.73
CA THR A 239 -1.67 -19.78 -27.03
C THR A 239 -0.58 -18.74 -26.74
N LYS A 240 -0.87 -17.49 -27.12
CA LYS A 240 0.08 -16.38 -27.06
C LYS A 240 0.31 -16.01 -25.59
N LEU A 241 -0.75 -15.95 -24.80
CA LEU A 241 -0.70 -15.51 -23.38
C LEU A 241 -0.15 -16.62 -22.49
N THR A 242 -0.48 -17.88 -22.78
CA THR A 242 0.19 -19.02 -22.14
C THR A 242 1.71 -18.97 -22.34
N ALA A 243 2.15 -18.70 -23.56
CA ALA A 243 3.60 -18.58 -23.88
C ALA A 243 4.30 -17.56 -22.96
N ASN A 244 3.62 -16.45 -22.57
CA ASN A 244 4.21 -15.49 -21.61
C ASN A 244 4.51 -16.18 -20.28
N ASP A 245 3.62 -17.04 -19.82
CA ASP A 245 3.80 -17.77 -18.53
C ASP A 245 4.92 -18.78 -18.68
N ILE A 246 4.94 -19.47 -19.80
CA ILE A 246 5.99 -20.50 -20.10
C ILE A 246 7.35 -19.81 -20.02
N TYR A 247 7.48 -18.64 -20.63
CA TYR A 247 8.79 -17.96 -20.72
C TYR A 247 9.16 -17.38 -19.38
N ALA A 248 8.17 -17.03 -18.56
CA ALA A 248 8.40 -16.41 -17.26
C ALA A 248 9.16 -17.42 -16.40
N GLU A 249 8.84 -18.68 -16.56
CA GLU A 249 9.53 -19.77 -15.87
C GLU A 249 10.90 -19.99 -16.54
N PHE A 250 10.94 -20.11 -17.86
CA PHE A 250 12.22 -20.38 -18.57
C PHE A 250 13.24 -19.32 -18.13
N TRP A 251 12.82 -18.07 -18.11
CA TRP A 251 13.75 -16.94 -17.94
C TRP A 251 14.22 -16.84 -16.49
N ALA A 252 13.37 -17.17 -15.49
CA ALA A 252 13.81 -17.27 -14.08
C ALA A 252 14.82 -18.41 -14.01
N GLU A 253 14.61 -19.50 -14.76
CA GLU A 253 15.60 -20.60 -14.73
C GLU A 253 16.93 -20.10 -15.29
N GLY A 254 16.89 -19.36 -16.38
CA GLY A 254 18.11 -18.76 -16.94
C GLY A 254 18.82 -17.84 -15.95
N ASP A 255 18.04 -17.03 -15.24
CA ASP A 255 18.58 -16.19 -14.16
C ASP A 255 19.29 -17.13 -13.18
N GLU A 256 18.63 -18.19 -12.76
CA GLU A 256 19.21 -19.15 -11.79
C GLU A 256 20.48 -19.82 -12.35
N MET A 257 20.52 -20.10 -13.65
CA MET A 257 21.68 -20.67 -14.36
C MET A 257 22.86 -19.67 -14.29
N LYS A 258 22.60 -18.41 -14.66
CA LYS A 258 23.61 -17.34 -14.55
C LYS A 258 24.13 -17.15 -13.11
N LYS A 259 23.35 -17.46 -12.10
CA LYS A 259 23.81 -17.43 -10.67
C LYS A 259 24.73 -18.60 -10.33
N LEU A 260 24.64 -19.72 -11.06
CA LEU A 260 25.59 -20.86 -10.90
C LEU A 260 26.86 -20.65 -11.74
N GLY A 261 26.95 -19.55 -12.49
CA GLY A 261 28.16 -19.29 -13.33
C GLY A 261 28.03 -20.07 -14.63
N ILE A 262 26.80 -20.28 -15.08
CA ILE A 262 26.53 -21.01 -16.35
C ILE A 262 25.72 -20.10 -17.27
N GLN A 263 26.22 -19.89 -18.48
CA GLN A 263 25.44 -19.23 -19.55
C GLN A 263 24.30 -20.16 -19.97
N PRO A 264 23.03 -19.72 -19.87
CA PRO A 264 21.93 -20.60 -20.20
C PRO A 264 21.69 -20.63 -21.72
N ILE A 265 20.93 -21.61 -22.16
CA ILE A 265 20.45 -21.66 -23.57
C ILE A 265 19.59 -20.43 -23.88
N PRO A 266 19.61 -19.97 -25.15
CA PRO A 266 18.79 -18.84 -25.56
C PRO A 266 17.33 -18.89 -25.05
N MET A 267 16.70 -20.06 -25.05
CA MET A 267 15.32 -20.27 -24.56
C MET A 267 15.11 -19.65 -23.16
N MET A 268 16.09 -19.83 -22.29
CA MET A 268 16.03 -19.38 -20.89
C MET A 268 16.76 -18.05 -20.71
N ASP A 269 17.30 -17.46 -21.79
CA ASP A 269 17.97 -16.13 -21.69
C ASP A 269 16.97 -15.03 -22.00
N ARG A 270 16.52 -14.30 -21.00
CA ARG A 270 15.63 -13.13 -21.19
C ARG A 270 16.28 -12.06 -22.07
N ASP A 271 17.60 -11.98 -22.17
CA ASP A 271 18.35 -11.13 -23.13
C ASP A 271 18.01 -11.47 -24.59
N LYS A 272 17.73 -12.73 -24.90
CA LYS A 272 17.37 -13.18 -26.26
C LYS A 272 15.86 -13.29 -26.46
N LYS A 273 15.10 -12.49 -25.70
CA LYS A 273 13.63 -12.30 -25.79
C LYS A 273 13.21 -12.01 -27.24
N ASP A 274 14.03 -11.25 -27.96
CA ASP A 274 13.85 -10.92 -29.39
C ASP A 274 13.61 -12.14 -30.25
N GLU A 275 14.21 -13.29 -29.93
CA GLU A 275 14.24 -14.46 -30.85
C GLU A 275 13.13 -15.47 -30.51
N VAL A 276 12.24 -15.15 -29.57
CA VAL A 276 11.20 -16.14 -29.13
C VAL A 276 10.41 -16.68 -30.34
N PRO A 277 9.91 -15.78 -31.19
CA PRO A 277 9.10 -16.23 -32.33
C PRO A 277 9.71 -17.37 -33.13
N GLN A 278 10.99 -17.26 -33.44
CA GLN A 278 11.72 -18.30 -34.17
C GLN A 278 11.86 -19.56 -33.32
N GLY A 279 12.19 -19.39 -32.03
CA GLY A 279 12.23 -20.53 -31.08
C GLY A 279 10.90 -21.26 -31.04
N GLN A 280 9.79 -20.57 -31.22
CA GLN A 280 8.47 -21.22 -31.29
C GLN A 280 8.33 -22.05 -32.59
N LEU A 281 8.76 -21.50 -33.73
CA LEU A 281 8.65 -22.24 -35.02
C LEU A 281 9.38 -23.56 -34.89
N GLY A 282 10.54 -23.55 -34.27
CA GLY A 282 11.40 -24.75 -34.05
C GLY A 282 10.72 -25.76 -33.17
N PHE A 283 10.07 -25.30 -32.10
CA PHE A 283 9.32 -26.18 -31.18
C PHE A 283 8.12 -26.79 -31.87
N TYR A 284 7.42 -25.99 -32.66
CA TYR A 284 6.26 -26.52 -33.40
C TYR A 284 6.73 -27.59 -34.39
N ASN A 285 7.81 -27.31 -35.11
CA ASN A 285 8.29 -28.23 -36.16
C ASN A 285 8.99 -29.43 -35.51
N ALA A 286 9.80 -29.20 -34.50
CA ALA A 286 10.61 -30.26 -33.85
C ALA A 286 9.71 -31.12 -32.96
N VAL A 287 8.74 -30.51 -32.28
CA VAL A 287 8.02 -31.27 -31.21
C VAL A 287 6.53 -31.34 -31.46
N ALA A 288 5.90 -30.16 -31.53
CA ALA A 288 4.44 -30.04 -31.54
C ALA A 288 3.81 -30.72 -32.77
N ILE A 289 4.25 -30.36 -33.95
CA ILE A 289 3.54 -30.84 -35.18
C ILE A 289 3.75 -32.34 -35.35
N PRO A 290 4.97 -32.86 -35.18
CA PRO A 290 5.18 -34.31 -35.22
C PRO A 290 4.29 -35.08 -34.22
N CYS A 291 4.10 -34.50 -33.03
CA CYS A 291 3.35 -35.13 -31.95
C CYS A 291 1.90 -35.31 -32.39
N TYR A 292 1.26 -34.22 -32.80
CA TYR A 292 -0.16 -34.24 -33.23
C TYR A 292 -0.36 -34.97 -34.57
N THR A 293 0.66 -35.05 -35.40
CA THR A 293 0.55 -35.77 -36.69
C THR A 293 0.45 -37.28 -36.41
N THR A 294 1.37 -37.77 -35.59
CA THR A 294 1.42 -39.21 -35.22
C THR A 294 0.14 -39.55 -34.46
N LEU A 295 -0.32 -38.66 -33.56
CA LEU A 295 -1.52 -38.93 -32.75
C LEU A 295 -2.78 -39.04 -33.65
N THR A 296 -2.90 -38.21 -34.67
CA THR A 296 -4.06 -38.27 -35.62
C THR A 296 -3.94 -39.52 -36.53
N GLN A 297 -2.75 -39.97 -36.85
CA GLN A 297 -2.53 -41.25 -37.56
C GLN A 297 -3.09 -42.39 -36.72
N ILE A 298 -2.76 -42.42 -35.44
CA ILE A 298 -3.19 -43.52 -34.55
C ILE A 298 -4.65 -43.36 -34.16
N LEU A 299 -5.06 -42.13 -33.81
CA LEU A 299 -6.43 -41.86 -33.35
C LEU A 299 -7.02 -40.74 -34.19
N PRO A 300 -7.66 -41.08 -35.34
CA PRO A 300 -8.09 -40.04 -36.28
C PRO A 300 -8.98 -38.96 -35.72
N PRO A 301 -9.90 -39.26 -34.80
CA PRO A 301 -10.71 -38.19 -34.24
C PRO A 301 -10.00 -37.10 -33.41
N THR A 302 -8.70 -37.24 -33.14
CA THR A 302 -7.90 -36.11 -32.57
C THR A 302 -7.31 -35.16 -33.62
N GLU A 303 -7.70 -35.31 -34.89
CA GLU A 303 -7.27 -34.37 -35.97
C GLU A 303 -7.43 -32.90 -35.58
N PRO A 304 -8.49 -32.50 -34.84
CA PRO A 304 -8.66 -31.09 -34.49
C PRO A 304 -7.50 -30.49 -33.67
N LEU A 305 -6.73 -31.32 -32.97
CA LEU A 305 -5.50 -30.80 -32.31
C LEU A 305 -4.45 -30.48 -33.36
N LEU A 306 -4.28 -31.33 -34.38
CA LEU A 306 -3.25 -31.03 -35.41
C LEU A 306 -3.61 -29.71 -36.11
N LYS A 307 -4.87 -29.55 -36.43
CA LYS A 307 -5.35 -28.40 -37.24
C LYS A 307 -5.09 -27.10 -36.45
N ALA A 308 -5.43 -27.09 -35.14
CA ALA A 308 -5.26 -25.89 -34.28
C ALA A 308 -3.76 -25.63 -34.17
N CYS A 309 -2.97 -26.69 -34.05
CA CYS A 309 -1.50 -26.53 -33.90
C CYS A 309 -0.92 -25.91 -35.19
N ARG A 310 -1.28 -26.44 -36.35
CA ARG A 310 -0.86 -25.82 -37.64
C ARG A 310 -1.32 -24.34 -37.74
N ASP A 311 -2.51 -24.00 -37.25
CA ASP A 311 -2.99 -22.59 -37.32
C ASP A 311 -2.07 -21.71 -36.47
N ASN A 312 -1.74 -22.21 -35.27
CA ASN A 312 -0.84 -21.50 -34.33
C ASN A 312 0.59 -21.39 -34.93
N LEU A 313 1.11 -22.43 -35.59
CA LEU A 313 2.41 -22.31 -36.29
C LEU A 313 2.34 -21.10 -37.28
N SER A 314 1.27 -21.00 -38.03
CA SER A 314 1.07 -19.92 -39.02
C SER A 314 0.99 -18.58 -38.31
N GLN A 315 0.38 -18.54 -37.13
CA GLN A 315 0.30 -17.30 -36.32
C GLN A 315 1.71 -16.86 -35.88
N TRP A 316 2.57 -17.79 -35.48
CA TRP A 316 3.96 -17.48 -35.10
C TRP A 316 4.72 -17.03 -36.35
N GLU A 317 4.38 -17.56 -37.51
CA GLU A 317 5.07 -17.13 -38.77
C GLU A 317 4.64 -15.71 -39.15
N LYS A 318 3.36 -15.38 -38.96
CA LYS A 318 2.89 -13.98 -39.14
C LYS A 318 3.57 -13.04 -38.15
N VAL A 319 3.97 -13.50 -36.97
CA VAL A 319 4.72 -12.64 -36.01
C VAL A 319 6.13 -12.35 -36.57
N ILE A 320 6.79 -13.36 -37.08
CA ILE A 320 8.16 -13.19 -37.61
C ILE A 320 8.09 -12.20 -38.76
N ARG A 321 7.14 -12.37 -39.67
CA ARG A 321 7.01 -11.52 -40.89
C ARG A 321 6.57 -10.09 -40.55
N GLY A 322 6.46 -9.74 -39.27
CA GLY A 322 6.00 -8.39 -38.85
C GLY A 322 4.55 -8.10 -39.18
N GLU A 323 3.69 -9.10 -39.30
CA GLU A 323 2.23 -8.89 -39.51
C GLU A 323 1.47 -8.89 -38.17
N GLU A 324 2.18 -9.05 -37.04
CA GLU A 324 1.61 -8.91 -35.67
C GLU A 324 2.72 -8.99 -34.61
N GLN B 11 -15.03 -1.83 30.07
CA GLN B 11 -14.46 -1.93 28.68
C GLN B 11 -15.42 -1.29 27.66
N GLY B 12 -15.91 -0.09 27.93
CA GLY B 12 -16.88 0.58 27.02
C GLY B 12 -16.36 1.93 26.57
N LEU B 13 -15.56 2.58 27.42
CA LEU B 13 -14.99 3.93 27.13
C LEU B 13 -13.61 3.77 26.46
N MET B 14 -13.56 2.93 25.42
CA MET B 14 -12.31 2.61 24.68
C MET B 14 -12.35 3.31 23.31
N GLN B 15 -11.86 4.54 23.27
CA GLN B 15 -11.74 5.26 21.99
C GLN B 15 -10.59 4.59 21.26
N PHE B 16 -10.86 4.03 20.10
CA PHE B 16 -9.80 3.78 19.10
C PHE B 16 -9.15 5.13 18.80
N THR B 17 -7.84 5.13 18.80
CA THR B 17 -7.02 6.33 18.54
C THR B 17 -5.96 5.99 17.51
N LEU B 18 -5.74 6.93 16.61
CA LEU B 18 -4.77 6.80 15.52
C LEU B 18 -3.54 7.62 15.89
N PRO B 19 -2.38 7.33 15.25
CA PRO B 19 -1.26 8.23 15.35
C PRO B 19 -1.68 9.66 14.95
N VAL B 20 -0.98 10.66 15.46
CA VAL B 20 -1.41 12.08 15.28
C VAL B 20 -1.66 12.39 13.80
N ARG B 21 -0.72 12.07 12.90
CA ARG B 21 -0.87 12.54 11.49
C ARG B 21 -2.13 11.92 10.86
N LEU B 22 -2.38 10.65 11.11
CA LEU B 22 -3.61 9.99 10.59
C LEU B 22 -4.85 10.63 11.23
N CYS B 23 -4.78 10.94 12.51
CA CYS B 23 -5.94 11.50 13.24
C CYS B 23 -6.43 12.83 12.62
N LYS B 24 -5.53 13.65 12.08
CA LYS B 24 -5.86 14.94 11.45
C LYS B 24 -6.17 14.73 9.96
N GLU B 25 -5.46 13.82 9.31
CA GLU B 25 -5.50 13.68 7.84
C GLU B 25 -6.82 12.99 7.46
N ILE B 26 -7.25 12.04 8.28
CA ILE B 26 -8.44 11.19 7.99
C ILE B 26 -9.69 12.05 7.82
N GLU B 27 -9.69 13.24 8.44
CA GLU B 27 -10.87 14.14 8.34
C GLU B 27 -10.96 14.75 6.93
N LEU B 28 -9.91 14.70 6.15
CA LEU B 28 -9.85 15.29 4.81
C LEU B 28 -10.31 14.24 3.79
N PHE B 29 -10.86 14.74 2.70
CA PHE B 29 -11.42 13.89 1.63
C PHE B 29 -10.29 13.20 0.86
N HIS B 30 -9.14 13.83 0.66
CA HIS B 30 -8.06 13.23 -0.18
C HIS B 30 -7.16 12.28 0.65
N PHE B 31 -7.53 11.95 1.87
CA PHE B 31 -6.71 11.06 2.75
C PHE B 31 -6.50 9.69 2.09
N ASP B 32 -5.26 9.22 2.09
CA ASP B 32 -4.91 7.86 1.60
C ASP B 32 -4.70 7.01 2.85
N ILE B 33 -5.34 5.85 2.94
CA ILE B 33 -5.25 5.01 4.16
C ILE B 33 -3.89 4.30 4.29
N GLY B 34 -3.02 4.37 3.27
CA GLY B 34 -1.64 3.88 3.43
C GLY B 34 -1.45 2.39 3.18
N PRO B 35 -0.17 1.95 3.20
CA PRO B 35 0.23 0.62 2.71
C PRO B 35 0.35 -0.45 3.79
N PHE B 36 -0.03 -0.07 5.01
CA PHE B 36 0.01 -0.98 6.16
C PHE B 36 -1.36 -1.63 6.35
N GLU B 37 -1.56 -2.79 5.75
CA GLU B 37 -2.84 -3.53 5.74
C GLU B 37 -3.41 -3.67 7.16
N ASN B 38 -2.56 -3.91 8.14
CA ASN B 38 -2.99 -4.26 9.51
C ASN B 38 -3.50 -3.03 10.26
N MET B 39 -3.35 -1.82 9.72
CA MET B 39 -3.97 -0.64 10.35
C MET B 39 -5.39 -0.32 9.80
N TRP B 40 -5.79 -0.92 8.69
CA TRP B 40 -7.05 -0.55 7.98
C TRP B 40 -8.25 -0.89 8.87
N PRO B 41 -8.31 -2.08 9.47
CA PRO B 41 -9.43 -2.40 10.33
C PRO B 41 -9.63 -1.36 11.44
N GLY B 42 -8.52 -0.94 12.08
CA GLY B 42 -8.54 0.08 13.11
C GLY B 42 -8.98 1.43 12.58
N ILE B 43 -8.43 1.83 11.46
CA ILE B 43 -8.95 3.00 10.69
C ILE B 43 -10.46 2.88 10.54
N PHE B 44 -10.99 1.69 10.22
CA PHE B 44 -12.45 1.58 9.97
C PHE B 44 -13.25 1.76 11.25
N VAL B 45 -12.89 1.02 12.31
CA VAL B 45 -13.57 1.12 13.62
C VAL B 45 -13.51 2.57 14.12
N TYR B 46 -12.38 3.26 13.92
CA TYR B 46 -12.20 4.66 14.35
C TYR B 46 -13.21 5.56 13.63
N MET B 47 -13.31 5.37 12.31
CA MET B 47 -14.34 6.11 11.53
C MET B 47 -15.74 5.79 12.02
N VAL B 48 -16.03 4.53 12.29
CA VAL B 48 -17.36 4.13 12.79
C VAL B 48 -17.64 4.89 14.09
N HIS B 49 -16.64 5.00 14.96
CA HIS B 49 -16.79 5.49 16.34
C HIS B 49 -17.09 6.99 16.30
N ARG B 50 -16.33 7.72 15.49
CA ARG B 50 -16.50 9.18 15.33
C ARG B 50 -17.76 9.48 14.53
N SER B 51 -18.19 8.54 13.70
CA SER B 51 -19.27 8.81 12.74
C SER B 51 -20.62 8.69 13.47
N CYS B 52 -20.83 7.58 14.16
CA CYS B 52 -22.17 7.39 14.78
C CYS B 52 -22.05 7.00 16.25
N GLY B 53 -20.84 6.80 16.78
CA GLY B 53 -20.63 6.61 18.24
C GLY B 53 -19.94 5.30 18.62
N THR B 54 -19.36 5.25 19.81
CA THR B 54 -18.71 4.07 20.41
C THR B 54 -19.74 2.99 20.73
N SER B 55 -21.02 3.36 20.82
CA SER B 55 -22.15 2.47 21.21
C SER B 55 -22.82 1.81 20.00
N CYS B 56 -22.60 2.31 18.77
CA CYS B 56 -23.32 1.86 17.55
C CYS B 56 -23.25 0.33 17.44
N PHE B 57 -22.11 -0.25 17.81
CA PHE B 57 -21.84 -1.69 17.63
C PHE B 57 -21.09 -2.23 18.83
N GLU B 58 -21.42 -3.46 19.23
CA GLU B 58 -20.55 -4.18 20.16
C GLU B 58 -19.23 -4.44 19.43
N LEU B 59 -18.11 -4.07 20.05
CA LEU B 59 -16.76 -4.04 19.46
C LEU B 59 -16.39 -5.46 19.03
N GLU B 60 -16.70 -6.45 19.86
CA GLU B 60 -16.27 -7.84 19.64
C GLU B 60 -16.99 -8.38 18.42
N LYS B 61 -18.28 -8.09 18.27
CA LYS B 61 -19.00 -8.48 17.04
C LYS B 61 -18.46 -7.71 15.83
N LEU B 62 -18.26 -6.40 15.96
CA LEU B 62 -17.82 -5.55 14.85
C LEU B 62 -16.47 -6.05 14.30
N CME B 63 -15.56 -6.39 15.18
CA CME B 63 -14.18 -6.81 14.81
CB CME B 63 -13.25 -6.85 16.02
SG CME B 63 -12.48 -5.25 16.40
SD CME B 63 -11.41 -4.88 14.70
CE CME B 63 -9.64 -5.05 15.09
CZ CME B 63 -9.17 -4.09 16.13
OH CME B 63 -8.30 -4.79 17.01
C CME B 63 -14.28 -8.17 14.13
O CME B 63 -13.56 -8.45 13.21
N ARG B 64 -15.22 -8.97 14.59
CA ARG B 64 -15.45 -10.29 13.99
C ARG B 64 -16.02 -10.08 12.59
N PHE B 65 -17.01 -9.23 12.48
CA PHE B 65 -17.66 -8.94 11.18
C PHE B 65 -16.60 -8.49 10.18
N ILE B 66 -15.81 -7.50 10.58
CA ILE B 66 -14.75 -6.84 9.77
C ILE B 66 -13.74 -7.86 9.21
N MET B 67 -13.13 -8.70 10.07
CA MET B 67 -12.11 -9.67 9.61
C MET B 67 -12.73 -10.75 8.70
N SER B 68 -13.98 -11.15 8.91
CA SER B 68 -14.71 -12.03 7.97
C SER B 68 -14.95 -11.30 6.62
N VAL B 69 -15.17 -10.00 6.64
CA VAL B 69 -15.40 -9.23 5.38
C VAL B 69 -14.04 -9.19 4.66
N LYS B 70 -12.98 -8.91 5.38
CA LYS B 70 -11.61 -8.85 4.82
C LYS B 70 -11.31 -10.19 4.17
N LYS B 71 -11.52 -11.26 4.92
CA LYS B 71 -11.27 -12.65 4.43
C LYS B 71 -11.98 -12.92 3.11
N ASN B 72 -13.03 -12.20 2.77
CA ASN B 72 -13.87 -12.54 1.59
C ASN B 72 -13.63 -11.58 0.41
N TYR B 73 -12.71 -10.62 0.58
CA TYR B 73 -12.14 -9.82 -0.52
C TYR B 73 -10.93 -10.61 -1.04
N ARG B 74 -10.70 -10.52 -2.33
CA ARG B 74 -9.70 -11.32 -3.04
C ARG B 74 -8.49 -10.48 -3.32
N ARG B 75 -7.41 -11.17 -3.60
CA ARG B 75 -6.11 -10.52 -3.76
C ARG B 75 -6.01 -10.16 -5.22
N VAL B 76 -6.72 -9.10 -5.57
CA VAL B 76 -6.79 -8.59 -6.93
C VAL B 76 -6.20 -7.23 -6.90
N PRO B 77 -5.82 -6.69 -8.08
CA PRO B 77 -5.10 -5.42 -8.15
C PRO B 77 -5.82 -4.17 -7.62
N TYR B 78 -7.14 -4.09 -7.78
CA TYR B 78 -7.95 -2.91 -7.44
C TYR B 78 -9.14 -3.27 -6.55
N HIS B 79 -9.97 -4.21 -6.95
CA HIS B 79 -11.27 -4.48 -6.26
C HIS B 79 -11.04 -5.40 -5.06
N ASN B 80 -10.35 -4.88 -4.08
CA ASN B 80 -9.70 -5.64 -3.00
C ASN B 80 -10.00 -4.97 -1.68
N TRP B 81 -9.52 -5.55 -0.58
CA TRP B 81 -9.82 -5.02 0.77
C TRP B 81 -9.44 -3.54 0.85
N LYS B 82 -8.30 -3.14 0.27
CA LYS B 82 -7.86 -1.74 0.37
C LYS B 82 -8.90 -0.80 -0.25
N HIS B 83 -9.50 -1.23 -1.39
CA HIS B 83 -10.53 -0.45 -2.06
C HIS B 83 -11.72 -0.28 -1.11
N ALA B 84 -12.17 -1.38 -0.49
CA ALA B 84 -13.36 -1.32 0.40
C ALA B 84 -13.18 -0.25 1.48
N VAL B 85 -12.03 -0.26 2.19
CA VAL B 85 -11.80 0.68 3.31
C VAL B 85 -11.64 2.09 2.74
N THR B 86 -11.03 2.20 1.57
CA THR B 86 -10.88 3.52 0.88
C THR B 86 -12.25 4.10 0.56
N VAL B 87 -13.17 3.29 0.09
CA VAL B 87 -14.54 3.77 -0.20
C VAL B 87 -15.26 4.09 1.14
N ALA B 88 -15.09 3.28 2.19
CA ALA B 88 -15.70 3.58 3.50
C ALA B 88 -15.18 4.94 3.97
N HIS B 89 -13.88 5.25 3.76
CA HIS B 89 -13.34 6.52 4.28
C HIS B 89 -13.94 7.74 3.51
N CYS B 90 -14.17 7.64 2.22
CA CYS B 90 -14.79 8.76 1.45
C CYS B 90 -16.19 8.97 2.05
N MET B 91 -16.86 7.88 2.36
CA MET B 91 -18.21 7.94 2.93
C MET B 91 -18.15 8.63 4.30
N TYR B 92 -17.20 8.22 5.12
CA TYR B 92 -16.99 8.83 6.42
C TYR B 92 -16.80 10.36 6.24
N ALA B 93 -15.98 10.78 5.30
CA ALA B 93 -15.71 12.21 5.03
C ALA B 93 -16.99 12.95 4.65
N ILE B 94 -17.89 12.30 3.91
CA ILE B 94 -19.14 12.94 3.44
C ILE B 94 -20.04 13.07 4.65
N LEU B 95 -20.11 12.00 5.45
CA LEU B 95 -21.03 12.03 6.62
C LEU B 95 -20.58 13.05 7.66
N GLN B 96 -19.30 13.24 7.82
CA GLN B 96 -18.76 14.11 8.89
C GLN B 96 -18.93 15.59 8.49
N ASN B 97 -19.13 15.86 7.21
CA ASN B 97 -19.36 17.24 6.73
C ASN B 97 -20.84 17.50 6.55
N ASN B 98 -21.66 16.47 6.62
CA ASN B 98 -23.13 16.63 6.50
C ASN B 98 -23.83 15.86 7.63
N HIS B 99 -23.33 15.91 8.87
CA HIS B 99 -23.76 14.93 9.89
C HIS B 99 -25.26 15.08 10.28
N THR B 100 -25.81 16.30 10.31
CA THR B 100 -27.24 16.48 10.69
C THR B 100 -28.19 16.05 9.56
N LEU B 101 -27.70 15.83 8.34
CA LEU B 101 -28.60 15.47 7.21
C LEU B 101 -29.03 13.99 7.26
N PHE B 102 -28.22 13.12 7.82
CA PHE B 102 -28.47 11.66 7.79
C PHE B 102 -28.87 11.14 9.15
N THR B 103 -29.73 10.15 9.14
CA THR B 103 -30.25 9.54 10.37
C THR B 103 -29.19 8.62 10.97
N ASP B 104 -29.48 8.16 12.19
CA ASP B 104 -28.55 7.25 12.92
C ASP B 104 -28.41 5.93 12.16
N LEU B 105 -29.52 5.33 11.73
CA LEU B 105 -29.50 4.08 10.92
C LEU B 105 -28.67 4.25 9.64
N GLU B 106 -28.83 5.37 8.94
CA GLU B 106 -28.15 5.60 7.63
C GLU B 106 -26.65 5.67 7.91
N ARG B 107 -26.22 6.42 8.93
CA ARG B 107 -24.77 6.46 9.26
C ARG B 107 -24.26 5.05 9.56
N LYS B 108 -25.01 4.24 10.30
CA LYS B 108 -24.61 2.85 10.60
C LYS B 108 -24.51 2.03 9.31
N GLY B 109 -25.61 2.01 8.57
CA GLY B 109 -25.73 1.29 7.29
C GLY B 109 -24.71 1.65 6.24
N LEU B 110 -24.46 2.93 6.08
CA LEU B 110 -23.68 3.40 4.92
C LEU B 110 -22.19 3.10 5.07
N LEU B 111 -21.63 3.14 6.28
CA LEU B 111 -20.22 2.76 6.41
C LEU B 111 -20.04 1.28 6.16
N ILE B 112 -20.95 0.45 6.65
CA ILE B 112 -20.93 -1.02 6.43
C ILE B 112 -21.17 -1.35 4.94
N ALA B 113 -22.12 -0.68 4.31
CA ALA B 113 -22.43 -0.89 2.89
C ALA B 113 -21.13 -0.66 2.08
N CYS B 114 -20.41 0.42 2.36
CA CYS B 114 -19.14 0.80 1.67
C CYS B 114 -18.04 -0.27 1.84
N LEU B 115 -17.87 -0.71 3.06
CA LEU B 115 -16.94 -1.80 3.41
C LEU B 115 -17.23 -3.10 2.63
N CYS B 116 -18.50 -3.47 2.46
CA CYS B 116 -18.97 -4.76 1.89
C CYS B 116 -19.26 -4.61 0.37
N HIS B 117 -19.28 -3.41 -0.19
CA HIS B 117 -19.89 -3.15 -1.52
C HIS B 117 -19.21 -3.90 -2.68
N ASP B 118 -17.98 -4.40 -2.52
CA ASP B 118 -17.34 -5.22 -3.59
C ASP B 118 -16.95 -6.61 -3.07
N LEU B 119 -17.64 -7.11 -2.06
CA LEU B 119 -17.34 -8.42 -1.44
C LEU B 119 -17.19 -9.49 -2.51
N ASP B 120 -16.06 -10.18 -2.44
CA ASP B 120 -15.81 -11.40 -3.25
C ASP B 120 -15.71 -11.03 -4.73
N HIS B 121 -15.27 -9.81 -5.03
CA HIS B 121 -14.98 -9.36 -6.40
C HIS B 121 -13.86 -10.19 -7.01
N ARG B 122 -14.01 -10.50 -8.29
CA ARG B 122 -13.04 -11.41 -8.96
C ARG B 122 -12.13 -10.58 -9.83
N GLY B 123 -12.37 -9.27 -9.88
CA GLY B 123 -11.62 -8.37 -10.75
C GLY B 123 -12.19 -8.29 -12.16
N PHE B 124 -13.42 -8.72 -12.36
CA PHE B 124 -14.04 -8.82 -13.71
C PHE B 124 -15.35 -8.06 -13.67
N SER B 125 -15.69 -7.40 -14.78
CA SER B 125 -16.94 -6.63 -14.92
C SER B 125 -18.14 -7.59 -15.02
N ASN B 126 -19.34 -7.02 -14.93
CA ASN B 126 -20.58 -7.77 -15.14
C ASN B 126 -20.70 -8.25 -16.57
N SER B 127 -20.18 -7.47 -17.54
CA SER B 127 -20.19 -7.87 -18.97
C SER B 127 -19.38 -9.16 -19.16
N TYR B 128 -18.22 -9.28 -18.51
CA TYR B 128 -17.36 -10.47 -18.69
C TYR B 128 -18.07 -11.70 -18.11
N LEU B 129 -18.60 -11.60 -16.89
CA LEU B 129 -19.37 -12.71 -16.24
C LEU B 129 -20.51 -13.18 -17.17
N GLN B 130 -21.16 -12.25 -17.84
CA GLN B 130 -22.19 -12.54 -18.88
C GLN B 130 -21.63 -13.29 -20.07
N LYS B 131 -20.63 -12.74 -20.74
CA LYS B 131 -20.06 -13.48 -21.91
C LYS B 131 -19.41 -14.81 -21.51
N PHE B 132 -18.84 -14.94 -20.31
CA PHE B 132 -18.19 -16.18 -19.90
C PHE B 132 -19.25 -17.21 -19.57
N ASP B 133 -20.47 -16.75 -19.29
CA ASP B 133 -21.57 -17.59 -18.79
C ASP B 133 -21.18 -18.11 -17.41
N HIS B 134 -20.71 -17.24 -16.54
CA HIS B 134 -20.50 -17.52 -15.11
C HIS B 134 -21.84 -17.80 -14.43
N PRO B 135 -21.90 -18.75 -13.48
CA PRO B 135 -23.14 -19.03 -12.74
C PRO B 135 -23.79 -17.75 -12.19
N LEU B 136 -22.98 -16.81 -11.71
CA LEU B 136 -23.59 -15.59 -11.09
C LEU B 136 -24.44 -14.83 -12.11
N ALA B 137 -24.05 -14.88 -13.39
CA ALA B 137 -24.81 -14.27 -14.49
C ALA B 137 -26.22 -14.88 -14.60
N ALA B 138 -26.40 -16.19 -14.32
CA ALA B 138 -27.74 -16.84 -14.40
C ALA B 138 -28.53 -16.53 -13.14
N LEU B 139 -27.85 -16.49 -12.01
CA LEU B 139 -28.52 -16.26 -10.74
C LEU B 139 -29.02 -14.80 -10.72
N TYR B 140 -28.23 -13.87 -11.22
CA TYR B 140 -28.51 -12.39 -11.15
C TYR B 140 -28.38 -11.76 -12.53
N SER B 141 -29.48 -11.39 -13.13
CA SER B 141 -29.49 -11.11 -14.59
C SER B 141 -28.98 -9.69 -14.79
N THR B 142 -29.24 -8.80 -13.85
CA THR B 142 -28.68 -7.43 -13.91
C THR B 142 -27.91 -7.14 -12.63
N SER B 143 -27.04 -6.15 -12.69
CA SER B 143 -26.21 -5.76 -11.53
C SER B 143 -25.62 -7.03 -10.89
N THR B 144 -25.07 -7.92 -11.71
CA THR B 144 -24.76 -9.34 -11.35
C THR B 144 -23.81 -9.32 -10.13
N MET B 145 -22.61 -8.75 -10.28
CA MET B 145 -21.67 -8.70 -9.12
C MET B 145 -22.30 -7.99 -7.93
N GLU B 146 -22.99 -6.88 -8.15
CA GLU B 146 -23.50 -6.07 -7.03
C GLU B 146 -24.55 -6.88 -6.24
N GLN B 147 -25.48 -7.53 -6.92
CA GLN B 147 -26.40 -8.44 -6.19
C GLN B 147 -25.58 -9.50 -5.42
N HIS B 148 -24.44 -9.94 -5.97
CA HIS B 148 -23.61 -10.98 -5.31
C HIS B 148 -22.99 -10.39 -4.04
N HIS B 149 -22.55 -9.14 -4.13
CA HIS B 149 -21.84 -8.48 -3.02
C HIS B 149 -22.87 -8.34 -1.88
N PHE B 150 -24.13 -8.01 -2.20
CA PHE B 150 -25.16 -7.90 -1.13
C PHE B 150 -25.39 -9.27 -0.48
N SER B 151 -25.57 -10.30 -1.28
CA SER B 151 -25.71 -11.71 -0.81
C SER B 151 -24.55 -12.12 0.13
N GLN B 152 -23.32 -11.74 -0.18
CA GLN B 152 -22.19 -12.06 0.70
C GLN B 152 -22.33 -11.32 2.01
N THR B 153 -22.78 -10.07 1.97
CA THR B 153 -22.96 -9.22 3.15
C THR B 153 -23.92 -9.88 4.13
N VAL B 154 -25.08 -10.27 3.62
CA VAL B 154 -26.12 -10.98 4.43
C VAL B 154 -25.53 -12.29 4.99
N SER B 155 -24.82 -13.05 4.17
CA SER B 155 -24.29 -14.38 4.60
C SER B 155 -23.35 -14.17 5.80
N ILE B 156 -22.53 -13.10 5.76
CA ILE B 156 -21.53 -12.80 6.80
C ILE B 156 -22.27 -12.35 8.06
N LEU B 157 -23.19 -11.41 7.94
CA LEU B 157 -24.03 -11.00 9.10
C LEU B 157 -24.67 -12.22 9.78
N GLN B 158 -24.97 -13.30 9.05
CA GLN B 158 -25.64 -14.48 9.64
C GLN B 158 -24.64 -15.53 10.17
N LEU B 159 -23.35 -15.29 10.07
CA LEU B 159 -22.35 -16.10 10.77
C LEU B 159 -22.49 -15.90 12.28
N GLU B 160 -22.21 -16.94 13.04
CA GLU B 160 -22.36 -16.91 14.51
C GLU B 160 -21.51 -15.78 15.02
N GLY B 161 -22.11 -14.95 15.90
CA GLY B 161 -21.40 -13.83 16.55
C GLY B 161 -21.05 -12.68 15.62
N HIS B 162 -21.62 -12.62 14.42
CA HIS B 162 -21.25 -11.57 13.41
C HIS B 162 -22.37 -10.55 13.24
N ASN B 163 -23.55 -10.81 13.78
CA ASN B 163 -24.67 -9.87 13.55
C ASN B 163 -24.52 -8.57 14.37
N ILE B 164 -23.78 -7.62 13.82
CA ILE B 164 -23.50 -6.27 14.40
C ILE B 164 -24.77 -5.46 14.60
N PHE B 165 -25.89 -5.84 13.98
CA PHE B 165 -27.16 -5.08 14.10
C PHE B 165 -28.07 -5.82 15.09
N SER B 166 -27.49 -6.48 16.09
CA SER B 166 -28.25 -7.34 17.04
C SER B 166 -29.22 -6.45 17.82
N THR B 167 -28.80 -5.25 18.22
CA THR B 167 -29.53 -4.37 19.18
C THR B 167 -30.81 -3.80 18.53
N LEU B 168 -30.80 -3.66 17.20
CA LEU B 168 -31.86 -2.95 16.46
C LEU B 168 -33.19 -3.72 16.59
N SER B 169 -34.30 -2.99 16.68
CA SER B 169 -35.66 -3.55 16.51
C SER B 169 -35.82 -4.25 15.17
N SER B 170 -36.82 -5.13 15.05
CA SER B 170 -37.06 -5.87 13.78
C SER B 170 -37.19 -4.88 12.62
N SER B 171 -37.85 -3.74 12.83
CA SER B 171 -38.13 -2.78 11.74
C SER B 171 -36.88 -1.93 11.45
N GLU B 172 -36.07 -1.64 12.47
CA GLU B 172 -34.81 -0.91 12.27
C GLU B 172 -33.84 -1.81 11.52
N TYR B 173 -33.84 -3.09 11.85
CA TYR B 173 -32.98 -4.09 11.21
C TYR B 173 -33.34 -4.10 9.74
N GLU B 174 -34.63 -4.21 9.48
CA GLU B 174 -35.14 -4.32 8.10
C GLU B 174 -34.84 -3.02 7.33
N GLN B 175 -34.91 -1.89 8.01
CA GLN B 175 -34.59 -0.63 7.33
C GLN B 175 -33.09 -0.57 6.98
N VAL B 176 -32.21 -0.97 7.90
CA VAL B 176 -30.73 -0.87 7.71
C VAL B 176 -30.31 -1.87 6.60
N LEU B 177 -30.92 -3.05 6.49
CA LEU B 177 -30.54 -4.02 5.45
C LEU B 177 -31.07 -3.49 4.11
N GLU B 178 -32.17 -2.72 4.13
CA GLU B 178 -32.68 -2.14 2.86
C GLU B 178 -31.82 -0.97 2.41
N ILE B 179 -31.36 -0.15 3.35
CA ILE B 179 -30.42 0.94 3.04
C ILE B 179 -29.16 0.33 2.43
N ILE B 180 -28.62 -0.70 3.07
CA ILE B 180 -27.38 -1.39 2.58
C ILE B 180 -27.57 -1.98 1.18
N ARG B 181 -28.61 -2.74 0.98
CA ARG B 181 -28.97 -3.29 -0.33
C ARG B 181 -28.96 -2.23 -1.42
N LYS B 182 -29.77 -1.19 -1.28
CA LYS B 182 -29.86 -0.13 -2.31
C LYS B 182 -28.50 0.52 -2.50
N ALA B 183 -27.73 0.72 -1.42
CA ALA B 183 -26.43 1.42 -1.48
C ALA B 183 -25.45 0.53 -2.27
N ILE B 184 -25.41 -0.76 -1.95
CA ILE B 184 -24.51 -1.68 -2.72
C ILE B 184 -24.94 -1.73 -4.21
N ILE B 185 -26.21 -1.88 -4.48
CA ILE B 185 -26.67 -1.98 -5.90
C ILE B 185 -26.35 -0.72 -6.69
N ALA B 186 -26.47 0.44 -6.03
CA ALA B 186 -26.23 1.75 -6.67
C ALA B 186 -24.81 1.82 -7.22
N THR B 187 -23.87 1.05 -6.67
CA THR B 187 -22.48 1.05 -7.13
C THR B 187 -22.31 0.38 -8.48
N ASP B 188 -23.36 -0.16 -9.05
CA ASP B 188 -23.37 -0.60 -10.47
C ASP B 188 -23.37 0.68 -11.30
N LEU B 189 -22.24 1.01 -11.91
CA LEU B 189 -22.02 2.26 -12.66
C LEU B 189 -23.02 2.38 -13.81
N ALA B 190 -23.51 1.27 -14.30
CA ALA B 190 -24.55 1.27 -15.33
C ALA B 190 -25.82 1.93 -14.78
N LEU B 191 -26.03 1.92 -13.48
CA LEU B 191 -27.22 2.57 -12.90
C LEU B 191 -26.98 4.04 -12.52
N TYR B 192 -25.72 4.46 -12.43
CA TYR B 192 -25.39 5.84 -12.03
C TYR B 192 -25.92 6.83 -13.07
N PHE B 193 -25.89 6.47 -14.35
CA PHE B 193 -26.17 7.50 -15.42
C PHE B 193 -27.57 8.07 -15.24
N GLY B 194 -28.56 7.21 -15.19
CA GLY B 194 -29.94 7.59 -14.89
C GLY B 194 -30.07 8.23 -13.52
N ASN B 195 -29.41 7.70 -12.47
CA ASN B 195 -29.62 8.26 -11.11
C ASN B 195 -29.10 9.72 -11.05
N ARG B 196 -27.92 9.98 -11.58
CA ARG B 196 -27.43 11.36 -11.62
C ARG B 196 -28.33 12.27 -12.47
N LYS B 197 -28.76 11.80 -13.63
CA LYS B 197 -29.60 12.64 -14.55
C LYS B 197 -30.88 13.03 -13.81
N GLN B 198 -31.57 12.09 -13.20
CA GLN B 198 -32.79 12.38 -12.39
C GLN B 198 -32.51 13.36 -11.22
N LEU B 199 -31.40 13.20 -10.50
CA LEU B 199 -31.11 14.07 -9.36
C LEU B 199 -30.80 15.48 -9.85
N GLU B 200 -29.95 15.59 -10.88
CA GLU B 200 -29.57 16.87 -11.53
C GLU B 200 -30.84 17.64 -11.92
N GLU B 201 -31.79 16.93 -12.51
CA GLU B 201 -33.07 17.53 -12.95
C GLU B 201 -33.86 17.96 -11.70
N MET B 202 -34.10 17.02 -10.77
CA MET B 202 -34.85 17.34 -9.53
C MET B 202 -34.22 18.55 -8.84
N TYR B 203 -32.90 18.61 -8.78
CA TYR B 203 -32.22 19.69 -8.06
C TYR B 203 -32.45 21.03 -8.77
N GLN B 204 -32.12 21.10 -10.05
CA GLN B 204 -32.10 22.42 -10.74
C GLN B 204 -33.51 23.00 -10.90
N THR B 205 -34.56 22.22 -10.73
CA THR B 205 -35.94 22.70 -10.70
C THR B 205 -36.46 22.93 -9.28
N GLY B 206 -35.60 22.78 -8.25
CA GLY B 206 -36.05 22.88 -6.85
C GLY B 206 -37.11 21.87 -6.46
N SER B 207 -37.16 20.68 -7.04
CA SER B 207 -38.11 19.61 -6.65
C SER B 207 -37.48 18.53 -5.74
N LEU B 208 -36.17 18.60 -5.48
CA LEU B 208 -35.46 17.59 -4.64
C LEU B 208 -35.90 17.77 -3.19
N ASN B 209 -36.56 16.76 -2.66
CA ASN B 209 -37.02 16.77 -1.25
C ASN B 209 -36.31 15.66 -0.48
N LEU B 210 -35.36 16.01 0.35
CA LEU B 210 -34.64 15.02 1.20
C LEU B 210 -35.55 14.36 2.23
N ASN B 211 -36.78 14.82 2.41
CA ASN B 211 -37.70 14.13 3.35
C ASN B 211 -38.52 13.09 2.60
N ASN B 212 -38.42 13.10 1.27
CA ASN B 212 -38.99 12.07 0.39
C ASN B 212 -37.98 10.91 0.33
N GLN B 213 -38.36 9.72 0.76
CA GLN B 213 -37.45 8.56 0.84
C GLN B 213 -36.89 8.24 -0.55
N SER B 214 -37.78 8.18 -1.53
CA SER B 214 -37.43 7.98 -2.96
C SER B 214 -36.26 8.89 -3.35
N HIS B 215 -36.32 10.14 -2.94
CA HIS B 215 -35.24 11.09 -3.26
C HIS B 215 -34.02 10.76 -2.40
N ARG B 216 -34.22 10.44 -1.13
CA ARG B 216 -33.07 10.20 -0.23
C ARG B 216 -32.28 9.00 -0.78
N ASP B 217 -33.00 7.97 -1.22
CA ASP B 217 -32.41 6.79 -1.89
C ASP B 217 -31.50 7.17 -3.08
N ARG B 218 -31.93 8.14 -3.89
CA ARG B 218 -31.18 8.53 -5.09
C ARG B 218 -29.94 9.31 -4.64
N VAL B 219 -30.11 10.18 -3.64
CA VAL B 219 -28.92 10.92 -3.13
C VAL B 219 -27.91 9.94 -2.55
N ILE B 220 -28.39 8.96 -1.82
CA ILE B 220 -27.45 7.97 -1.24
C ILE B 220 -26.74 7.26 -2.40
N GLY B 221 -27.45 6.96 -3.46
CA GLY B 221 -26.88 6.21 -4.60
C GLY B 221 -25.77 7.00 -5.20
N LEU B 222 -25.98 8.30 -5.26
CA LEU B 222 -25.01 9.22 -5.85
C LEU B 222 -23.80 9.31 -4.94
N MET B 223 -24.03 9.31 -3.63
CA MET B 223 -22.91 9.33 -2.66
C MET B 223 -22.08 8.03 -2.80
N MET B 224 -22.74 6.89 -2.96
CA MET B 224 -22.03 5.59 -3.14
C MET B 224 -21.18 5.65 -4.42
N THR B 225 -21.70 6.21 -5.53
CA THR B 225 -20.87 6.31 -6.77
C THR B 225 -19.67 7.22 -6.51
N ALA B 226 -19.90 8.37 -5.90
CA ALA B 226 -18.82 9.33 -5.52
C ALA B 226 -17.73 8.64 -4.66
N CYS B 227 -18.12 7.99 -3.58
CA CYS B 227 -17.13 7.22 -2.75
C CYS B 227 -16.42 6.14 -3.58
N ASP B 228 -17.15 5.48 -4.46
CA ASP B 228 -16.61 4.34 -5.26
C ASP B 228 -15.62 4.86 -6.30
N LEU B 229 -15.83 6.08 -6.82
CA LEU B 229 -14.91 6.66 -7.84
C LEU B 229 -13.81 7.49 -7.21
N CYS B 230 -13.69 7.48 -5.88
CA CYS B 230 -12.92 8.51 -5.16
C CYS B 230 -11.43 8.48 -5.45
N SER B 231 -10.90 7.47 -6.14
CA SER B 231 -9.48 7.54 -6.56
C SER B 231 -9.20 8.86 -7.31
N VAL B 232 -10.17 9.33 -8.09
CA VAL B 232 -10.01 10.54 -8.94
C VAL B 232 -10.13 11.81 -8.08
N THR B 233 -10.42 11.69 -6.78
CA THR B 233 -10.54 12.85 -5.85
C THR B 233 -9.33 12.92 -4.92
N LYS B 234 -8.34 12.08 -5.18
CA LYS B 234 -7.13 12.09 -4.37
C LYS B 234 -6.15 13.04 -5.00
N LEU B 235 -5.06 13.28 -4.28
CA LEU B 235 -3.90 13.99 -4.86
C LEU B 235 -3.31 13.21 -6.03
N TRP B 236 -2.65 13.92 -6.92
CA TRP B 236 -2.27 13.32 -8.24
C TRP B 236 -1.50 11.99 -8.08
N PRO B 237 -0.46 11.95 -7.24
CA PRO B 237 0.35 10.75 -7.10
C PRO B 237 -0.47 9.50 -6.75
N VAL B 238 -1.48 9.66 -5.91
CA VAL B 238 -2.40 8.56 -5.53
C VAL B 238 -3.27 8.22 -6.75
N THR B 239 -3.86 9.24 -7.34
CA THR B 239 -4.74 9.09 -8.54
C THR B 239 -4.00 8.26 -9.61
N LYS B 240 -2.81 8.70 -9.98
CA LYS B 240 -1.96 8.08 -11.02
C LYS B 240 -1.73 6.60 -10.67
N LEU B 241 -1.18 6.34 -9.49
CA LEU B 241 -0.82 4.96 -9.09
C LEU B 241 -2.04 4.05 -8.94
N THR B 242 -3.13 4.55 -8.37
CA THR B 242 -4.40 3.80 -8.37
C THR B 242 -4.82 3.43 -9.81
N ALA B 243 -4.67 4.33 -10.75
CA ALA B 243 -5.04 4.09 -12.18
C ALA B 243 -4.25 2.91 -12.78
N ASN B 244 -2.96 2.78 -12.47
CA ASN B 244 -2.21 1.53 -12.78
C ASN B 244 -2.91 0.25 -12.30
N ASP B 245 -3.47 0.23 -11.08
CA ASP B 245 -4.19 -0.95 -10.52
C ASP B 245 -5.51 -1.22 -11.26
N ILE B 246 -6.23 -0.16 -11.54
CA ILE B 246 -7.49 -0.24 -12.31
C ILE B 246 -7.22 -0.92 -13.67
N TYR B 247 -6.20 -0.47 -14.37
CA TYR B 247 -5.89 -0.96 -15.71
C TYR B 247 -5.30 -2.34 -15.66
N ALA B 248 -4.63 -2.73 -14.57
CA ALA B 248 -4.14 -4.11 -14.38
C ALA B 248 -5.32 -5.08 -14.49
N GLU B 249 -6.43 -4.73 -13.86
CA GLU B 249 -7.64 -5.56 -13.90
C GLU B 249 -8.26 -5.45 -15.30
N PHE B 250 -8.48 -4.25 -15.77
CA PHE B 250 -9.14 -4.04 -17.10
C PHE B 250 -8.41 -4.82 -18.18
N TRP B 251 -7.08 -4.80 -18.15
CA TRP B 251 -6.25 -5.43 -19.19
C TRP B 251 -6.31 -6.97 -19.10
N ALA B 252 -6.24 -7.55 -17.90
CA ALA B 252 -6.52 -8.98 -17.61
C ALA B 252 -7.93 -9.35 -18.11
N GLU B 253 -8.94 -8.56 -17.79
CA GLU B 253 -10.29 -8.82 -18.33
C GLU B 253 -10.25 -8.77 -19.86
N GLY B 254 -9.64 -7.75 -20.43
CA GLY B 254 -9.42 -7.68 -21.90
C GLY B 254 -8.76 -8.95 -22.47
N ASP B 255 -7.80 -9.49 -21.75
CA ASP B 255 -7.06 -10.71 -22.18
C ASP B 255 -8.03 -11.88 -22.14
N GLU B 256 -8.90 -11.92 -21.12
CA GLU B 256 -9.88 -13.03 -21.00
C GLU B 256 -10.97 -12.92 -22.08
N MET B 257 -11.42 -11.72 -22.37
CA MET B 257 -12.29 -11.48 -23.54
C MET B 257 -11.65 -12.00 -24.85
N LYS B 258 -10.38 -11.66 -25.09
CA LYS B 258 -9.63 -12.20 -26.25
C LYS B 258 -9.63 -13.73 -26.22
N LYS B 259 -9.46 -14.36 -25.05
CA LYS B 259 -9.49 -15.84 -25.01
C LYS B 259 -10.86 -16.40 -25.38
N LEU B 260 -11.94 -15.64 -25.17
CA LEU B 260 -13.28 -16.11 -25.62
C LEU B 260 -13.49 -15.79 -27.09
N GLY B 261 -12.49 -15.29 -27.80
CA GLY B 261 -12.67 -14.90 -29.22
C GLY B 261 -13.47 -13.61 -29.32
N ILE B 262 -13.33 -12.73 -28.35
CA ILE B 262 -14.13 -11.46 -28.31
C ILE B 262 -13.20 -10.27 -28.20
N GLN B 263 -13.27 -9.38 -29.15
CA GLN B 263 -12.37 -8.20 -29.18
C GLN B 263 -12.83 -7.25 -28.08
N PRO B 264 -11.96 -6.89 -27.13
CA PRO B 264 -12.45 -6.14 -25.99
C PRO B 264 -12.59 -4.65 -26.34
N ILE B 265 -13.37 -3.95 -25.55
CA ILE B 265 -13.42 -2.46 -25.66
C ILE B 265 -12.02 -1.93 -25.40
N PRO B 266 -11.68 -0.78 -26.02
CA PRO B 266 -10.35 -0.19 -25.93
C PRO B 266 -9.77 -0.07 -24.51
N MET B 267 -10.64 0.26 -23.57
CA MET B 267 -10.32 0.47 -22.16
C MET B 267 -9.67 -0.80 -21.61
N MET B 268 -10.04 -1.97 -22.14
CA MET B 268 -9.59 -3.29 -21.65
C MET B 268 -8.49 -3.92 -22.52
N ASP B 269 -8.12 -3.26 -23.59
CA ASP B 269 -7.10 -3.78 -24.52
C ASP B 269 -5.72 -3.21 -24.15
N ARG B 270 -4.85 -4.04 -23.57
CA ARG B 270 -3.47 -3.60 -23.20
C ARG B 270 -2.72 -3.09 -24.44
N ASP B 271 -3.10 -3.52 -25.65
CA ASP B 271 -2.41 -3.04 -26.88
C ASP B 271 -2.71 -1.55 -27.03
N LYS B 272 -3.85 -1.09 -26.53
CA LYS B 272 -4.22 0.35 -26.64
C LYS B 272 -3.80 1.16 -25.39
N LYS B 273 -2.77 0.73 -24.69
CA LYS B 273 -2.18 1.38 -23.49
C LYS B 273 -1.81 2.86 -23.77
N ASP B 274 -1.38 3.20 -24.98
CA ASP B 274 -1.00 4.57 -25.40
C ASP B 274 -2.18 5.55 -25.24
N GLU B 275 -3.42 5.10 -25.42
CA GLU B 275 -4.60 5.99 -25.45
C GLU B 275 -5.18 6.20 -24.03
N VAL B 276 -4.48 5.83 -22.96
CA VAL B 276 -5.01 5.87 -21.57
C VAL B 276 -5.29 7.32 -21.11
N PRO B 277 -4.38 8.28 -21.38
CA PRO B 277 -4.64 9.67 -21.01
C PRO B 277 -5.95 10.22 -21.55
N GLN B 278 -6.17 10.09 -22.85
CA GLN B 278 -7.43 10.47 -23.51
C GLN B 278 -8.62 9.68 -22.93
N GLY B 279 -8.39 8.40 -22.63
CA GLY B 279 -9.43 7.55 -22.03
C GLY B 279 -9.83 8.09 -20.66
N GLN B 280 -8.85 8.51 -19.87
CA GLN B 280 -9.14 9.08 -18.54
C GLN B 280 -9.94 10.38 -18.73
N LEU B 281 -9.52 11.23 -19.68
CA LEU B 281 -10.17 12.54 -20.01
C LEU B 281 -11.64 12.23 -20.31
N GLY B 282 -11.86 11.14 -21.03
CA GLY B 282 -13.22 10.75 -21.45
C GLY B 282 -14.02 10.44 -20.20
N PHE B 283 -13.44 9.61 -19.33
CA PHE B 283 -14.09 9.18 -18.09
C PHE B 283 -14.37 10.39 -17.20
N TYR B 284 -13.42 11.32 -17.07
CA TYR B 284 -13.65 12.50 -16.19
C TYR B 284 -14.80 13.39 -16.71
N ASN B 285 -14.82 13.67 -18.00
CA ASN B 285 -15.87 14.50 -18.61
C ASN B 285 -17.21 13.77 -18.55
N ALA B 286 -17.23 12.44 -18.73
CA ALA B 286 -18.48 11.67 -18.92
C ALA B 286 -19.09 11.27 -17.59
N VAL B 287 -18.26 11.04 -16.56
CA VAL B 287 -18.71 10.36 -15.34
C VAL B 287 -18.25 11.15 -14.11
N ALA B 288 -16.96 11.31 -13.95
CA ALA B 288 -16.36 11.79 -12.68
C ALA B 288 -16.85 13.23 -12.44
N ILE B 289 -16.57 14.14 -13.38
CA ILE B 289 -16.89 15.59 -13.12
C ILE B 289 -18.39 15.78 -12.89
N PRO B 290 -19.29 15.21 -13.74
CA PRO B 290 -20.73 15.35 -13.50
C PRO B 290 -21.20 14.74 -12.18
N CYS B 291 -20.60 13.61 -11.80
CA CYS B 291 -20.88 12.97 -10.50
C CYS B 291 -20.65 13.94 -9.35
N TYR B 292 -19.46 14.51 -9.30
CA TYR B 292 -19.00 15.36 -8.19
C TYR B 292 -19.56 16.79 -8.32
N THR B 293 -20.07 17.16 -9.49
CA THR B 293 -20.73 18.47 -9.67
C THR B 293 -22.10 18.34 -9.04
N THR B 294 -22.83 17.30 -9.38
CA THR B 294 -24.18 17.09 -8.86
C THR B 294 -24.13 16.87 -7.35
N LEU B 295 -23.16 16.07 -6.86
CA LEU B 295 -23.02 15.84 -5.40
C LEU B 295 -22.78 17.20 -4.69
N THR B 296 -21.92 18.04 -5.24
CA THR B 296 -21.57 19.35 -4.61
C THR B 296 -22.81 20.26 -4.61
N GLN B 297 -23.56 20.26 -5.70
CA GLN B 297 -24.87 20.94 -5.74
C GLN B 297 -25.77 20.44 -4.61
N ILE B 298 -25.87 19.14 -4.41
CA ILE B 298 -26.89 18.64 -3.44
C ILE B 298 -26.31 18.72 -2.01
N LEU B 299 -24.99 18.55 -1.88
CA LEU B 299 -24.25 18.52 -0.57
C LEU B 299 -23.03 19.43 -0.70
N PRO B 300 -23.26 20.77 -0.68
CA PRO B 300 -22.18 21.76 -0.81
C PRO B 300 -20.91 21.47 -0.03
N PRO B 301 -20.93 20.90 1.18
CA PRO B 301 -19.64 20.61 1.84
C PRO B 301 -18.79 19.49 1.18
N THR B 302 -19.32 18.79 0.15
CA THR B 302 -18.54 17.77 -0.62
C THR B 302 -17.70 18.44 -1.73
N GLU B 303 -17.63 19.76 -1.71
CA GLU B 303 -16.87 20.53 -2.73
C GLU B 303 -15.44 20.04 -2.94
N PRO B 304 -14.68 19.74 -1.87
CA PRO B 304 -13.29 19.32 -2.06
C PRO B 304 -13.13 18.12 -3.01
N LEU B 305 -14.13 17.24 -3.08
CA LEU B 305 -14.09 16.13 -4.06
C LEU B 305 -14.13 16.67 -5.51
N LEU B 306 -15.01 17.62 -5.78
CA LEU B 306 -15.12 18.23 -7.14
C LEU B 306 -13.83 18.98 -7.45
N LYS B 307 -13.33 19.72 -6.48
CA LYS B 307 -12.10 20.50 -6.70
C LYS B 307 -10.95 19.55 -7.03
N ALA B 308 -10.76 18.52 -6.22
CA ALA B 308 -9.70 17.50 -6.45
C ALA B 308 -9.89 16.83 -7.82
N CYS B 309 -11.13 16.50 -8.16
CA CYS B 309 -11.42 15.84 -9.44
C CYS B 309 -11.01 16.78 -10.59
N ARG B 310 -11.41 18.04 -10.51
CA ARG B 310 -11.06 19.03 -11.57
CA ARG B 310 -11.06 19.04 -11.55
C ARG B 310 -9.54 19.13 -11.69
N ASP B 311 -8.81 19.16 -10.58
CA ASP B 311 -7.32 19.17 -10.57
C ASP B 311 -6.70 17.95 -11.25
N ASN B 312 -7.22 16.74 -10.97
CA ASN B 312 -6.72 15.55 -11.67
C ASN B 312 -7.09 15.61 -13.15
N LEU B 313 -8.25 16.15 -13.51
CA LEU B 313 -8.60 16.29 -14.95
C LEU B 313 -7.50 17.10 -15.62
N SER B 314 -7.06 18.15 -14.93
CA SER B 314 -6.00 19.07 -15.42
C SER B 314 -4.69 18.31 -15.58
N GLN B 315 -4.36 17.48 -14.60
CA GLN B 315 -3.13 16.66 -14.65
C GLN B 315 -3.15 15.69 -15.84
N TRP B 316 -4.30 15.11 -16.17
CA TRP B 316 -4.44 14.18 -17.33
C TRP B 316 -4.24 14.95 -18.63
N GLU B 317 -4.81 16.17 -18.69
CA GLU B 317 -4.65 17.07 -19.85
C GLU B 317 -3.17 17.43 -20.02
N LYS B 318 -2.42 17.57 -18.92
CA LYS B 318 -0.96 17.82 -19.01
C LYS B 318 -0.25 16.63 -19.65
N VAL B 319 -0.62 15.42 -19.28
CA VAL B 319 0.00 14.16 -19.83
C VAL B 319 -0.27 14.08 -21.33
N ILE B 320 -1.50 14.35 -21.77
CA ILE B 320 -1.88 14.21 -23.21
C ILE B 320 -1.01 15.12 -24.07
N ARG B 321 -0.95 16.41 -23.74
CA ARG B 321 -0.17 17.42 -24.52
C ARG B 321 1.31 17.03 -24.53
N GLY B 322 1.83 16.56 -23.40
CA GLY B 322 3.22 16.10 -23.27
C GLY B 322 3.96 16.87 -22.19
N GLU B 323 3.25 17.61 -21.34
CA GLU B 323 3.87 18.43 -20.26
C GLU B 323 4.23 17.57 -19.05
N GLU B 324 3.61 16.40 -18.89
CA GLU B 324 4.00 15.44 -17.83
C GLU B 324 4.12 14.03 -18.40
N THR B 325 4.90 13.18 -17.72
CA THR B 325 5.01 11.71 -17.94
C THR B 325 4.05 11.00 -16.96
N GLY C 12 22.65 -34.67 19.52
CA GLY C 12 23.29 -34.25 18.23
C GLY C 12 23.44 -35.42 17.29
N LEU C 13 22.49 -36.36 17.31
CA LEU C 13 22.54 -37.60 16.50
C LEU C 13 22.13 -37.29 15.05
N MET C 14 21.09 -36.47 14.85
CA MET C 14 20.60 -36.07 13.51
C MET C 14 21.36 -34.83 13.00
N GLN C 15 22.29 -35.04 12.08
CA GLN C 15 23.06 -33.93 11.47
C GLN C 15 22.51 -33.68 10.05
N PHE C 16 23.12 -32.72 9.38
CA PHE C 16 22.66 -32.33 8.02
C PHE C 16 23.81 -32.54 7.06
N THR C 17 23.49 -33.03 5.89
CA THR C 17 24.46 -33.13 4.78
C THR C 17 23.86 -32.36 3.62
N LEU C 18 24.69 -31.69 2.88
CA LEU C 18 24.21 -31.02 1.68
C LEU C 18 24.71 -31.85 0.53
N PRO C 19 24.00 -31.79 -0.60
CA PRO C 19 24.52 -32.33 -1.84
C PRO C 19 25.95 -31.82 -2.05
N VAL C 20 26.76 -32.61 -2.73
CA VAL C 20 28.22 -32.36 -2.91
C VAL C 20 28.52 -30.92 -3.32
N ARG C 21 27.78 -30.33 -4.27
CA ARG C 21 28.15 -28.98 -4.77
C ARG C 21 27.90 -27.94 -3.67
N LEU C 22 26.75 -28.02 -2.99
CA LEU C 22 26.42 -27.10 -1.87
C LEU C 22 27.44 -27.32 -0.72
N CYS C 23 27.69 -28.56 -0.38
CA CYS C 23 28.66 -28.94 0.69
C CYS C 23 29.97 -28.19 0.47
N LYS C 24 30.35 -28.03 -0.79
CA LYS C 24 31.64 -27.43 -1.16
C LYS C 24 31.52 -25.91 -1.24
N GLU C 25 30.49 -25.44 -1.93
CA GLU C 25 30.30 -24.00 -2.24
C GLU C 25 29.93 -23.20 -1.00
N ILE C 26 29.28 -23.83 -0.03
CA ILE C 26 28.75 -23.11 1.16
C ILE C 26 29.90 -22.49 1.96
N GLU C 27 31.13 -23.00 1.77
CA GLU C 27 32.31 -22.54 2.55
C GLU C 27 32.88 -21.27 1.93
N LEU C 28 32.46 -20.95 0.72
CA LEU C 28 32.90 -19.72 0.04
C LEU C 28 32.00 -18.53 0.42
N PHE C 29 32.59 -17.35 0.54
CA PHE C 29 31.86 -16.10 0.89
C PHE C 29 30.76 -15.72 -0.12
N HIS C 30 30.95 -16.04 -1.40
CA HIS C 30 30.00 -15.62 -2.47
C HIS C 30 28.90 -16.66 -2.78
N PHE C 31 28.83 -17.72 -2.04
CA PHE C 31 27.75 -18.73 -2.18
C PHE C 31 26.37 -18.09 -2.23
N ASP C 32 25.56 -18.56 -3.18
CA ASP C 32 24.15 -18.15 -3.30
C ASP C 32 23.34 -19.28 -2.72
N ILE C 33 22.35 -19.00 -1.88
CA ILE C 33 21.57 -20.13 -1.24
C ILE C 33 20.58 -20.82 -2.19
N GLY C 34 20.32 -20.26 -3.35
CA GLY C 34 19.49 -20.92 -4.36
C GLY C 34 18.00 -20.68 -4.18
N PRO C 35 17.21 -21.02 -5.22
CA PRO C 35 15.79 -20.66 -5.29
C PRO C 35 14.84 -21.64 -4.58
N PHE C 36 15.35 -22.75 -4.02
CA PHE C 36 14.54 -23.77 -3.37
C PHE C 36 14.37 -23.42 -1.87
N GLU C 37 13.22 -22.81 -1.54
CA GLU C 37 12.90 -22.31 -0.17
C GLU C 37 13.04 -23.43 0.85
N ASN C 38 12.58 -24.62 0.49
CA ASN C 38 12.40 -25.69 1.50
C ASN C 38 13.75 -26.29 1.88
N MET C 39 14.83 -25.87 1.23
CA MET C 39 16.21 -26.30 1.55
C MET C 39 16.85 -25.35 2.55
N TRP C 40 16.39 -24.08 2.64
CA TRP C 40 17.06 -23.00 3.38
C TRP C 40 17.12 -23.31 4.86
N PRO C 41 16.04 -23.85 5.46
CA PRO C 41 16.07 -24.19 6.88
C PRO C 41 17.21 -25.18 7.17
N GLY C 42 17.30 -26.26 6.40
CA GLY C 42 18.32 -27.29 6.67
C GLY C 42 19.70 -26.76 6.32
N ILE C 43 19.80 -25.89 5.34
CA ILE C 43 21.09 -25.14 5.08
C ILE C 43 21.43 -24.29 6.31
N PHE C 44 20.49 -23.60 6.93
CA PHE C 44 20.78 -22.81 8.15
C PHE C 44 21.21 -23.71 9.33
N VAL C 45 20.54 -24.85 9.52
CA VAL C 45 20.92 -25.81 10.61
C VAL C 45 22.31 -26.39 10.33
N TYR C 46 22.58 -26.75 9.07
CA TYR C 46 23.93 -27.20 8.62
C TYR C 46 24.98 -26.22 9.15
N MET C 47 24.78 -24.93 8.89
CA MET C 47 25.77 -23.93 9.32
C MET C 47 25.81 -23.86 10.85
N VAL C 48 24.69 -23.93 11.53
CA VAL C 48 24.73 -23.77 13.02
C VAL C 48 25.57 -24.92 13.58
N HIS C 49 25.31 -26.13 13.12
CA HIS C 49 25.99 -27.36 13.58
C HIS C 49 27.49 -27.33 13.26
N ARG C 50 27.88 -26.86 12.08
CA ARG C 50 29.32 -26.71 11.78
C ARG C 50 29.92 -25.55 12.57
N SER C 51 29.17 -24.46 12.68
CA SER C 51 29.66 -23.16 13.18
C SER C 51 29.69 -23.18 14.69
N CYS C 52 28.60 -23.64 15.27
CA CYS C 52 28.38 -23.61 16.73
C CYS C 52 28.70 -25.00 17.28
N GLY C 53 28.19 -26.05 16.66
CA GLY C 53 28.30 -27.44 17.18
C GLY C 53 26.96 -28.10 17.23
N THR C 54 26.94 -29.42 17.18
CA THR C 54 25.68 -30.21 17.12
C THR C 54 24.99 -30.18 18.49
N SER C 55 25.69 -29.69 19.50
CA SER C 55 25.20 -29.66 20.89
C SER C 55 24.67 -28.27 21.28
N CYS C 56 24.92 -27.24 20.48
CA CYS C 56 24.61 -25.86 20.90
C CYS C 56 23.12 -25.72 21.16
N PHE C 57 22.30 -26.41 20.37
CA PHE C 57 20.83 -26.25 20.37
C PHE C 57 20.17 -27.61 20.32
N GLU C 58 19.02 -27.71 20.99
CA GLU C 58 18.13 -28.88 20.83
C GLU C 58 17.47 -28.75 19.45
N LEU C 59 17.56 -29.79 18.63
CA LEU C 59 17.13 -29.76 17.21
C LEU C 59 15.62 -29.61 17.10
N GLU C 60 14.86 -30.19 18.02
CA GLU C 60 13.39 -30.01 18.04
C GLU C 60 13.11 -28.52 18.25
N LYS C 61 13.76 -27.94 19.25
CA LYS C 61 13.52 -26.52 19.62
C LYS C 61 13.94 -25.60 18.48
N LEU C 62 15.17 -25.80 17.97
CA LEU C 62 15.76 -25.00 16.86
C LEU C 62 14.83 -25.00 15.63
N CME C 63 14.37 -26.18 15.23
CA CME C 63 13.50 -26.31 14.03
CB CME C 63 13.23 -27.73 13.64
SG CME C 63 14.59 -28.35 12.62
SD CME C 63 14.32 -27.25 10.88
CE CME C 63 14.45 -28.35 9.45
CZ CME C 63 13.28 -28.23 8.53
OH CME C 63 13.51 -28.94 7.31
C CME C 63 12.21 -25.52 14.20
O CME C 63 11.78 -24.90 13.23
N ARG C 64 11.56 -25.61 15.35
CA ARG C 64 10.32 -24.87 15.48
C ARG C 64 10.60 -23.36 15.63
N PHE C 65 11.73 -22.99 16.24
CA PHE C 65 12.14 -21.58 16.26
C PHE C 65 12.22 -21.07 14.81
N ILE C 66 13.00 -21.78 14.01
CA ILE C 66 13.27 -21.43 12.60
C ILE C 66 11.96 -21.25 11.84
N MET C 67 10.98 -22.11 12.07
CA MET C 67 9.76 -22.10 11.22
C MET C 67 8.87 -20.96 11.71
N SER C 68 9.03 -20.57 12.96
CA SER C 68 8.30 -19.41 13.51
C SER C 68 8.91 -18.12 12.97
N VAL C 69 10.23 -18.07 12.86
CA VAL C 69 10.89 -16.86 12.32
C VAL C 69 10.46 -16.74 10.84
N LYS C 70 10.57 -17.84 10.13
CA LYS C 70 10.20 -17.89 8.69
C LYS C 70 8.82 -17.28 8.48
N LYS C 71 7.85 -17.75 9.26
CA LYS C 71 6.43 -17.38 9.20
C LYS C 71 6.29 -15.86 9.41
N ASN C 72 7.20 -15.24 10.16
CA ASN C 72 7.06 -13.81 10.51
C ASN C 72 7.87 -12.93 9.56
N TYR C 73 8.53 -13.49 8.57
CA TYR C 73 9.06 -12.72 7.44
C TYR C 73 7.92 -12.58 6.42
N ARG C 74 7.81 -11.40 5.80
CA ARG C 74 6.76 -11.12 4.81
C ARG C 74 7.25 -11.36 3.38
N ARG C 75 6.32 -11.48 2.45
CA ARG C 75 6.59 -11.72 1.01
C ARG C 75 6.86 -10.37 0.32
N VAL C 76 8.00 -9.80 0.61
CA VAL C 76 8.39 -8.48 0.06
C VAL C 76 9.59 -8.78 -0.82
N PRO C 77 9.92 -7.90 -1.75
CA PRO C 77 10.84 -8.30 -2.81
C PRO C 77 12.29 -8.58 -2.38
N TYR C 78 12.75 -7.95 -1.32
CA TYR C 78 14.17 -8.06 -0.89
C TYR C 78 14.26 -8.45 0.60
N HIS C 79 13.60 -7.69 1.48
CA HIS C 79 13.71 -7.90 2.97
C HIS C 79 12.91 -9.13 3.41
N ASN C 80 13.24 -10.25 2.86
CA ASN C 80 12.39 -11.46 2.95
C ASN C 80 13.15 -12.59 3.62
N TRP C 81 12.54 -13.77 3.70
CA TRP C 81 13.17 -14.99 4.27
C TRP C 81 14.51 -15.33 3.61
N LYS C 82 14.62 -15.15 2.29
CA LYS C 82 15.86 -15.44 1.54
C LYS C 82 16.99 -14.52 2.02
N HIS C 83 16.71 -13.23 2.18
CA HIS C 83 17.68 -12.26 2.74
C HIS C 83 18.19 -12.70 4.12
N ALA C 84 17.33 -13.17 5.01
CA ALA C 84 17.69 -13.58 6.38
C ALA C 84 18.70 -14.72 6.31
N VAL C 85 18.38 -15.78 5.57
CA VAL C 85 19.30 -16.95 5.48
C VAL C 85 20.58 -16.53 4.72
N THR C 86 20.46 -15.58 3.78
CA THR C 86 21.63 -15.12 2.98
C THR C 86 22.61 -14.36 3.91
N VAL C 87 22.07 -13.59 4.82
CA VAL C 87 22.89 -12.78 5.76
C VAL C 87 23.51 -13.73 6.80
N ALA C 88 22.72 -14.71 7.25
CA ALA C 88 23.23 -15.74 8.16
C ALA C 88 24.41 -16.44 7.51
N HIS C 89 24.37 -16.61 6.19
CA HIS C 89 25.39 -17.44 5.50
C HIS C 89 26.68 -16.64 5.47
N CYS C 90 26.60 -15.33 5.32
CA CYS C 90 27.79 -14.49 5.22
C CYS C 90 28.45 -14.51 6.59
N MET C 91 27.65 -14.53 7.65
CA MET C 91 28.18 -14.61 9.00
C MET C 91 28.83 -15.97 9.22
N TYR C 92 28.20 -17.04 8.77
CA TYR C 92 28.77 -18.40 8.87
C TYR C 92 30.19 -18.41 8.27
N ALA C 93 30.31 -17.93 7.05
CA ALA C 93 31.60 -17.80 6.35
C ALA C 93 32.60 -16.96 7.16
N ILE C 94 32.17 -15.85 7.78
CA ILE C 94 33.12 -14.99 8.54
C ILE C 94 33.61 -15.74 9.81
N LEU C 95 32.71 -16.42 10.49
CA LEU C 95 33.02 -17.23 11.70
C LEU C 95 33.93 -18.43 11.39
N GLN C 96 33.67 -19.18 10.32
CA GLN C 96 34.49 -20.37 9.98
C GLN C 96 35.89 -19.91 9.55
N ASN C 97 36.04 -18.70 9.01
CA ASN C 97 37.39 -18.21 8.59
C ASN C 97 38.06 -17.44 9.75
N ASN C 98 37.43 -17.33 10.92
CA ASN C 98 38.01 -16.60 12.07
C ASN C 98 37.67 -17.33 13.37
N HIS C 99 37.72 -18.65 13.38
CA HIS C 99 36.98 -19.46 14.38
C HIS C 99 37.57 -19.31 15.80
N THR C 100 38.82 -18.90 15.94
CA THR C 100 39.52 -18.83 17.25
C THR C 100 39.24 -17.48 17.88
N LEU C 101 38.66 -16.54 17.15
CA LEU C 101 38.48 -15.16 17.65
C LEU C 101 37.14 -14.99 18.39
N PHE C 102 36.22 -15.95 18.36
CA PHE C 102 34.87 -15.79 18.94
C PHE C 102 34.54 -16.79 20.03
N THR C 103 33.76 -16.31 20.98
CA THR C 103 33.27 -17.15 22.11
C THR C 103 32.16 -18.07 21.65
N ASP C 104 31.88 -19.06 22.50
CA ASP C 104 30.73 -19.98 22.36
C ASP C 104 29.43 -19.18 22.26
N LEU C 105 29.19 -18.29 23.21
CA LEU C 105 27.95 -17.49 23.26
C LEU C 105 27.82 -16.68 21.96
N GLU C 106 28.92 -16.13 21.44
CA GLU C 106 28.90 -15.26 20.23
C GLU C 106 28.54 -16.09 19.00
N ARG C 107 29.04 -17.33 18.93
CA ARG C 107 28.72 -18.29 17.84
C ARG C 107 27.23 -18.68 17.85
N LYS C 108 26.69 -19.10 18.99
CA LYS C 108 25.23 -19.36 19.11
C LYS C 108 24.49 -18.11 18.68
N GLY C 109 24.85 -16.96 19.25
CA GLY C 109 24.05 -15.73 19.15
C GLY C 109 24.03 -15.13 17.75
N LEU C 110 25.17 -15.15 17.03
CA LEU C 110 25.30 -14.30 15.83
C LEU C 110 24.54 -14.85 14.64
N LEU C 111 24.54 -16.15 14.42
CA LEU C 111 23.74 -16.75 13.33
C LEU C 111 22.26 -16.58 13.63
N ILE C 112 21.85 -16.71 14.89
CA ILE C 112 20.44 -16.41 15.30
C ILE C 112 20.10 -14.94 15.06
N ALA C 113 21.01 -14.05 15.45
CA ALA C 113 20.82 -12.59 15.27
C ALA C 113 20.61 -12.28 13.79
N CYS C 114 21.43 -12.85 12.92
CA CYS C 114 21.33 -12.69 11.45
C CYS C 114 20.01 -13.20 10.89
N LEU C 115 19.64 -14.43 11.25
CA LEU C 115 18.37 -15.01 10.79
C LEU C 115 17.19 -14.10 11.20
N CYS C 116 17.27 -13.47 12.36
CA CYS C 116 16.13 -12.66 12.93
C CYS C 116 16.24 -11.16 12.61
N HIS C 117 17.24 -10.69 11.89
CA HIS C 117 17.58 -9.24 11.93
C HIS C 117 16.62 -8.39 11.10
N ASP C 118 15.85 -8.99 10.20
CA ASP C 118 14.81 -8.22 9.50
C ASP C 118 13.41 -8.76 9.79
N LEU C 119 13.23 -9.36 10.96
CA LEU C 119 11.90 -9.96 11.32
C LEU C 119 10.77 -8.99 11.10
N ASP C 120 9.73 -9.44 10.38
CA ASP C 120 8.48 -8.70 10.18
C ASP C 120 8.72 -7.37 9.43
N HIS C 121 9.72 -7.31 8.57
CA HIS C 121 10.04 -6.13 7.75
C HIS C 121 8.93 -5.93 6.70
N ARG C 122 8.49 -4.69 6.51
CA ARG C 122 7.41 -4.39 5.54
CA ARG C 122 7.40 -4.35 5.56
C ARG C 122 8.00 -3.86 4.24
N GLY C 123 9.32 -3.86 4.08
CA GLY C 123 9.90 -3.32 2.85
C GLY C 123 10.01 -1.80 2.88
N PHE C 124 9.85 -1.16 4.05
CA PHE C 124 9.98 0.32 4.19
C PHE C 124 11.09 0.68 5.20
N SER C 125 11.73 1.79 4.93
CA SER C 125 12.80 2.38 5.76
C SER C 125 12.21 3.06 6.99
N ASN C 126 13.08 3.26 7.99
CA ASN C 126 12.76 4.06 9.19
C ASN C 126 12.28 5.49 8.83
N SER C 127 12.82 6.11 7.81
CA SER C 127 12.37 7.47 7.33
C SER C 127 10.87 7.43 7.01
N TYR C 128 10.44 6.39 6.31
CA TYR C 128 9.03 6.29 5.86
C TYR C 128 8.08 6.00 7.04
N LEU C 129 8.43 5.06 7.92
CA LEU C 129 7.63 4.85 9.16
C LEU C 129 7.51 6.18 9.90
N GLN C 130 8.63 6.85 10.10
CA GLN C 130 8.66 8.17 10.75
C GLN C 130 7.68 9.11 10.04
N LYS C 131 7.87 9.31 8.75
CA LYS C 131 7.06 10.29 7.97
C LYS C 131 5.60 9.86 7.84
N PHE C 132 5.32 8.55 7.83
CA PHE C 132 3.93 8.05 7.83
C PHE C 132 3.33 8.21 9.18
N ASP C 133 4.21 8.38 10.17
CA ASP C 133 3.84 8.45 11.59
C ASP C 133 3.23 7.09 11.98
N HIS C 134 3.98 6.02 11.77
CA HIS C 134 3.54 4.63 12.08
C HIS C 134 3.64 4.36 13.56
N PRO C 135 2.72 3.58 14.17
CA PRO C 135 2.83 3.26 15.58
C PRO C 135 4.25 2.83 16.03
N LEU C 136 5.01 2.12 15.18
CA LEU C 136 6.38 1.73 15.57
C LEU C 136 7.27 2.98 15.74
N ALA C 137 7.03 4.08 15.02
CA ALA C 137 7.92 5.26 15.09
C ALA C 137 7.77 5.95 16.43
N ALA C 138 6.62 5.79 17.09
CA ALA C 138 6.32 6.38 18.41
C ALA C 138 6.86 5.46 19.49
N LEU C 139 6.81 4.15 19.28
CA LEU C 139 7.37 3.20 20.27
C LEU C 139 8.92 3.22 20.16
N TYR C 140 9.45 3.28 18.96
CA TYR C 140 10.92 3.28 18.77
C TYR C 140 11.31 4.49 17.97
N SER C 141 11.79 5.53 18.64
CA SER C 141 12.03 6.83 17.96
C SER C 141 13.29 6.73 17.10
N THR C 142 14.31 5.96 17.49
CA THR C 142 15.49 5.70 16.60
C THR C 142 15.67 4.22 16.31
N SER C 143 16.38 3.89 15.23
CA SER C 143 16.55 2.47 14.82
C SER C 143 15.19 1.76 14.93
N THR C 144 14.14 2.44 14.47
CA THR C 144 12.71 2.01 14.72
C THR C 144 12.47 0.56 14.30
N MET C 145 12.81 0.19 13.06
CA MET C 145 12.49 -1.18 12.56
C MET C 145 13.36 -2.19 13.31
N GLU C 146 14.59 -1.79 13.65
CA GLU C 146 15.62 -2.70 14.21
C GLU C 146 15.25 -2.99 15.66
N GLN C 147 14.70 -2.01 16.37
CA GLN C 147 14.14 -2.29 17.72
C GLN C 147 12.95 -3.25 17.64
N HIS C 148 12.16 -3.15 16.56
CA HIS C 148 11.02 -4.02 16.30
C HIS C 148 11.52 -5.43 15.99
N HIS C 149 12.60 -5.58 15.21
CA HIS C 149 13.11 -6.90 14.82
C HIS C 149 13.58 -7.63 16.09
N PHE C 150 14.38 -6.97 16.95
CA PHE C 150 14.79 -7.62 18.22
C PHE C 150 13.57 -7.96 19.09
N SER C 151 12.62 -7.03 19.25
CA SER C 151 11.39 -7.29 20.03
C SER C 151 10.66 -8.53 19.48
N GLN C 152 10.39 -8.61 18.16
CA GLN C 152 9.81 -9.81 17.53
C GLN C 152 10.62 -11.04 17.90
N THR C 153 11.94 -10.93 17.84
CA THR C 153 12.84 -12.09 18.10
C THR C 153 12.58 -12.62 19.50
N VAL C 154 12.44 -11.71 20.45
CA VAL C 154 12.16 -12.06 21.87
C VAL C 154 10.79 -12.71 21.98
N SER C 155 9.82 -12.21 21.23
CA SER C 155 8.44 -12.76 21.30
C SER C 155 8.45 -14.21 20.81
N ILE C 156 9.21 -14.46 19.74
CA ILE C 156 9.38 -15.85 19.20
C ILE C 156 10.08 -16.72 20.26
N LEU C 157 11.10 -16.20 20.93
CA LEU C 157 11.82 -17.01 21.95
C LEU C 157 10.96 -17.26 23.18
N GLN C 158 9.90 -16.49 23.40
CA GLN C 158 9.02 -16.67 24.59
C GLN C 158 7.82 -17.55 24.24
N LEU C 159 7.73 -18.03 23.01
CA LEU C 159 6.71 -19.01 22.60
C LEU C 159 6.99 -20.37 23.24
N GLU C 160 5.92 -21.15 23.45
CA GLU C 160 6.04 -22.48 24.12
C GLU C 160 6.83 -23.40 23.20
N GLY C 161 7.87 -24.03 23.71
CA GLY C 161 8.73 -24.94 22.94
C GLY C 161 9.81 -24.22 22.15
N HIS C 162 9.85 -22.88 22.14
CA HIS C 162 10.71 -22.13 21.18
C HIS C 162 11.99 -21.62 21.85
N ASN C 163 12.16 -21.80 23.15
CA ASN C 163 13.33 -21.21 23.80
C ASN C 163 14.58 -22.04 23.53
N ILE C 164 15.23 -21.78 22.38
CA ILE C 164 16.44 -22.55 21.96
C ILE C 164 17.58 -22.33 22.98
N PHE C 165 17.50 -21.28 23.80
CA PHE C 165 18.60 -20.92 24.76
C PHE C 165 18.25 -21.43 26.18
N SER C 166 17.34 -22.39 26.32
CA SER C 166 16.78 -22.81 27.62
C SER C 166 17.81 -23.49 28.54
N THR C 167 18.90 -24.05 28.02
CA THR C 167 19.93 -24.77 28.83
C THR C 167 20.93 -23.78 29.43
N LEU C 168 21.00 -22.54 28.95
CA LEU C 168 22.02 -21.57 29.39
C LEU C 168 21.67 -21.16 30.81
N SER C 169 22.66 -20.67 31.56
CA SER C 169 22.44 -20.05 32.88
C SER C 169 21.77 -18.70 32.67
N SER C 170 21.27 -18.12 33.75
CA SER C 170 20.56 -16.82 33.68
C SER C 170 21.52 -15.77 33.10
N SER C 171 22.79 -15.85 33.49
CA SER C 171 23.79 -14.84 33.10
C SER C 171 24.11 -15.01 31.62
N GLU C 172 24.33 -16.24 31.19
CA GLU C 172 24.60 -16.58 29.79
C GLU C 172 23.40 -16.24 28.89
N TYR C 173 22.19 -16.55 29.34
CA TYR C 173 20.93 -16.17 28.65
C TYR C 173 20.87 -14.66 28.40
N GLU C 174 21.01 -13.84 29.44
CA GLU C 174 20.99 -12.35 29.30
CA GLU C 174 20.96 -12.36 29.25
C GLU C 174 22.18 -11.89 28.45
N GLN C 175 23.27 -12.62 28.53
CA GLN C 175 24.48 -12.22 27.76
C GLN C 175 24.19 -12.39 26.26
N VAL C 176 23.63 -13.53 25.92
CA VAL C 176 23.39 -13.93 24.51
C VAL C 176 22.33 -13.00 23.94
N LEU C 177 21.30 -12.67 24.74
CA LEU C 177 20.22 -11.77 24.29
C LEU C 177 20.79 -10.38 24.10
N GLU C 178 21.80 -10.04 24.88
CA GLU C 178 22.51 -8.75 24.65
C GLU C 178 23.37 -8.79 23.36
N ILE C 179 23.97 -9.94 23.08
CA ILE C 179 24.79 -10.08 21.85
C ILE C 179 23.83 -9.88 20.67
N ILE C 180 22.61 -10.45 20.79
CA ILE C 180 21.59 -10.44 19.70
C ILE C 180 21.06 -9.02 19.48
N ARG C 181 20.72 -8.32 20.56
CA ARG C 181 20.14 -6.97 20.49
C ARG C 181 21.12 -6.06 19.80
N LYS C 182 22.31 -5.93 20.37
CA LYS C 182 23.32 -5.02 19.77
C LYS C 182 23.56 -5.33 18.29
N ALA C 183 23.62 -6.64 17.95
CA ALA C 183 23.90 -7.16 16.61
C ALA C 183 22.83 -6.69 15.62
N ILE C 184 21.56 -6.82 16.03
CA ILE C 184 20.40 -6.45 15.17
C ILE C 184 20.26 -4.92 15.14
N ILE C 185 20.47 -4.25 16.27
CA ILE C 185 20.46 -2.77 16.28
C ILE C 185 21.59 -2.27 15.35
N ALA C 186 22.67 -3.04 15.22
CA ALA C 186 23.82 -2.57 14.42
C ALA C 186 23.46 -2.54 12.92
N THR C 187 22.45 -3.31 12.50
CA THR C 187 22.00 -3.37 11.10
C THR C 187 21.30 -2.07 10.66
N ASP C 188 21.08 -1.13 11.58
CA ASP C 188 20.62 0.21 11.20
C ASP C 188 21.83 0.89 10.55
N LEU C 189 21.72 1.16 9.27
CA LEU C 189 22.82 1.73 8.48
C LEU C 189 23.15 3.14 8.95
N ALA C 190 22.22 3.83 9.59
CA ALA C 190 22.46 5.18 10.15
C ALA C 190 23.48 5.07 11.30
N LEU C 191 23.61 3.89 11.95
CA LEU C 191 24.63 3.73 13.02
C LEU C 191 25.94 3.24 12.42
N TYR C 192 25.93 2.78 11.17
CA TYR C 192 27.14 2.17 10.59
C TYR C 192 28.28 3.18 10.49
N PHE C 193 27.97 4.38 9.99
CA PHE C 193 29.00 5.38 9.66
C PHE C 193 29.79 5.71 10.93
N GLY C 194 29.09 5.86 12.05
CA GLY C 194 29.72 6.14 13.34
C GLY C 194 30.55 4.97 13.83
N ASN C 195 29.98 3.77 13.77
CA ASN C 195 30.69 2.55 14.16
C ASN C 195 32.00 2.40 13.39
N ARG C 196 31.95 2.53 12.07
CA ARG C 196 33.11 2.19 11.21
C ARG C 196 34.24 3.20 11.45
N LYS C 197 33.87 4.46 11.65
CA LYS C 197 34.80 5.55 11.91
C LYS C 197 35.51 5.32 13.24
N GLN C 198 34.78 5.00 14.29
CA GLN C 198 35.38 4.69 15.60
C GLN C 198 36.29 3.48 15.53
N LEU C 199 35.83 2.40 14.91
CA LEU C 199 36.62 1.15 14.76
C LEU C 199 37.89 1.39 13.96
N GLU C 200 37.75 1.98 12.77
CA GLU C 200 38.90 2.46 11.97
C GLU C 200 39.94 3.16 12.85
N GLU C 201 39.53 4.11 13.67
CA GLU C 201 40.48 4.92 14.46
C GLU C 201 41.16 4.03 15.52
N MET C 202 40.44 3.04 16.05
CA MET C 202 41.00 2.11 17.03
C MET C 202 42.02 1.21 16.35
N TYR C 203 41.68 0.70 15.15
CA TYR C 203 42.59 -0.18 14.39
C TYR C 203 43.87 0.58 14.05
N GLN C 204 43.76 1.83 13.56
CA GLN C 204 44.87 2.63 13.06
C GLN C 204 45.71 3.09 14.26
N THR C 205 45.13 3.39 15.43
CA THR C 205 45.91 3.88 16.60
C THR C 205 46.47 2.70 17.38
N GLY C 206 46.05 1.50 17.03
CA GLY C 206 46.53 0.29 17.69
C GLY C 206 45.92 0.11 19.07
N SER C 207 44.82 0.81 19.37
CA SER C 207 44.11 0.73 20.67
C SER C 207 43.04 -0.35 20.62
N LEU C 208 42.73 -0.85 19.42
CA LEU C 208 41.71 -1.92 19.27
C LEU C 208 42.08 -3.17 20.07
N ASN C 209 41.14 -3.64 20.86
CA ASN C 209 41.40 -4.66 21.90
C ASN C 209 40.22 -5.59 21.99
N LEU C 210 40.38 -6.79 21.45
CA LEU C 210 39.28 -7.79 21.43
C LEU C 210 38.97 -8.34 22.84
N ASN C 211 39.77 -8.02 23.86
CA ASN C 211 39.45 -8.35 25.28
C ASN C 211 38.51 -7.30 25.84
N ASN C 212 38.41 -6.16 25.17
CA ASN C 212 37.51 -5.07 25.62
C ASN C 212 36.15 -5.31 24.99
N GLN C 213 35.13 -5.46 25.83
CA GLN C 213 33.76 -5.78 25.40
C GLN C 213 33.17 -4.73 24.45
N SER C 214 33.29 -3.45 24.74
CA SER C 214 32.75 -2.37 23.86
C SER C 214 33.48 -2.40 22.50
N HIS C 215 34.76 -2.77 22.51
CA HIS C 215 35.49 -3.00 21.23
C HIS C 215 34.91 -4.18 20.46
N ARG C 216 34.74 -5.31 21.14
CA ARG C 216 34.14 -6.51 20.53
C ARG C 216 32.77 -6.16 19.91
N ASP C 217 31.93 -5.41 20.63
CA ASP C 217 30.58 -5.00 20.18
C ASP C 217 30.68 -4.26 18.85
N ARG C 218 31.65 -3.38 18.74
CA ARG C 218 31.86 -2.56 17.53
C ARG C 218 32.25 -3.45 16.37
N VAL C 219 33.12 -4.43 16.64
CA VAL C 219 33.58 -5.37 15.59
C VAL C 219 32.39 -6.19 15.10
N ILE C 220 31.63 -6.72 16.02
CA ILE C 220 30.42 -7.52 15.69
C ILE C 220 29.44 -6.69 14.89
N GLY C 221 29.29 -5.41 15.24
CA GLY C 221 28.41 -4.52 14.47
C GLY C 221 28.89 -4.31 13.07
N LEU C 222 30.21 -4.18 12.88
CA LEU C 222 30.74 -4.06 11.52
C LEU C 222 30.50 -5.36 10.73
N MET C 223 30.72 -6.48 11.38
CA MET C 223 30.36 -7.81 10.83
C MET C 223 28.90 -7.84 10.36
N MET C 224 27.97 -7.33 11.17
CA MET C 224 26.57 -7.37 10.82
C MET C 224 26.30 -6.55 9.56
N THR C 225 26.92 -5.37 9.44
CA THR C 225 26.79 -4.51 8.26
C THR C 225 27.30 -5.31 7.05
N ALA C 226 28.51 -5.86 7.16
CA ALA C 226 29.14 -6.68 6.09
C ALA C 226 28.16 -7.78 5.63
N CYS C 227 27.55 -8.48 6.57
CA CYS C 227 26.64 -9.63 6.28
C CYS C 227 25.35 -9.10 5.61
N ASP C 228 24.84 -7.98 6.14
CA ASP C 228 23.61 -7.35 5.64
C ASP C 228 23.73 -6.90 4.20
N LEU C 229 24.87 -6.28 3.85
CA LEU C 229 25.10 -5.71 2.52
C LEU C 229 25.73 -6.74 1.55
N CYS C 230 25.81 -8.00 1.92
CA CYS C 230 26.62 -9.01 1.22
C CYS C 230 26.11 -9.29 -0.22
N SER C 231 24.93 -8.81 -0.61
CA SER C 231 24.56 -8.91 -2.07
C SER C 231 25.69 -8.34 -2.97
N VAL C 232 26.45 -7.37 -2.49
CA VAL C 232 27.53 -6.67 -3.24
C VAL C 232 28.82 -7.50 -3.23
N THR C 233 28.85 -8.65 -2.59
CA THR C 233 30.04 -9.53 -2.54
C THR C 233 29.76 -10.83 -3.28
N LYS C 234 28.67 -10.89 -4.02
CA LYS C 234 28.36 -12.10 -4.80
C LYS C 234 29.00 -11.93 -6.19
N LEU C 235 28.94 -12.98 -6.98
CA LEU C 235 29.30 -12.94 -8.41
C LEU C 235 28.28 -12.05 -9.10
N TRP C 236 28.74 -11.33 -10.13
CA TRP C 236 27.96 -10.24 -10.76
C TRP C 236 26.51 -10.62 -11.07
N PRO C 237 26.23 -11.81 -11.65
CA PRO C 237 24.86 -12.12 -12.02
C PRO C 237 23.92 -12.16 -10.83
N VAL C 238 24.45 -12.50 -9.65
CA VAL C 238 23.65 -12.48 -8.41
C VAL C 238 23.51 -11.01 -7.97
N THR C 239 24.59 -10.26 -7.98
CA THR C 239 24.55 -8.87 -7.48
C THR C 239 23.53 -8.07 -8.28
N LYS C 240 23.54 -8.23 -9.61
CA LYS C 240 22.68 -7.48 -10.53
C LYS C 240 21.21 -7.86 -10.25
N LEU C 241 20.92 -9.14 -10.12
CA LEU C 241 19.54 -9.62 -9.87
C LEU C 241 19.04 -9.20 -8.48
N THR C 242 19.86 -9.35 -7.43
CA THR C 242 19.47 -8.83 -6.12
C THR C 242 19.17 -7.31 -6.21
N ALA C 243 19.98 -6.56 -6.96
CA ALA C 243 19.76 -5.07 -7.09
C ALA C 243 18.32 -4.76 -7.58
N ASN C 244 17.79 -5.55 -8.49
CA ASN C 244 16.41 -5.43 -9.00
C ASN C 244 15.41 -5.51 -7.84
N ASP C 245 15.58 -6.50 -6.98
CA ASP C 245 14.70 -6.69 -5.80
C ASP C 245 14.81 -5.48 -4.89
N ILE C 246 16.03 -5.00 -4.67
CA ILE C 246 16.36 -3.86 -3.76
C ILE C 246 15.63 -2.61 -4.27
N TYR C 247 15.74 -2.32 -5.55
CA TYR C 247 15.06 -1.16 -6.15
C TYR C 247 13.53 -1.37 -6.26
N ALA C 248 13.02 -2.58 -6.41
CA ALA C 248 11.55 -2.86 -6.30
C ALA C 248 11.01 -2.36 -4.97
N GLU C 249 11.75 -2.56 -3.88
CA GLU C 249 11.31 -2.07 -2.57
C GLU C 249 11.47 -0.55 -2.50
N PHE C 250 12.63 -0.04 -2.89
CA PHE C 250 12.93 1.41 -2.85
C PHE C 250 11.88 2.18 -3.63
N TRP C 251 11.63 1.75 -4.86
CA TRP C 251 10.70 2.48 -5.75
C TRP C 251 9.26 2.40 -5.19
N ALA C 252 8.87 1.31 -4.55
CA ALA C 252 7.52 1.24 -3.92
C ALA C 252 7.48 2.17 -2.70
N GLU C 253 8.59 2.31 -1.97
CA GLU C 253 8.61 3.26 -0.83
C GLU C 253 8.50 4.69 -1.39
N GLY C 254 9.19 4.93 -2.49
CA GLY C 254 9.12 6.19 -3.24
C GLY C 254 7.70 6.50 -3.66
N ASP C 255 6.99 5.54 -4.24
CA ASP C 255 5.56 5.70 -4.60
C ASP C 255 4.79 6.15 -3.35
N GLU C 256 5.06 5.55 -2.19
CA GLU C 256 4.27 5.81 -0.96
C GLU C 256 4.64 7.20 -0.39
N MET C 257 5.86 7.65 -0.62
CA MET C 257 6.30 9.00 -0.21
C MET C 257 5.53 10.05 -1.04
N LYS C 258 5.40 9.80 -2.33
CA LYS C 258 4.58 10.69 -3.22
C LYS C 258 3.12 10.75 -2.74
N LYS C 259 2.56 9.63 -2.26
CA LYS C 259 1.21 9.57 -1.70
C LYS C 259 1.07 10.37 -0.42
N LEU C 260 2.12 10.44 0.39
CA LEU C 260 2.09 11.32 1.57
C LEU C 260 2.34 12.77 1.14
N GLY C 261 2.51 13.07 -0.14
CA GLY C 261 2.76 14.45 -0.61
C GLY C 261 4.22 14.86 -0.46
N ILE C 262 5.15 13.90 -0.47
CA ILE C 262 6.60 14.22 -0.33
C ILE C 262 7.39 13.71 -1.54
N GLN C 263 8.25 14.56 -2.10
CA GLN C 263 9.11 14.12 -3.23
C GLN C 263 10.19 13.23 -2.63
N PRO C 264 10.34 11.98 -3.07
CA PRO C 264 11.30 11.09 -2.42
C PRO C 264 12.74 11.41 -2.87
N ILE C 265 13.68 10.87 -2.15
CA ILE C 265 15.11 10.91 -2.55
C ILE C 265 15.18 10.15 -3.87
N PRO C 266 16.10 10.54 -4.78
CA PRO C 266 16.24 9.92 -6.08
C PRO C 266 16.33 8.39 -6.11
N MET C 267 16.97 7.85 -5.11
CA MET C 267 17.16 6.39 -4.95
C MET C 267 15.81 5.65 -4.96
N MET C 268 14.74 6.31 -4.51
CA MET C 268 13.40 5.69 -4.33
C MET C 268 12.43 6.23 -5.37
N ASP C 269 12.91 7.05 -6.30
CA ASP C 269 12.04 7.60 -7.37
C ASP C 269 12.24 6.74 -8.60
N ARG C 270 11.26 5.92 -8.92
CA ARG C 270 11.36 5.07 -10.14
C ARG C 270 11.59 5.94 -11.39
N ASP C 271 11.24 7.21 -11.34
CA ASP C 271 11.36 8.11 -12.52
C ASP C 271 12.82 8.46 -12.76
N LYS C 272 13.69 8.27 -11.77
CA LYS C 272 15.14 8.51 -11.94
C LYS C 272 15.90 7.20 -12.16
N LYS C 273 15.20 6.16 -12.62
CA LYS C 273 15.71 4.79 -12.90
C LYS C 273 17.03 4.83 -13.68
N ASP C 274 17.14 5.74 -14.65
CA ASP C 274 18.32 5.80 -15.56
C ASP C 274 19.62 6.11 -14.77
N GLU C 275 19.56 6.65 -13.55
CA GLU C 275 20.79 7.05 -12.81
C GLU C 275 21.18 5.96 -11.80
N VAL C 276 20.63 4.76 -11.92
CA VAL C 276 20.85 3.67 -10.92
C VAL C 276 22.32 3.27 -10.88
N PRO C 277 23.00 3.15 -12.03
CA PRO C 277 24.43 2.82 -12.04
C PRO C 277 25.32 3.80 -11.26
N GLN C 278 25.16 5.10 -11.55
CA GLN C 278 25.86 6.18 -10.82
C GLN C 278 25.55 6.04 -9.34
N GLY C 279 24.31 5.73 -8.98
CA GLY C 279 23.87 5.58 -7.59
C GLY C 279 24.54 4.40 -6.94
N GLN C 280 24.65 3.29 -7.66
CA GLN C 280 25.39 2.12 -7.17
C GLN C 280 26.86 2.52 -6.89
N LEU C 281 27.52 3.18 -7.87
CA LEU C 281 28.91 3.66 -7.68
C LEU C 281 28.97 4.42 -6.36
N GLY C 282 28.02 5.34 -6.17
CA GLY C 282 28.00 6.20 -4.98
C GLY C 282 27.95 5.35 -3.73
N PHE C 283 27.17 4.28 -3.76
CA PHE C 283 26.95 3.40 -2.59
C PHE C 283 28.20 2.57 -2.32
N TYR C 284 28.76 1.98 -3.35
CA TYR C 284 30.00 1.20 -3.21
C TYR C 284 31.12 2.08 -2.63
N ASN C 285 31.25 3.31 -3.10
CA ASN C 285 32.32 4.25 -2.68
C ASN C 285 32.04 4.79 -1.28
N ALA C 286 30.79 5.12 -0.98
CA ALA C 286 30.41 5.77 0.29
C ALA C 286 30.32 4.73 1.40
N VAL C 287 29.84 3.53 1.10
CA VAL C 287 29.33 2.61 2.15
C VAL C 287 30.02 1.24 2.07
N ALA C 288 29.87 0.56 0.95
CA ALA C 288 30.28 -0.85 0.83
C ALA C 288 31.82 -0.99 0.84
N ILE C 289 32.54 -0.25 0.00
CA ILE C 289 34.03 -0.41 -0.03
C ILE C 289 34.59 -0.10 1.36
N PRO C 290 34.34 1.08 1.99
CA PRO C 290 34.85 1.35 3.33
C PRO C 290 34.52 0.23 4.32
N CYS C 291 33.31 -0.32 4.22
CA CYS C 291 32.81 -1.33 5.18
C CYS C 291 33.67 -2.57 5.08
N TYR C 292 33.87 -3.07 3.88
CA TYR C 292 34.70 -4.28 3.70
C TYR C 292 36.20 -3.99 3.91
N THR C 293 36.64 -2.78 3.58
CA THR C 293 38.06 -2.36 3.76
C THR C 293 38.46 -2.47 5.24
N THR C 294 37.70 -1.79 6.10
CA THR C 294 37.88 -1.85 7.58
C THR C 294 37.73 -3.29 8.09
N LEU C 295 36.75 -4.01 7.57
CA LEU C 295 36.49 -5.38 8.01
C LEU C 295 37.69 -6.28 7.70
N THR C 296 38.32 -6.06 6.57
CA THR C 296 39.48 -6.87 6.12
C THR C 296 40.72 -6.53 6.97
N GLN C 297 40.92 -5.25 7.33
CA GLN C 297 41.98 -4.84 8.28
C GLN C 297 41.78 -5.54 9.62
N ILE C 298 40.55 -5.63 10.14
CA ILE C 298 40.39 -6.22 11.50
C ILE C 298 40.45 -7.75 11.36
N LEU C 299 39.86 -8.31 10.32
CA LEU C 299 39.76 -9.78 10.12
C LEU C 299 40.25 -10.10 8.72
N PRO C 300 41.60 -10.23 8.55
CA PRO C 300 42.18 -10.41 7.22
C PRO C 300 41.58 -11.56 6.42
N PRO C 301 41.17 -12.69 7.03
CA PRO C 301 40.55 -13.74 6.24
C PRO C 301 39.20 -13.41 5.55
N THR C 302 38.63 -12.22 5.75
CA THR C 302 37.35 -11.80 5.11
C THR C 302 37.65 -11.03 3.84
N GLU C 303 38.92 -10.99 3.44
CA GLU C 303 39.43 -10.37 2.20
C GLU C 303 38.59 -10.68 0.98
N PRO C 304 38.15 -11.92 0.76
CA PRO C 304 37.33 -12.20 -0.43
C PRO C 304 36.04 -11.36 -0.55
N LEU C 305 35.48 -10.94 0.58
CA LEU C 305 34.30 -10.06 0.56
C LEU C 305 34.68 -8.74 -0.10
N LEU C 306 35.84 -8.19 0.22
CA LEU C 306 36.28 -6.87 -0.32
C LEU C 306 36.65 -7.03 -1.80
N LYS C 307 37.25 -8.16 -2.15
CA LYS C 307 37.67 -8.37 -3.55
C LYS C 307 36.43 -8.45 -4.42
N ALA C 308 35.48 -9.31 -4.05
CA ALA C 308 34.22 -9.43 -4.82
C ALA C 308 33.53 -8.06 -4.93
N CYS C 309 33.54 -7.28 -3.85
CA CYS C 309 32.88 -5.93 -3.82
C CYS C 309 33.57 -4.99 -4.80
N ARG C 310 34.90 -4.98 -4.83
CA ARG C 310 35.63 -4.21 -5.90
C ARG C 310 35.34 -4.79 -7.29
N ASP C 311 35.29 -6.11 -7.47
CA ASP C 311 34.90 -6.69 -8.76
C ASP C 311 33.54 -6.15 -9.22
N ASN C 312 32.60 -5.94 -8.28
CA ASN C 312 31.25 -5.46 -8.64
C ASN C 312 31.26 -3.96 -8.90
N LEU C 313 32.04 -3.18 -8.16
CA LEU C 313 32.21 -1.74 -8.43
C LEU C 313 32.63 -1.61 -9.91
N SER C 314 33.51 -2.50 -10.36
CA SER C 314 34.09 -2.44 -11.72
C SER C 314 33.01 -2.81 -12.76
N GLN C 315 32.13 -3.75 -12.43
CA GLN C 315 30.97 -4.06 -13.30
C GLN C 315 30.03 -2.85 -13.36
N TRP C 316 29.74 -2.20 -12.25
CA TRP C 316 28.87 -1.00 -12.26
C TRP C 316 29.52 0.10 -13.10
N GLU C 317 30.83 0.27 -13.01
CA GLU C 317 31.54 1.25 -13.90
C GLU C 317 31.37 0.85 -15.36
N LYS C 318 31.57 -0.41 -15.74
CA LYS C 318 31.43 -0.86 -17.14
C LYS C 318 30.02 -0.55 -17.65
N VAL C 319 29.00 -0.78 -16.83
CA VAL C 319 27.60 -0.43 -17.21
C VAL C 319 27.50 1.09 -17.48
N ILE C 320 28.11 1.93 -16.64
CA ILE C 320 28.09 3.41 -16.81
C ILE C 320 28.75 3.84 -18.12
N ARG C 321 29.76 3.11 -18.59
CA ARG C 321 30.43 3.43 -19.87
C ARG C 321 29.59 2.90 -21.04
N GLY C 322 28.60 2.04 -20.80
CA GLY C 322 27.74 1.49 -21.88
C GLY C 322 28.13 0.08 -22.30
N GLU C 323 29.16 -0.52 -21.68
CA GLU C 323 29.62 -1.91 -22.00
C GLU C 323 28.72 -3.00 -21.38
N GLU C 324 27.51 -2.66 -20.90
CA GLU C 324 26.51 -3.62 -20.35
C GLU C 324 25.31 -2.82 -19.81
N TRP D 10 20.08 40.27 38.28
CA TRP D 10 20.19 40.76 39.68
C TRP D 10 18.80 41.14 40.20
N GLN D 11 18.21 42.19 39.63
CA GLN D 11 16.81 42.62 39.91
C GLN D 11 15.86 41.91 38.94
N GLY D 12 16.37 41.41 37.80
CA GLY D 12 15.58 40.81 36.69
C GLY D 12 15.10 39.40 37.01
N LEU D 13 14.69 39.19 38.26
CA LEU D 13 14.16 37.89 38.78
C LEU D 13 12.65 38.01 38.91
N MET D 14 12.08 39.14 38.50
CA MET D 14 10.65 39.45 38.72
C MET D 14 9.79 38.94 37.55
N GLN D 15 9.46 37.65 37.57
CA GLN D 15 8.57 37.04 36.55
C GLN D 15 7.11 37.28 36.93
N PHE D 16 6.22 36.97 35.99
CA PHE D 16 4.76 37.04 36.18
C PHE D 16 4.17 35.65 36.40
N THR D 17 3.21 35.56 37.31
CA THR D 17 2.55 34.28 37.66
C THR D 17 1.05 34.49 37.58
N LEU D 18 0.41 33.74 36.70
CA LEU D 18 -1.07 33.74 36.59
C LEU D 18 -1.65 32.88 37.69
N PRO D 19 -2.94 33.08 38.04
CA PRO D 19 -3.64 32.10 38.85
C PRO D 19 -3.66 30.69 38.23
N VAL D 20 -3.78 29.67 39.08
CA VAL D 20 -3.62 28.25 38.65
C VAL D 20 -4.46 27.94 37.42
N ARG D 21 -5.76 28.26 37.44
CA ARG D 21 -6.63 27.94 36.26
C ARG D 21 -6.06 28.61 35.00
N LEU D 22 -5.76 29.91 35.06
CA LEU D 22 -5.27 30.69 33.90
C LEU D 22 -3.89 30.13 33.49
N CYS D 23 -3.01 29.96 34.46
CA CYS D 23 -1.70 29.30 34.26
C CYS D 23 -1.90 28.01 33.47
N LYS D 24 -2.91 27.22 33.83
CA LYS D 24 -3.19 25.91 33.17
C LYS D 24 -3.87 26.14 31.79
N GLU D 25 -4.89 26.98 31.70
CA GLU D 25 -5.75 27.02 30.49
C GLU D 25 -5.16 27.93 29.40
N ILE D 26 -4.25 28.82 29.76
CA ILE D 26 -3.63 29.78 28.80
C ILE D 26 -2.93 28.96 27.73
N GLU D 27 -2.62 27.69 28.04
CA GLU D 27 -1.86 26.84 27.11
C GLU D 27 -2.81 26.28 26.07
N LEU D 28 -4.11 26.24 26.36
CA LEU D 28 -5.10 25.75 25.38
C LEU D 28 -5.32 26.79 24.27
N PHE D 29 -5.64 26.36 23.06
CA PHE D 29 -5.92 27.27 21.93
C PHE D 29 -7.22 28.04 22.18
N HIS D 30 -8.21 27.43 22.84
CA HIS D 30 -9.54 28.03 23.08
C HIS D 30 -9.61 28.94 24.32
N PHE D 31 -8.48 29.18 24.99
CA PHE D 31 -8.44 30.03 26.19
C PHE D 31 -9.06 31.41 25.89
N ASP D 32 -9.93 31.83 26.80
CA ASP D 32 -10.52 33.20 26.81
C ASP D 32 -9.79 34.03 27.89
N ILE D 33 -9.30 35.20 27.53
CA ILE D 33 -8.52 36.04 28.50
C ILE D 33 -9.39 36.64 29.63
N GLY D 34 -10.71 36.51 29.58
CA GLY D 34 -11.59 37.02 30.66
C GLY D 34 -11.97 38.51 30.55
N PRO D 35 -12.94 38.95 31.38
CA PRO D 35 -13.46 40.32 31.32
C PRO D 35 -12.65 41.37 32.12
N PHE D 36 -11.62 40.94 32.86
CA PHE D 36 -10.80 41.82 33.73
C PHE D 36 -9.69 42.50 32.88
N GLU D 37 -9.93 43.71 32.40
CA GLU D 37 -9.00 44.52 31.57
C GLU D 37 -7.63 44.62 32.23
N ASN D 38 -7.58 44.81 33.54
CA ASN D 38 -6.34 45.10 34.28
C ASN D 38 -5.41 43.88 34.37
N MET D 39 -5.86 42.67 34.07
CA MET D 39 -4.94 41.49 34.00
C MET D 39 -4.40 41.29 32.57
N TRP D 40 -4.98 41.92 31.54
CA TRP D 40 -4.59 41.58 30.16
C TRP D 40 -3.13 41.94 29.92
N PRO D 41 -2.59 43.09 30.39
CA PRO D 41 -1.18 43.40 30.25
C PRO D 41 -0.26 42.32 30.82
N GLY D 42 -0.51 41.90 32.05
CA GLY D 42 0.31 40.88 32.71
C GLY D 42 0.13 39.50 32.05
N ILE D 43 -1.02 39.24 31.44
CA ILE D 43 -1.22 38.00 30.66
C ILE D 43 -0.30 38.09 29.45
N PHE D 44 -0.23 39.26 28.82
CA PHE D 44 0.62 39.42 27.62
C PHE D 44 2.08 39.14 28.02
N VAL D 45 2.56 39.87 29.00
CA VAL D 45 3.97 39.75 29.46
C VAL D 45 4.22 38.28 29.81
N TYR D 46 3.28 37.63 30.46
CA TYR D 46 3.41 36.20 30.82
C TYR D 46 3.74 35.40 29.58
N MET D 47 3.02 35.62 28.47
CA MET D 47 3.18 34.85 27.22
C MET D 47 4.55 35.18 26.61
N VAL D 48 4.90 36.46 26.54
CA VAL D 48 6.19 36.90 25.96
C VAL D 48 7.34 36.26 26.77
N HIS D 49 7.20 36.24 28.09
CA HIS D 49 8.21 35.61 28.97
C HIS D 49 8.38 34.12 28.64
N ARG D 50 7.28 33.37 28.50
CA ARG D 50 7.39 31.91 28.26
C ARG D 50 7.68 31.61 26.80
N SER D 51 7.16 32.45 25.90
CA SER D 51 7.29 32.30 24.43
C SER D 51 8.75 32.49 24.00
N CYS D 52 9.38 33.62 24.32
CA CYS D 52 10.77 33.81 23.82
C CYS D 52 11.79 34.14 24.92
N GLY D 53 11.38 34.17 26.20
CA GLY D 53 12.32 34.27 27.35
C GLY D 53 12.12 35.51 28.21
N THR D 54 12.59 35.48 29.45
CA THR D 54 12.38 36.58 30.42
C THR D 54 13.32 37.76 30.16
N SER D 55 14.30 37.61 29.26
CA SER D 55 15.36 38.62 29.02
C SER D 55 15.22 39.24 27.63
N CYS D 56 14.31 38.76 26.79
CA CYS D 56 14.17 39.27 25.40
C CYS D 56 13.77 40.76 25.39
N PHE D 57 13.08 41.24 26.42
CA PHE D 57 12.71 42.67 26.54
C PHE D 57 13.02 43.14 27.96
N GLU D 58 13.38 44.41 28.09
CA GLU D 58 13.49 45.08 29.39
C GLU D 58 12.07 45.33 29.93
N LEU D 59 11.72 44.75 31.07
CA LEU D 59 10.35 44.90 31.65
C LEU D 59 9.86 46.36 31.58
N GLU D 60 10.67 47.35 31.94
CA GLU D 60 10.19 48.77 32.01
C GLU D 60 9.81 49.26 30.61
N LYS D 61 10.63 48.96 29.59
CA LYS D 61 10.33 49.40 28.21
C LYS D 61 9.09 48.68 27.71
N LEU D 62 9.04 47.38 27.91
CA LEU D 62 7.90 46.53 27.50
C LEU D 62 6.59 47.06 28.11
N CME D 63 6.56 47.30 29.40
CA CME D 63 5.31 47.74 30.10
CB CME D 63 5.47 47.81 31.59
SG CME D 63 4.88 46.31 32.43
SD CME D 63 2.93 46.01 31.90
CE CME D 63 1.87 47.12 32.87
CZ CME D 63 1.17 46.40 33.98
OH CME D 63 0.24 47.24 34.69
C CME D 63 4.83 49.06 29.52
O CME D 63 3.67 49.16 29.16
N ARG D 64 5.70 50.03 29.34
CA ARG D 64 5.21 51.35 28.86
C ARG D 64 4.89 51.27 27.36
N PHE D 65 5.44 50.28 26.66
CA PHE D 65 5.05 49.98 25.26
C PHE D 65 3.62 49.44 25.29
N ILE D 66 3.38 48.45 26.14
CA ILE D 66 2.04 47.81 26.29
C ILE D 66 1.00 48.89 26.64
N MET D 67 1.32 49.72 27.60
CA MET D 67 0.38 50.81 28.02
C MET D 67 0.18 51.87 26.93
N SER D 68 1.16 52.13 26.07
CA SER D 68 1.00 53.05 24.91
C SER D 68 0.11 52.41 23.84
N VAL D 69 0.26 51.11 23.63
CA VAL D 69 -0.52 50.34 22.65
C VAL D 69 -1.99 50.33 23.12
N LYS D 70 -2.22 50.05 24.38
CA LYS D 70 -3.56 50.05 24.97
C LYS D 70 -4.24 51.40 24.70
N LYS D 71 -3.57 52.48 25.07
CA LYS D 71 -4.13 53.86 24.98
C LYS D 71 -4.42 54.20 23.51
N ASN D 72 -3.78 53.55 22.52
CA ASN D 72 -4.02 53.86 21.08
C ASN D 72 -4.97 52.85 20.41
N TYR D 73 -5.64 52.03 21.22
CA TYR D 73 -6.84 51.28 20.79
C TYR D 73 -8.08 52.05 21.23
N ARG D 74 -9.09 52.09 20.40
CA ARG D 74 -10.36 52.81 20.68
C ARG D 74 -11.41 51.91 21.32
N ARG D 75 -12.35 52.57 22.00
CA ARG D 75 -13.51 51.90 22.64
C ARG D 75 -14.56 51.53 21.57
N VAL D 76 -14.19 50.67 20.63
CA VAL D 76 -15.15 50.16 19.62
C VAL D 76 -15.62 48.79 20.10
N PRO D 77 -16.74 48.27 19.56
CA PRO D 77 -17.31 47.00 20.03
C PRO D 77 -16.39 45.79 19.83
N TYR D 78 -15.61 45.74 18.74
CA TYR D 78 -14.91 44.48 18.37
C TYR D 78 -13.43 44.70 18.13
N HIS D 79 -13.05 45.70 17.31
CA HIS D 79 -11.63 45.97 16.99
C HIS D 79 -10.92 46.75 18.11
N ASN D 80 -10.75 46.16 19.28
CA ASN D 80 -10.40 46.90 20.53
C ASN D 80 -9.22 46.22 21.24
N TRP D 81 -8.89 46.71 22.42
CA TRP D 81 -7.72 46.22 23.20
C TRP D 81 -7.87 44.73 23.53
N LYS D 82 -9.08 44.29 23.86
CA LYS D 82 -9.33 42.85 24.16
C LYS D 82 -8.98 41.99 22.94
N HIS D 83 -9.46 42.35 21.75
CA HIS D 83 -9.12 41.66 20.49
C HIS D 83 -7.61 41.56 20.26
N ALA D 84 -6.90 42.68 20.41
CA ALA D 84 -5.43 42.75 20.33
C ALA D 84 -4.72 41.67 21.17
N VAL D 85 -5.07 41.57 22.43
CA VAL D 85 -4.43 40.60 23.35
C VAL D 85 -4.95 39.19 23.06
N THR D 86 -6.17 39.08 22.57
CA THR D 86 -6.78 37.76 22.23
C THR D 86 -6.08 37.18 21.00
N VAL D 87 -5.88 37.98 19.98
CA VAL D 87 -5.07 37.56 18.79
C VAL D 87 -3.64 37.14 19.19
N ALA D 88 -3.02 37.86 20.10
CA ALA D 88 -1.66 37.60 20.60
C ALA D 88 -1.60 36.22 21.28
N HIS D 89 -2.60 35.91 22.09
CA HIS D 89 -2.63 34.64 22.80
C HIS D 89 -2.71 33.48 21.78
N CYS D 90 -3.55 33.58 20.74
CA CYS D 90 -3.61 32.55 19.68
C CYS D 90 -2.20 32.34 19.11
N MET D 91 -1.52 33.45 18.86
CA MET D 91 -0.12 33.38 18.32
C MET D 91 0.76 32.69 19.35
N TYR D 92 0.63 33.07 20.61
CA TYR D 92 1.38 32.42 21.71
C TYR D 92 1.19 30.90 21.58
N ALA D 93 -0.06 30.46 21.53
CA ALA D 93 -0.43 29.02 21.49
C ALA D 93 0.24 28.34 20.30
N ILE D 94 0.12 28.92 19.12
CA ILE D 94 0.78 28.40 17.90
C ILE D 94 2.29 28.27 18.10
N LEU D 95 2.95 29.36 18.51
CA LEU D 95 4.45 29.37 18.71
C LEU D 95 4.87 28.32 19.76
N GLN D 96 4.12 28.12 20.83
CA GLN D 96 4.50 27.14 21.88
C GLN D 96 4.32 25.68 21.40
N ASN D 97 3.41 25.40 20.46
CA ASN D 97 3.19 24.00 19.98
C ASN D 97 3.95 23.77 18.68
N ASN D 98 4.74 24.74 18.26
CA ASN D 98 5.60 24.66 17.06
C ASN D 98 6.99 25.23 17.39
N HIS D 99 7.44 25.07 18.63
CA HIS D 99 8.51 25.95 19.17
C HIS D 99 9.84 25.73 18.44
N THR D 100 10.06 24.56 17.83
CA THR D 100 11.33 24.26 17.11
C THR D 100 11.34 24.94 15.75
N LEU D 101 10.17 25.33 15.21
CA LEU D 101 10.07 25.75 13.79
C LEU D 101 10.43 27.24 13.60
N PHE D 102 10.38 28.06 14.65
CA PHE D 102 10.52 29.53 14.56
C PHE D 102 11.81 30.02 15.19
N THR D 103 12.24 31.14 14.66
CA THR D 103 13.49 31.80 15.13
C THR D 103 13.16 32.70 16.30
N ASP D 104 14.20 33.26 16.90
CA ASP D 104 14.10 34.03 18.16
C ASP D 104 13.54 35.41 17.82
N LEU D 105 13.98 35.98 16.70
CA LEU D 105 13.44 37.25 16.16
C LEU D 105 11.94 37.08 15.85
N GLU D 106 11.58 35.97 15.23
CA GLU D 106 10.19 35.72 14.81
C GLU D 106 9.32 35.72 16.07
N ARG D 107 9.75 35.01 17.11
CA ARG D 107 9.02 34.91 18.38
C ARG D 107 8.78 36.31 18.93
N LYS D 108 9.86 37.12 19.04
CA LYS D 108 9.76 38.52 19.51
C LYS D 108 8.76 39.24 18.62
N GLY D 109 9.05 39.27 17.32
CA GLY D 109 8.29 40.06 16.33
C GLY D 109 6.81 39.76 16.34
N LEU D 110 6.45 38.49 16.41
CA LEU D 110 5.07 38.04 16.12
C LEU D 110 4.09 38.38 17.25
N LEU D 111 4.41 38.11 18.50
CA LEU D 111 3.50 38.50 19.60
C LEU D 111 3.38 40.03 19.65
N ILE D 112 4.47 40.75 19.45
CA ILE D 112 4.38 42.24 19.36
C ILE D 112 3.46 42.57 18.19
N ALA D 113 3.64 41.91 17.06
CA ALA D 113 2.83 42.24 15.87
C ALA D 113 1.32 42.06 16.17
N CYS D 114 0.96 40.93 16.75
CA CYS D 114 -0.44 40.58 17.08
C CYS D 114 -1.05 41.64 18.01
N LEU D 115 -0.28 42.10 18.98
CA LEU D 115 -0.74 43.15 19.89
C LEU D 115 -1.04 44.45 19.17
N CYS D 116 -0.25 44.78 18.15
CA CYS D 116 -0.35 46.07 17.47
C CYS D 116 -1.17 46.00 16.19
N HIS D 117 -1.65 44.82 15.79
CA HIS D 117 -2.09 44.55 14.40
C HIS D 117 -3.32 45.38 14.01
N ASP D 118 -4.11 45.85 14.96
CA ASP D 118 -5.33 46.65 14.68
C ASP D 118 -5.21 48.05 15.31
N LEU D 119 -4.01 48.54 15.57
CA LEU D 119 -3.83 49.80 16.32
C LEU D 119 -4.63 50.93 15.69
N ASP D 120 -5.41 51.63 16.52
CA ASP D 120 -6.18 52.86 16.17
C ASP D 120 -7.30 52.52 15.17
N HIS D 121 -7.90 51.36 15.29
CA HIS D 121 -9.04 50.95 14.43
C HIS D 121 -10.30 51.70 14.87
N ARG D 122 -11.09 52.18 13.89
CA ARG D 122 -12.35 52.93 14.11
C ARG D 122 -13.53 52.00 13.97
N GLY D 123 -13.29 50.72 13.70
CA GLY D 123 -14.40 49.76 13.55
C GLY D 123 -15.00 49.84 12.16
N PHE D 124 -14.27 50.42 11.22
CA PHE D 124 -14.69 50.55 9.81
C PHE D 124 -13.68 49.83 8.89
N SER D 125 -14.21 49.22 7.85
CA SER D 125 -13.41 48.44 6.87
C SER D 125 -12.67 49.40 5.93
N ASN D 126 -11.72 48.85 5.20
CA ASN D 126 -10.98 49.61 4.15
C ASN D 126 -11.96 50.16 3.09
N SER D 127 -13.01 49.40 2.75
CA SER D 127 -13.98 49.78 1.70
C SER D 127 -14.70 51.07 2.12
N TYR D 128 -15.10 51.15 3.39
CA TYR D 128 -15.88 52.29 3.90
C TYR D 128 -14.98 53.54 3.82
N LEU D 129 -13.74 53.43 4.27
CA LEU D 129 -12.80 54.60 4.22
C LEU D 129 -12.61 55.03 2.75
N GLN D 130 -12.53 54.11 1.81
CA GLN D 130 -12.46 54.47 0.36
C GLN D 130 -13.73 55.24 -0.04
N LYS D 131 -14.90 54.67 0.21
CA LYS D 131 -16.19 55.28 -0.17
C LYS D 131 -16.42 56.61 0.55
N PHE D 132 -16.00 56.70 1.80
CA PHE D 132 -16.07 57.97 2.56
C PHE D 132 -15.13 59.01 1.96
N ASP D 133 -14.02 58.54 1.40
CA ASP D 133 -12.93 59.39 0.86
C ASP D 133 -12.12 59.85 2.07
N HIS D 134 -11.89 58.97 3.03
CA HIS D 134 -11.11 59.34 4.24
C HIS D 134 -9.67 59.65 3.83
N PRO D 135 -8.99 60.63 4.47
CA PRO D 135 -7.58 60.92 4.17
C PRO D 135 -6.65 59.69 4.17
N LEU D 136 -6.84 58.75 5.09
CA LEU D 136 -6.10 57.46 5.09
C LEU D 136 -6.22 56.71 3.75
N ALA D 137 -7.37 56.72 3.10
CA ALA D 137 -7.56 56.09 1.78
C ALA D 137 -6.68 56.77 0.72
N ALA D 138 -6.47 58.10 0.85
CA ALA D 138 -5.62 58.85 -0.09
C ALA D 138 -4.16 58.46 0.13
N LEU D 139 -3.79 58.29 1.40
CA LEU D 139 -2.41 58.01 1.83
C LEU D 139 -2.08 56.54 1.56
N TYR D 140 -3.02 55.62 1.81
CA TYR D 140 -2.83 54.17 1.61
C TYR D 140 -3.92 53.62 0.71
N SER D 141 -3.66 53.50 -0.60
CA SER D 141 -4.63 53.10 -1.63
C SER D 141 -5.01 51.63 -1.46
N THR D 142 -4.14 50.85 -0.85
CA THR D 142 -4.33 49.41 -0.66
C THR D 142 -4.03 49.03 0.79
N SER D 143 -4.68 48.00 1.30
CA SER D 143 -4.56 47.58 2.73
C SER D 143 -4.55 48.80 3.66
N THR D 144 -5.55 49.67 3.51
CA THR D 144 -5.50 51.07 4.04
C THR D 144 -5.24 51.04 5.56
N MET D 145 -6.06 50.30 6.32
CA MET D 145 -6.05 50.36 7.78
C MET D 145 -4.80 49.68 8.28
N GLU D 146 -4.41 48.59 7.62
CA GLU D 146 -3.24 47.79 7.99
C GLU D 146 -1.93 48.57 7.80
N GLN D 147 -1.83 49.38 6.76
CA GLN D 147 -0.64 50.22 6.60
C GLN D 147 -0.60 51.25 7.73
N HIS D 148 -1.77 51.78 8.07
CA HIS D 148 -1.93 52.71 9.20
C HIS D 148 -1.56 51.98 10.49
N HIS D 149 -2.02 50.74 10.69
CA HIS D 149 -1.70 50.00 11.94
C HIS D 149 -0.19 49.89 12.11
N PHE D 150 0.52 49.61 11.01
CA PHE D 150 2.00 49.48 11.09
C PHE D 150 2.68 50.84 11.34
N SER D 151 2.14 51.90 10.75
CA SER D 151 2.64 53.30 10.99
C SER D 151 2.55 53.67 12.48
N GLN D 152 1.42 53.38 13.11
CA GLN D 152 1.17 53.64 14.53
C GLN D 152 2.14 52.80 15.35
N THR D 153 2.31 51.52 14.99
CA THR D 153 3.27 50.65 15.73
C THR D 153 4.65 51.34 15.76
N VAL D 154 5.07 51.86 14.61
CA VAL D 154 6.43 52.46 14.53
C VAL D 154 6.43 53.74 15.36
N SER D 155 5.35 54.53 15.29
CA SER D 155 5.27 55.82 16.03
C SER D 155 5.48 55.51 17.51
N ILE D 156 4.87 54.44 17.98
CA ILE D 156 4.89 54.06 19.43
C ILE D 156 6.29 53.62 19.80
N LEU D 157 6.92 52.78 18.96
CA LEU D 157 8.29 52.29 19.24
C LEU D 157 9.28 53.44 19.32
N GLN D 158 8.93 54.61 18.80
CA GLN D 158 9.92 55.71 18.66
C GLN D 158 9.71 56.70 19.78
N LEU D 159 8.62 56.55 20.51
CA LEU D 159 8.40 57.30 21.76
C LEU D 159 9.59 57.06 22.68
N GLU D 160 9.84 58.05 23.51
CA GLU D 160 10.98 58.00 24.45
C GLU D 160 10.78 56.86 25.45
N GLY D 161 11.76 55.97 25.53
CA GLY D 161 11.70 54.85 26.50
C GLY D 161 10.80 53.70 26.05
N HIS D 162 10.28 53.73 24.82
CA HIS D 162 9.30 52.72 24.36
C HIS D 162 9.97 51.68 23.46
N ASN D 163 11.21 51.90 23.05
CA ASN D 163 11.80 50.99 22.04
C ASN D 163 12.27 49.69 22.69
N ILE D 164 11.43 48.67 22.57
CA ILE D 164 11.67 47.34 23.18
C ILE D 164 12.71 46.54 22.38
N PHE D 165 13.15 47.04 21.25
CA PHE D 165 14.06 46.30 20.35
C PHE D 165 15.43 46.99 20.34
N SER D 166 15.67 47.89 21.29
CA SER D 166 16.91 48.72 21.34
C SER D 166 18.15 47.85 21.58
N THR D 167 18.04 46.69 22.19
CA THR D 167 19.23 45.83 22.41
C THR D 167 19.68 45.11 21.13
N LEU D 168 18.81 44.93 20.12
CA LEU D 168 19.15 44.18 18.87
C LEU D 168 20.19 44.95 18.05
N SER D 169 20.99 44.27 17.24
CA SER D 169 21.77 44.88 16.14
C SER D 169 20.81 45.56 15.15
N SER D 170 21.27 46.54 14.35
CA SER D 170 20.40 47.30 13.41
C SER D 170 19.89 46.39 12.32
N SER D 171 20.57 45.29 12.10
CA SER D 171 20.19 44.30 11.05
C SER D 171 19.12 43.37 11.62
N GLU D 172 19.29 42.92 12.85
CA GLU D 172 18.22 42.24 13.62
C GLU D 172 17.04 43.19 13.88
N TYR D 173 17.30 44.47 14.12
CA TYR D 173 16.23 45.49 14.27
C TYR D 173 15.41 45.56 12.98
N GLU D 174 16.08 45.74 11.83
CA GLU D 174 15.33 45.90 10.54
C GLU D 174 14.70 44.55 10.14
N GLN D 175 15.25 43.45 10.63
CA GLN D 175 14.69 42.10 10.44
C GLN D 175 13.35 42.00 11.23
N VAL D 176 13.35 42.27 12.51
CA VAL D 176 12.11 42.12 13.32
C VAL D 176 11.07 43.14 12.83
N LEU D 177 11.49 44.34 12.45
CA LEU D 177 10.53 45.37 12.01
C LEU D 177 9.85 44.95 10.69
N GLU D 178 10.59 44.31 9.79
CA GLU D 178 10.02 43.75 8.53
C GLU D 178 9.11 42.53 8.79
N ILE D 179 9.45 41.65 9.72
CA ILE D 179 8.54 40.56 10.16
C ILE D 179 7.22 41.21 10.62
N ILE D 180 7.34 42.24 11.46
CA ILE D 180 6.14 42.90 12.05
C ILE D 180 5.27 43.52 10.94
N ARG D 181 5.90 44.16 9.98
CA ARG D 181 5.17 44.85 8.88
C ARG D 181 4.40 43.83 8.04
N LYS D 182 5.08 42.82 7.58
CA LYS D 182 4.48 41.79 6.72
C LYS D 182 3.31 41.16 7.48
N ALA D 183 3.52 40.90 8.75
CA ALA D 183 2.54 40.21 9.62
C ALA D 183 1.28 41.03 9.71
N ILE D 184 1.42 42.32 10.02
CA ILE D 184 0.29 43.26 10.18
C ILE D 184 -0.44 43.45 8.85
N ILE D 185 0.29 43.58 7.76
CA ILE D 185 -0.31 43.73 6.40
C ILE D 185 -1.11 42.48 6.02
N ALA D 186 -0.62 41.30 6.40
CA ALA D 186 -1.24 40.00 6.08
C ALA D 186 -2.59 39.89 6.82
N THR D 187 -2.84 40.70 7.88
CA THR D 187 -4.20 40.78 8.53
C THR D 187 -5.23 41.50 7.64
N ASP D 188 -4.88 41.91 6.43
CA ASP D 188 -5.88 42.32 5.41
C ASP D 188 -6.45 41.06 4.78
N LEU D 189 -7.75 40.76 5.05
CA LEU D 189 -8.38 39.50 4.62
C LEU D 189 -8.42 39.45 3.08
N ALA D 190 -8.46 40.57 2.35
CA ALA D 190 -8.43 40.60 0.87
C ALA D 190 -7.17 39.87 0.37
N LEU D 191 -6.07 39.91 1.09
CA LEU D 191 -4.80 39.24 0.65
C LEU D 191 -4.78 37.77 1.06
N TYR D 192 -5.61 37.38 2.02
CA TYR D 192 -5.54 36.04 2.63
C TYR D 192 -5.87 34.97 1.59
N PHE D 193 -6.86 35.23 0.74
CA PHE D 193 -7.39 34.21 -0.21
C PHE D 193 -6.26 33.81 -1.17
N GLY D 194 -5.67 34.81 -1.83
CA GLY D 194 -4.45 34.60 -2.65
C GLY D 194 -3.33 33.90 -1.90
N ASN D 195 -3.00 34.37 -0.71
CA ASN D 195 -1.96 33.73 0.13
C ASN D 195 -2.28 32.26 0.45
N ARG D 196 -3.52 31.95 0.79
CA ARG D 196 -3.86 30.55 1.22
C ARG D 196 -3.79 29.58 0.03
N LYS D 197 -4.37 29.94 -1.10
CA LYS D 197 -4.38 29.13 -2.34
C LYS D 197 -2.94 28.86 -2.79
N GLN D 198 -2.07 29.88 -2.75
CA GLN D 198 -0.61 29.70 -3.01
C GLN D 198 0.01 28.67 -2.05
N LEU D 199 -0.34 28.71 -0.77
CA LEU D 199 0.27 27.80 0.21
C LEU D 199 -0.25 26.37 -0.03
N GLU D 200 -1.54 26.21 -0.28
CA GLU D 200 -2.18 24.88 -0.42
C GLU D 200 -1.45 24.11 -1.51
N GLU D 201 -1.33 24.76 -2.66
CA GLU D 201 -0.56 24.27 -3.80
C GLU D 201 0.82 23.76 -3.38
N MET D 202 1.59 24.65 -2.75
CA MET D 202 2.96 24.32 -2.31
C MET D 202 2.93 23.08 -1.40
N TYR D 203 2.11 23.07 -0.33
CA TYR D 203 2.19 22.01 0.70
C TYR D 203 1.75 20.66 0.10
N GLN D 204 0.60 20.66 -0.59
CA GLN D 204 -0.04 19.45 -1.20
C GLN D 204 0.88 18.85 -2.27
N THR D 205 1.53 19.68 -3.09
CA THR D 205 2.47 19.20 -4.15
C THR D 205 3.91 19.04 -3.64
N GLY D 206 4.19 19.26 -2.35
CA GLY D 206 5.48 18.94 -1.72
C GLY D 206 6.56 20.00 -1.89
N SER D 207 6.34 21.07 -2.66
CA SER D 207 7.38 22.12 -2.89
C SER D 207 7.53 23.10 -1.70
N LEU D 208 6.64 23.09 -0.70
CA LEU D 208 6.71 24.06 0.42
C LEU D 208 8.01 23.86 1.19
N ASN D 209 8.72 24.96 1.49
CA ASN D 209 10.06 24.90 2.12
C ASN D 209 10.26 26.06 3.10
N LEU D 210 10.24 25.77 4.40
CA LEU D 210 10.40 26.78 5.46
C LEU D 210 11.81 27.39 5.49
N ASN D 211 12.80 26.87 4.75
CA ASN D 211 14.15 27.50 4.67
C ASN D 211 14.11 28.68 3.70
N ASN D 212 13.08 28.74 2.88
CA ASN D 212 12.90 29.83 1.91
C ASN D 212 12.10 30.93 2.62
N GLN D 213 12.68 32.11 2.77
CA GLN D 213 12.03 33.25 3.47
C GLN D 213 10.64 33.53 2.87
N SER D 214 10.57 33.69 1.56
CA SER D 214 9.32 34.00 0.79
C SER D 214 8.24 33.00 1.23
N HIS D 215 8.59 31.74 1.42
CA HIS D 215 7.69 30.69 1.95
C HIS D 215 7.29 30.99 3.40
N ARG D 216 8.27 31.32 4.24
CA ARG D 216 8.01 31.58 5.67
C ARG D 216 7.01 32.73 5.80
N ASP D 217 7.25 33.83 5.06
CA ASP D 217 6.36 35.01 5.03
C ASP D 217 4.92 34.59 4.75
N ARG D 218 4.72 33.75 3.73
CA ARG D 218 3.36 33.20 3.48
C ARG D 218 2.85 32.47 4.72
N VAL D 219 3.65 31.58 5.31
CA VAL D 219 3.18 30.81 6.50
C VAL D 219 2.79 31.76 7.64
N ILE D 220 3.65 32.73 7.91
CA ILE D 220 3.37 33.73 8.97
C ILE D 220 2.10 34.46 8.58
N GLY D 221 1.98 34.85 7.31
CA GLY D 221 0.75 35.49 6.85
C GLY D 221 -0.49 34.71 7.27
N LEU D 222 -0.48 33.41 6.95
CA LEU D 222 -1.60 32.53 7.26
C LEU D 222 -1.78 32.48 8.77
N MET D 223 -0.69 32.41 9.52
CA MET D 223 -0.78 32.33 11.00
C MET D 223 -1.51 33.60 11.50
N MET D 224 -1.17 34.73 10.92
CA MET D 224 -1.82 36.01 11.29
C MET D 224 -3.34 35.96 11.07
N THR D 225 -3.79 35.51 9.90
CA THR D 225 -5.22 35.42 9.60
C THR D 225 -5.90 34.49 10.60
N ALA D 226 -5.29 33.32 10.83
CA ALA D 226 -5.83 32.31 11.76
C ALA D 226 -5.98 32.88 13.19
N CYS D 227 -4.95 33.56 13.65
CA CYS D 227 -4.99 34.30 14.93
C CYS D 227 -6.05 35.40 14.90
N ASP D 228 -6.10 36.12 13.80
CA ASP D 228 -7.03 37.25 13.65
C ASP D 228 -8.49 36.77 13.68
N LEU D 229 -8.78 35.57 13.15
CA LEU D 229 -10.19 35.06 13.11
C LEU D 229 -10.50 34.16 14.31
N CYS D 230 -9.68 34.16 15.35
CA CYS D 230 -9.69 33.06 16.32
C CYS D 230 -10.96 33.00 17.17
N SER D 231 -11.83 34.02 17.18
CA SER D 231 -13.15 33.89 17.87
C SER D 231 -13.91 32.62 17.40
N VAL D 232 -13.72 32.22 16.13
CA VAL D 232 -14.38 31.00 15.55
C VAL D 232 -13.73 29.73 16.11
N THR D 233 -12.64 29.84 16.84
CA THR D 233 -11.96 28.66 17.41
C THR D 233 -12.17 28.56 18.92
N LYS D 234 -13.01 29.43 19.47
CA LYS D 234 -13.34 29.37 20.91
C LYS D 234 -14.47 28.38 21.13
N LEU D 235 -14.77 28.14 22.39
CA LEU D 235 -15.96 27.36 22.77
C LEU D 235 -17.18 28.21 22.36
N TRP D 236 -18.24 27.54 21.95
CA TRP D 236 -19.45 28.14 21.35
C TRP D 236 -19.95 29.42 22.05
N PRO D 237 -20.02 29.48 23.40
CA PRO D 237 -20.54 30.67 24.07
C PRO D 237 -19.68 31.91 23.84
N VAL D 238 -18.35 31.75 23.86
CA VAL D 238 -17.40 32.83 23.46
C VAL D 238 -17.63 33.17 21.98
N THR D 239 -17.71 32.17 21.11
CA THR D 239 -17.81 32.39 19.65
C THR D 239 -19.08 33.22 19.33
N LYS D 240 -20.22 32.80 19.87
CA LYS D 240 -21.52 33.44 19.66
C LYS D 240 -21.52 34.86 20.26
N LEU D 241 -21.01 35.05 21.46
CA LEU D 241 -21.01 36.41 22.05
C LEU D 241 -20.05 37.36 21.33
N THR D 242 -18.92 36.85 20.82
CA THR D 242 -18.01 37.68 20.00
C THR D 242 -18.71 38.11 18.69
N ALA D 243 -19.53 37.25 18.11
CA ALA D 243 -20.28 37.58 16.86
C ALA D 243 -21.18 38.81 17.10
N ASN D 244 -21.77 38.95 18.27
CA ASN D 244 -22.56 40.18 18.60
C ASN D 244 -21.72 41.46 18.40
N ASP D 245 -20.54 41.50 19.01
CA ASP D 245 -19.57 42.63 18.90
C ASP D 245 -19.21 42.89 17.44
N ILE D 246 -18.87 41.84 16.71
CA ILE D 246 -18.47 41.94 15.26
C ILE D 246 -19.61 42.58 14.49
N TYR D 247 -20.85 42.15 14.75
CA TYR D 247 -22.05 42.60 14.00
C TYR D 247 -22.47 44.00 14.44
N ALA D 248 -22.18 44.40 15.68
CA ALA D 248 -22.43 45.78 16.12
C ALA D 248 -21.56 46.74 15.29
N GLU D 249 -20.34 46.35 14.97
CA GLU D 249 -19.48 47.13 14.05
C GLU D 249 -19.98 47.05 12.58
N PHE D 250 -20.27 45.87 12.05
CA PHE D 250 -20.72 45.71 10.64
C PHE D 250 -21.96 46.56 10.37
N TRP D 251 -22.92 46.50 11.30
CA TRP D 251 -24.20 47.22 11.19
C TRP D 251 -23.98 48.74 11.36
N ALA D 252 -23.14 49.17 12.29
CA ALA D 252 -22.77 50.63 12.34
C ALA D 252 -22.09 51.06 11.02
N GLU D 253 -21.28 50.21 10.43
CA GLU D 253 -20.66 50.55 9.13
C GLU D 253 -21.77 50.62 8.05
N GLY D 254 -22.62 49.58 7.96
CA GLY D 254 -23.75 49.57 7.01
C GLY D 254 -24.61 50.83 7.17
N ASP D 255 -24.84 51.27 8.40
CA ASP D 255 -25.56 52.54 8.68
C ASP D 255 -24.87 53.73 8.00
N GLU D 256 -23.56 53.83 8.18
CA GLU D 256 -22.74 54.90 7.58
C GLU D 256 -22.74 54.80 6.04
N MET D 257 -22.81 53.59 5.49
CA MET D 257 -22.90 53.41 4.03
C MET D 257 -24.25 53.95 3.57
N LYS D 258 -25.33 53.66 4.29
CA LYS D 258 -26.67 54.21 3.97
C LYS D 258 -26.65 55.74 4.09
N LYS D 259 -25.91 56.28 5.05
CA LYS D 259 -25.74 57.75 5.22
C LYS D 259 -24.95 58.34 4.05
N LEU D 260 -24.17 57.53 3.32
CA LEU D 260 -23.54 57.99 2.05
C LEU D 260 -24.42 57.76 0.81
N GLY D 261 -25.64 57.22 0.94
CA GLY D 261 -26.51 56.94 -0.23
C GLY D 261 -26.03 55.70 -0.95
N ILE D 262 -25.49 54.73 -0.21
CA ILE D 262 -25.01 53.43 -0.79
C ILE D 262 -25.66 52.29 -0.03
N GLN D 263 -26.29 51.38 -0.75
CA GLN D 263 -26.91 50.19 -0.14
C GLN D 263 -25.76 49.27 0.22
N PRO D 264 -25.48 49.04 1.51
CA PRO D 264 -24.36 48.19 1.87
C PRO D 264 -24.64 46.71 1.58
N ILE D 265 -23.61 45.87 1.69
CA ILE D 265 -23.74 44.39 1.58
C ILE D 265 -24.53 43.88 2.79
N PRO D 266 -25.28 42.76 2.61
CA PRO D 266 -26.27 42.30 3.59
C PRO D 266 -25.67 42.03 4.99
N MET D 267 -24.41 41.65 5.02
CA MET D 267 -23.62 41.42 6.26
C MET D 267 -23.56 42.71 7.12
N MET D 268 -23.63 43.86 6.46
CA MET D 268 -23.55 45.19 7.11
C MET D 268 -24.94 45.79 7.33
N ASP D 269 -25.99 45.13 6.88
CA ASP D 269 -27.35 45.68 6.92
C ASP D 269 -28.08 45.09 8.12
N ARG D 270 -28.45 45.92 9.08
CA ARG D 270 -29.10 45.43 10.33
C ARG D 270 -30.53 44.95 10.05
N ASP D 271 -31.13 45.39 8.96
CA ASP D 271 -32.49 44.93 8.58
C ASP D 271 -32.40 43.50 8.01
N LYS D 272 -31.20 42.97 7.74
CA LYS D 272 -31.03 41.53 7.40
C LYS D 272 -30.42 40.74 8.56
N LYS D 273 -30.60 41.24 9.79
CA LYS D 273 -30.20 40.60 11.07
C LYS D 273 -30.65 39.12 11.13
N ASP D 274 -31.79 38.80 10.52
CA ASP D 274 -32.44 37.47 10.54
CA ASP D 274 -32.40 37.45 10.61
C ASP D 274 -31.59 36.45 9.78
N GLU D 275 -30.85 36.89 8.77
CA GLU D 275 -30.04 35.98 7.93
C GLU D 275 -28.63 35.74 8.52
N VAL D 276 -28.34 36.19 9.75
CA VAL D 276 -26.96 36.06 10.31
C VAL D 276 -26.48 34.61 10.30
N PRO D 277 -27.31 33.64 10.73
CA PRO D 277 -26.85 32.25 10.82
C PRO D 277 -26.30 31.73 9.50
N GLN D 278 -27.01 32.07 8.42
CA GLN D 278 -26.63 31.65 7.05
CA GLN D 278 -26.66 31.69 7.04
C GLN D 278 -25.39 32.42 6.63
N GLY D 279 -25.29 33.69 7.04
CA GLY D 279 -24.07 34.48 6.86
C GLY D 279 -22.88 33.78 7.47
N GLN D 280 -23.01 33.28 8.69
CA GLN D 280 -21.90 32.61 9.39
C GLN D 280 -21.58 31.28 8.68
N LEU D 281 -22.64 30.53 8.30
CA LEU D 281 -22.49 29.29 7.54
C LEU D 281 -21.54 29.55 6.39
N GLY D 282 -21.82 30.61 5.61
CA GLY D 282 -21.02 30.93 4.42
C GLY D 282 -19.63 31.41 4.79
N PHE D 283 -19.53 32.16 5.85
CA PHE D 283 -18.22 32.68 6.31
C PHE D 283 -17.32 31.49 6.68
N TYR D 284 -17.83 30.53 7.41
CA TYR D 284 -17.02 29.36 7.89
C TYR D 284 -16.57 28.52 6.69
N ASN D 285 -17.52 28.21 5.82
CA ASN D 285 -17.27 27.41 4.59
C ASN D 285 -16.22 28.06 3.71
N ALA D 286 -16.40 29.36 3.40
CA ALA D 286 -15.60 30.13 2.41
C ALA D 286 -14.30 30.65 3.03
N VAL D 287 -14.27 30.95 4.32
CA VAL D 287 -13.10 31.70 4.86
C VAL D 287 -12.45 30.93 6.01
N ALA D 288 -13.18 30.70 7.09
CA ALA D 288 -12.60 30.12 8.34
C ALA D 288 -12.11 28.67 8.18
N ILE D 289 -12.94 27.74 7.75
CA ILE D 289 -12.57 26.30 7.62
C ILE D 289 -11.36 26.16 6.68
N PRO D 290 -11.34 26.79 5.48
CA PRO D 290 -10.17 26.70 4.61
C PRO D 290 -8.89 27.27 5.24
N CYS D 291 -9.01 28.36 6.01
CA CYS D 291 -7.84 28.96 6.73
C CYS D 291 -7.19 27.94 7.68
N TYR D 292 -7.97 27.31 8.55
CA TYR D 292 -7.40 26.43 9.61
C TYR D 292 -7.03 25.05 9.05
N THR D 293 -7.59 24.71 7.90
CA THR D 293 -7.29 23.41 7.23
C THR D 293 -5.89 23.52 6.63
N THR D 294 -5.65 24.60 5.91
CA THR D 294 -4.33 24.86 5.32
C THR D 294 -3.33 25.04 6.46
N LEU D 295 -3.77 25.68 7.55
CA LEU D 295 -2.82 25.92 8.65
C LEU D 295 -2.45 24.59 9.31
N THR D 296 -3.42 23.73 9.57
CA THR D 296 -3.12 22.43 10.23
C THR D 296 -2.27 21.53 9.31
N GLN D 297 -2.49 21.62 8.00
CA GLN D 297 -1.63 20.90 7.03
C GLN D 297 -0.16 21.30 7.22
N ILE D 298 0.13 22.59 7.32
CA ILE D 298 1.52 23.11 7.37
C ILE D 298 2.05 22.97 8.81
N LEU D 299 1.20 23.20 9.80
CA LEU D 299 1.61 23.15 11.22
C LEU D 299 0.59 22.29 11.96
N PRO D 300 0.76 20.95 11.94
CA PRO D 300 -0.20 20.00 12.47
C PRO D 300 -0.59 20.22 13.92
N PRO D 301 0.34 20.63 14.82
CA PRO D 301 -0.05 20.87 16.23
C PRO D 301 -1.05 22.01 16.47
N THR D 302 -1.35 22.80 15.44
CA THR D 302 -2.48 23.76 15.43
C THR D 302 -3.84 23.13 15.13
N GLU D 303 -3.91 21.79 15.05
CA GLU D 303 -5.16 21.06 14.79
C GLU D 303 -6.32 21.47 15.69
N PRO D 304 -6.17 21.68 17.01
CA PRO D 304 -7.30 22.09 17.84
C PRO D 304 -8.00 23.39 17.40
N LEU D 305 -7.35 24.27 16.66
CA LEU D 305 -8.07 25.45 16.09
C LEU D 305 -9.07 24.93 15.05
N LEU D 306 -8.65 23.94 14.25
CA LEU D 306 -9.53 23.40 13.17
C LEU D 306 -10.70 22.67 13.86
N LYS D 307 -10.42 21.71 14.72
CA LYS D 307 -11.47 20.97 15.47
C LYS D 307 -12.57 21.93 16.00
N ALA D 308 -12.20 22.96 16.74
CA ALA D 308 -13.15 23.90 17.40
C ALA D 308 -13.96 24.67 16.35
N CYS D 309 -13.31 25.16 15.31
CA CYS D 309 -14.00 25.83 14.18
C CYS D 309 -15.02 24.95 13.46
N ARG D 310 -14.69 23.66 13.23
CA ARG D 310 -15.70 22.70 12.74
C ARG D 310 -16.87 22.59 13.72
N ASP D 311 -16.59 22.53 15.02
CA ASP D 311 -17.64 22.37 16.05
C ASP D 311 -18.53 23.62 16.15
N ASN D 312 -18.00 24.80 15.87
CA ASN D 312 -18.80 26.06 15.84
C ASN D 312 -19.66 26.10 14.58
N LEU D 313 -19.14 25.62 13.45
CA LEU D 313 -19.91 25.53 12.18
C LEU D 313 -21.16 24.65 12.39
N SER D 314 -21.05 23.52 13.09
CA SER D 314 -22.21 22.63 13.35
C SER D 314 -23.15 23.34 14.33
N GLN D 315 -22.61 24.13 15.26
CA GLN D 315 -23.46 24.95 16.17
C GLN D 315 -24.26 25.99 15.38
N TRP D 316 -23.66 26.62 14.37
CA TRP D 316 -24.38 27.61 13.53
C TRP D 316 -25.45 26.88 12.70
N GLU D 317 -25.10 25.72 12.13
CA GLU D 317 -26.08 24.86 11.42
C GLU D 317 -27.22 24.50 12.38
N LYS D 318 -26.94 24.33 13.66
CA LYS D 318 -28.01 24.05 14.66
C LYS D 318 -28.96 25.25 14.70
N VAL D 319 -28.40 26.47 14.80
CA VAL D 319 -29.24 27.69 15.00
C VAL D 319 -30.13 27.84 13.76
N ILE D 320 -29.65 27.46 12.57
CA ILE D 320 -30.43 27.55 11.30
C ILE D 320 -31.65 26.62 11.35
N ARG D 321 -31.90 25.92 12.46
CA ARG D 321 -33.21 25.27 12.71
C ARG D 321 -33.58 25.37 14.19
N GLY D 322 -32.74 24.84 15.08
CA GLY D 322 -32.90 24.97 16.53
C GLY D 322 -32.06 23.95 17.30
ZN ZN E . 2.88 -30.48 -17.60
MG MG F . 6.00 -31.98 -16.27
CL CL G . -20.80 -39.72 -23.36
C5 K5F H . 7.73 -24.31 -25.44
C7 K5F H . 7.82 -26.68 -23.28
C8 K5F H . 12.88 -21.17 -27.69
C13 K5F H . 13.30 -22.49 -27.82
C17 K5F H . 10.99 -25.18 -26.84
C21 K5F H . 13.70 -19.99 -28.00
C22 K5F H . 4.63 -23.87 -26.12
C24 K5F H . 6.87 -26.65 -20.93
C26 K5F H . 14.91 -20.12 -28.71
C28 K5F H . 14.04 -17.62 -27.77
C1 K5F H . 6.63 -26.07 -23.92
C2 K5F H . 6.56 -25.03 -24.90
C3 K5F H . 11.19 -22.43 -27.01
N4 K5F H . 11.57 -21.18 -27.21
N6 K5F H . 12.24 -23.27 -27.39
C9 K5F H . 9.98 -22.99 -26.49
N10 K5F H . 5.25 -24.84 -25.20
N11 K5F H . 4.55 -25.76 -24.52
C12 K5F H . 5.35 -26.47 -23.74
C14 K5F H . 9.90 -24.37 -26.44
N15 K5F H . 8.76 -25.00 -25.95
C16 K5F H . 12.14 -24.64 -27.28
N18 K5F H . 7.92 -26.94 -21.93
O19 K5F H . 7.78 -23.14 -25.54
O20 K5F H . 8.79 -26.94 -24.00
C23 K5F H . 9.17 -27.53 -21.42
C25 K5F H . 13.32 -18.74 -27.48
C27 K5F H . 15.67 -18.99 -28.96
C29 K5F H . 15.21 -17.73 -28.50
ZN ZN I . -16.01 -0.53 -5.74
MG MG J . -18.44 -2.83 -7.62
PR PR K . -4.24 22.38 -7.27
PR PR L . -11.31 22.90 -18.80
PR PR M . -26.82 -19.77 16.89
PR PR N . -41.90 -4.99 9.85
PR PR O . -24.12 -22.09 18.31
C1 GOL P . -12.56 -17.44 -7.95
O1 GOL P . -13.05 -18.41 -8.88
C2 GOL P . -11.93 -16.22 -8.60
O2 GOL P . -12.76 -15.73 -9.65
C3 GOL P . -10.53 -16.42 -9.14
O3 GOL P . -9.98 -15.16 -9.53
C5 K5F Q . -11.78 4.50 -14.78
C7 K5F Q . -14.06 2.70 -13.39
C8 K5F Q . -10.34 4.20 -21.08
C13 K5F Q . -11.72 4.36 -21.13
C17 K5F Q . -13.63 4.48 -17.95
C21 K5F Q . -9.44 4.03 -22.23
C22 K5F Q . -10.48 6.11 -12.36
C24 K5F Q . -13.22 1.04 -11.85
C26 K5F Q . -9.90 4.19 -23.52
C28 K5F Q . -7.24 3.43 -23.08
C1 K5F Q . -13.12 3.64 -12.76
C2 K5F Q . -12.16 4.44 -13.33
C3 K5F Q . -11.11 4.22 -19.01
N4 K5F Q . -10.01 4.10 -19.79
N6 K5F Q . -12.17 4.36 -19.82
C9 K5F Q . -11.27 4.21 -17.63
N10 K5F Q . -11.56 5.12 -12.31
N11 K5F Q . -12.19 4.75 -11.12
C12 K5F Q . -13.13 3.90 -11.39
C14 K5F Q . -12.50 4.33 -17.09
N15 K5F Q . -12.71 4.29 -15.73
C16 K5F Q . -13.46 4.49 -19.28
N18 K5F Q . -14.14 1.42 -12.93
O19 K5F Q . -10.63 4.72 -15.05
O20 K5F Q . -14.71 3.04 -14.32
C23 K5F Q . -15.05 0.45 -13.56
C25 K5F Q . -8.11 3.64 -22.01
C27 K5F Q . -9.01 3.96 -24.61
C29 K5F Q . -7.71 3.57 -24.39
ZN ZN R . 18.85 -6.91 6.36
MG MG S . 17.17 -4.26 8.33
PR PR T . 21.32 -10.98 36.69
PR PR U . 4.49 -21.97 30.37
PR PR V . 1.28 -24.07 29.16
C5 K5F W . 21.87 -0.21 -2.11
C7 K5F W . 20.83 -0.58 0.88
C8 K5F W . 20.77 5.16 -5.54
C13 K5F W . 21.29 5.71 -4.41
C17 K5F W . 22.20 3.45 -1.61
C21 K5F W . 20.34 5.93 -6.71
C22 K5F W . 23.18 -2.95 -2.85
C24 K5F W . 19.18 -2.21 1.52
C26 K5F W . 20.65 7.29 -6.77
C28 K5F W . 19.13 6.09 -8.80
C1 K5F W . 21.50 -1.57 0.03
C2 K5F W . 21.99 -1.41 -1.26
C3 K5F W . 21.21 3.49 -4.17
N4 K5F W . 20.72 3.85 -5.39
N6 K5F W . 21.58 4.65 -3.53
C9 K5F W . 21.33 2.23 -3.55
N10 K5F W . 22.55 -2.59 -1.59
N11 K5F W . 22.46 -3.47 -0.50
C12 K5F W . 21.87 -2.83 0.45
C14 K5F W . 21.87 2.21 -2.25
N15 K5F W . 21.96 1.01 -1.55
C16 K5F W . 22.09 4.64 -2.23
N18 K5F W . 19.77 -0.88 1.58
O19 K5F W . 21.70 -0.37 -3.32
O20 K5F W . 21.33 0.55 1.02
C23 K5F W . 19.17 0.11 2.52
C25 K5F W . 19.57 5.38 -7.68
C27 K5F W . 20.21 8.02 -7.87
C29 K5F W . 19.44 7.43 -8.88
ZN ZN X . -7.71 42.08 14.01
MG MG Y . -7.56 44.64 10.92
C5 K5F Z . -17.33 37.34 10.28
C7 K5F Z . -14.73 39.08 9.74
C8 K5F Z . -22.82 37.71 6.92
C13 K5F Z . -21.91 37.67 5.92
C17 K5F Z . -18.32 37.49 6.76
C21 K5F Z . -24.30 37.88 6.72
C22 K5F Z . -16.73 35.58 12.80
C24 K5F Z . -13.90 40.70 11.40
C26 K5F Z . -24.87 37.83 5.42
C28 K5F Z . -26.50 38.49 7.60
C1 K5F Z . -14.96 38.09 10.82
C2 K5F Z . -16.10 37.29 11.05
C3 K5F Z . -20.83 37.64 7.87
N4 K5F Z . -22.15 37.72 8.09
N6 K5F Z . -20.67 37.59 6.51
C9 K5F Z . -19.69 37.55 8.75
N10 K5F Z . -15.84 36.54 12.13
N11 K5F Z . -14.54 36.85 12.59
C12 K5F Z . -14.03 37.73 11.77
C14 K5F Z . -18.45 37.50 8.19
N15 K5F Z . -17.26 37.47 8.95
C16 K5F Z . -19.42 37.50 5.96
N18 K5F Z . -14.20 40.32 10.01
O19 K5F Z . -18.43 37.20 10.88
O20 K5F Z . -14.97 38.84 8.58
C23 K5F Z . -13.95 41.27 8.88
C25 K5F Z . -25.13 38.26 7.79
C27 K5F Z . -26.24 38.05 5.25
C29 K5F Z . -27.05 38.39 6.31
#